data_8QXP
# 
_entry.id   8QXP 
# 
_audit_conform.dict_name       mmcif_pdbx.dic 
_audit_conform.dict_version    5.383 
_audit_conform.dict_location   http://mmcif.pdb.org/dictionaries/ascii/mmcif_pdbx.dic 
# 
loop_
_database_2.database_id 
_database_2.database_code 
_database_2.pdbx_database_accession 
_database_2.pdbx_DOI 
PDB   8QXP         pdb_00008qxp 10.2210/pdb8qxp/pdb 
WWPDB D_1292134152 ?            ?                   
# 
_pdbx_audit_revision_history.ordinal             1 
_pdbx_audit_revision_history.data_content_type   'Structure model' 
_pdbx_audit_revision_history.major_revision      1 
_pdbx_audit_revision_history.minor_revision      0 
_pdbx_audit_revision_history.revision_date       2024-01-24 
# 
_pdbx_audit_revision_details.ordinal             1 
_pdbx_audit_revision_details.revision_ordinal    1 
_pdbx_audit_revision_details.data_content_type   'Structure model' 
_pdbx_audit_revision_details.provider            repository 
_pdbx_audit_revision_details.type                'Initial release' 
_pdbx_audit_revision_details.description         ? 
_pdbx_audit_revision_details.details             ? 
# 
_pdbx_database_status.status_code                     REL 
_pdbx_database_status.status_code_sf                  REL 
_pdbx_database_status.status_code_mr                  ? 
_pdbx_database_status.entry_id                        8QXP 
_pdbx_database_status.recvd_initial_deposition_date   2023-10-24 
_pdbx_database_status.SG_entry                        N 
_pdbx_database_status.deposit_site                    PDBE 
_pdbx_database_status.process_site                    PDBE 
_pdbx_database_status.status_code_cs                  ? 
_pdbx_database_status.status_code_nmr_data            ? 
_pdbx_database_status.methods_development_category    ? 
_pdbx_database_status.pdb_format_compatible           Y 
# 
_pdbx_contact_author.id                 2 
_pdbx_contact_author.email              kbeis@imperial.ac.uk 
_pdbx_contact_author.name_first         Konstantinos 
_pdbx_contact_author.name_last          Beis 
_pdbx_contact_author.name_mi            ? 
_pdbx_contact_author.role               'principal investigator/group leader' 
_pdbx_contact_author.identifier_ORCID   0000-0001-5727-4721 
# 
loop_
_audit_author.name 
_audit_author.pdbx_ordinal 
_audit_author.identifier_ORCID 
'Seddon, C.' 1 ? 
'Beis, K.'   2 ? 
# 
_citation.abstract                  ? 
_citation.abstract_id_CAS           ? 
_citation.book_id_ISBN              ? 
_citation.book_publisher            ? 
_citation.book_publisher_city       ? 
_citation.book_title                ? 
_citation.coordinate_linkage        ? 
_citation.country                   US 
_citation.database_id_Medline       ? 
_citation.details                   ? 
_citation.id                        primary 
_citation.journal_abbrev            'Acta Crystallogr.,Sect.F' 
_citation.journal_id_ASTM           ACSFEN 
_citation.journal_id_CSD            ? 
_citation.journal_id_ISSN           2053-230X 
_citation.journal_full              ? 
_citation.journal_issue             ? 
_citation.journal_volume            80 
_citation.language                  ? 
_citation.page_first                22 
_citation.page_last                 27 
_citation.title                     'Structure of the outer membrane porin OmpW from the pervasive pathogen Klebsiella pneumoniae.' 
_citation.year                      2024 
_citation.database_id_CSD           ? 
_citation.pdbx_database_id_DOI      10.1107/S2053230X23010579 
_citation.pdbx_database_id_PubMed   38206593 
_citation.pdbx_database_id_patent   ? 
_citation.unpublished_flag          ? 
# 
loop_
_citation_author.citation_id 
_citation_author.name 
_citation_author.ordinal 
_citation_author.identifier_ORCID 
primary 'Seddon, C.'  1 ? 
primary 'Frankel, G.' 2 ? 
primary 'Beis, K.'    3 ? 
# 
loop_
_entity.id 
_entity.type 
_entity.src_method 
_entity.pdbx_description 
_entity.formula_weight 
_entity.pdbx_number_of_molecules 
_entity.pdbx_ec 
_entity.pdbx_mutation 
_entity.pdbx_fragment 
_entity.details 
1 polymer     man 'OmpW protein' 20778.207 1 ? ? ? 'sequence of mature protein' 
2 non-polymer syn 'SULFATE ION'  96.063    2 ? ? ? ?                            
# 
_entity_name_com.entity_id   1 
_entity_name_com.name        'Outer membrane protein OmpW' 
# 
_entity_poly.entity_id                      1 
_entity_poly.type                           'polypeptide(L)' 
_entity_poly.nstd_linkage                   no 
_entity_poly.nstd_monomer                   no 
_entity_poly.pdbx_seq_one_letter_code       
;EAGEFFIRAGTATVRPTEGSDNVLGSLGSFNVSNNTQLGLTFTYMATDNIGVELLAATPFRHKVGTGPTGTIATVHQLPP
TLMAQWYFGDAQSKVRPYVGAGINYTTFFNEDFNDTGKAAGLSDLSLKDSWGAAGQVGLDYLINRDWLLNMSVWYMDIDT
DVKFKAGGVDQKVSTRLDPWVFMFSAGYRF
;
_entity_poly.pdbx_seq_one_letter_code_can   
;EAGEFFIRAGTATVRPTEGSDNVLGSLGSFNVSNNTQLGLTFTYMATDNIGVELLAATPFRHKVGTGPTGTIATVHQLPP
TLMAQWYFGDAQSKVRPYVGAGINYTTFFNEDFNDTGKAAGLSDLSLKDSWGAAGQVGLDYLINRDWLLNMSVWYMDIDT
DVKFKAGGVDQKVSTRLDPWVFMFSAGYRF
;
_entity_poly.pdbx_strand_id                 A 
_entity_poly.pdbx_target_identifier         ? 
# 
_pdbx_entity_nonpoly.entity_id   2 
_pdbx_entity_nonpoly.name        'SULFATE ION' 
_pdbx_entity_nonpoly.comp_id     SO4 
# 
loop_
_entity_poly_seq.entity_id 
_entity_poly_seq.num 
_entity_poly_seq.mon_id 
_entity_poly_seq.hetero 
1 1   GLU n 
1 2   ALA n 
1 3   GLY n 
1 4   GLU n 
1 5   PHE n 
1 6   PHE n 
1 7   ILE n 
1 8   ARG n 
1 9   ALA n 
1 10  GLY n 
1 11  THR n 
1 12  ALA n 
1 13  THR n 
1 14  VAL n 
1 15  ARG n 
1 16  PRO n 
1 17  THR n 
1 18  GLU n 
1 19  GLY n 
1 20  SER n 
1 21  ASP n 
1 22  ASN n 
1 23  VAL n 
1 24  LEU n 
1 25  GLY n 
1 26  SER n 
1 27  LEU n 
1 28  GLY n 
1 29  SER n 
1 30  PHE n 
1 31  ASN n 
1 32  VAL n 
1 33  SER n 
1 34  ASN n 
1 35  ASN n 
1 36  THR n 
1 37  GLN n 
1 38  LEU n 
1 39  GLY n 
1 40  LEU n 
1 41  THR n 
1 42  PHE n 
1 43  THR n 
1 44  TYR n 
1 45  MET n 
1 46  ALA n 
1 47  THR n 
1 48  ASP n 
1 49  ASN n 
1 50  ILE n 
1 51  GLY n 
1 52  VAL n 
1 53  GLU n 
1 54  LEU n 
1 55  LEU n 
1 56  ALA n 
1 57  ALA n 
1 58  THR n 
1 59  PRO n 
1 60  PHE n 
1 61  ARG n 
1 62  HIS n 
1 63  LYS n 
1 64  VAL n 
1 65  GLY n 
1 66  THR n 
1 67  GLY n 
1 68  PRO n 
1 69  THR n 
1 70  GLY n 
1 71  THR n 
1 72  ILE n 
1 73  ALA n 
1 74  THR n 
1 75  VAL n 
1 76  HIS n 
1 77  GLN n 
1 78  LEU n 
1 79  PRO n 
1 80  PRO n 
1 81  THR n 
1 82  LEU n 
1 83  MET n 
1 84  ALA n 
1 85  GLN n 
1 86  TRP n 
1 87  TYR n 
1 88  PHE n 
1 89  GLY n 
1 90  ASP n 
1 91  ALA n 
1 92  GLN n 
1 93  SER n 
1 94  LYS n 
1 95  VAL n 
1 96  ARG n 
1 97  PRO n 
1 98  TYR n 
1 99  VAL n 
1 100 GLY n 
1 101 ALA n 
1 102 GLY n 
1 103 ILE n 
1 104 ASN n 
1 105 TYR n 
1 106 THR n 
1 107 THR n 
1 108 PHE n 
1 109 PHE n 
1 110 ASN n 
1 111 GLU n 
1 112 ASP n 
1 113 PHE n 
1 114 ASN n 
1 115 ASP n 
1 116 THR n 
1 117 GLY n 
1 118 LYS n 
1 119 ALA n 
1 120 ALA n 
1 121 GLY n 
1 122 LEU n 
1 123 SER n 
1 124 ASP n 
1 125 LEU n 
1 126 SER n 
1 127 LEU n 
1 128 LYS n 
1 129 ASP n 
1 130 SER n 
1 131 TRP n 
1 132 GLY n 
1 133 ALA n 
1 134 ALA n 
1 135 GLY n 
1 136 GLN n 
1 137 VAL n 
1 138 GLY n 
1 139 LEU n 
1 140 ASP n 
1 141 TYR n 
1 142 LEU n 
1 143 ILE n 
1 144 ASN n 
1 145 ARG n 
1 146 ASP n 
1 147 TRP n 
1 148 LEU n 
1 149 LEU n 
1 150 ASN n 
1 151 MET n 
1 152 SER n 
1 153 VAL n 
1 154 TRP n 
1 155 TYR n 
1 156 MET n 
1 157 ASP n 
1 158 ILE n 
1 159 ASP n 
1 160 THR n 
1 161 ASP n 
1 162 VAL n 
1 163 LYS n 
1 164 PHE n 
1 165 LYS n 
1 166 ALA n 
1 167 GLY n 
1 168 GLY n 
1 169 VAL n 
1 170 ASP n 
1 171 GLN n 
1 172 LYS n 
1 173 VAL n 
1 174 SER n 
1 175 THR n 
1 176 ARG n 
1 177 LEU n 
1 178 ASP n 
1 179 PRO n 
1 180 TRP n 
1 181 VAL n 
1 182 PHE n 
1 183 MET n 
1 184 PHE n 
1 185 SER n 
1 186 ALA n 
1 187 GLY n 
1 188 TYR n 
1 189 ARG n 
1 190 PHE n 
# 
_entity_src_gen.entity_id                          1 
_entity_src_gen.pdbx_src_id                        1 
_entity_src_gen.pdbx_alt_source_flag               sample 
_entity_src_gen.pdbx_seq_type                      'Biological sequence' 
_entity_src_gen.pdbx_beg_seq_num                   1 
_entity_src_gen.pdbx_end_seq_num                   190 
_entity_src_gen.gene_src_common_name               ? 
_entity_src_gen.gene_src_genus                     ? 
_entity_src_gen.pdbx_gene_src_gene                 'ompW, BN49_2384, KPZU09_20550' 
_entity_src_gen.gene_src_species                   ? 
_entity_src_gen.gene_src_strain                    ? 
_entity_src_gen.gene_src_tissue                    ? 
_entity_src_gen.gene_src_tissue_fraction           ? 
_entity_src_gen.gene_src_details                   ? 
_entity_src_gen.pdbx_gene_src_fragment             ? 
_entity_src_gen.pdbx_gene_src_scientific_name      'Klebsiella pneumoniae' 
_entity_src_gen.pdbx_gene_src_ncbi_taxonomy_id     573 
_entity_src_gen.pdbx_gene_src_variant              ? 
_entity_src_gen.pdbx_gene_src_cell_line            ? 
_entity_src_gen.pdbx_gene_src_atcc                 ? 
_entity_src_gen.pdbx_gene_src_organ                ? 
_entity_src_gen.pdbx_gene_src_organelle            ? 
_entity_src_gen.pdbx_gene_src_cell                 ? 
_entity_src_gen.pdbx_gene_src_cellular_location    ? 
_entity_src_gen.host_org_common_name               ? 
_entity_src_gen.pdbx_host_org_scientific_name      'Escherichia coli' 
_entity_src_gen.pdbx_host_org_ncbi_taxonomy_id     562 
_entity_src_gen.host_org_genus                     ? 
_entity_src_gen.pdbx_host_org_gene                 ? 
_entity_src_gen.pdbx_host_org_organ                ? 
_entity_src_gen.host_org_species                   ? 
_entity_src_gen.pdbx_host_org_tissue               ? 
_entity_src_gen.pdbx_host_org_tissue_fraction      ? 
_entity_src_gen.pdbx_host_org_strain               ? 
_entity_src_gen.pdbx_host_org_variant              ? 
_entity_src_gen.pdbx_host_org_cell_line            ? 
_entity_src_gen.pdbx_host_org_atcc                 ? 
_entity_src_gen.pdbx_host_org_culture_collection   ? 
_entity_src_gen.pdbx_host_org_cell                 ? 
_entity_src_gen.pdbx_host_org_organelle            ? 
_entity_src_gen.pdbx_host_org_cellular_location    ? 
_entity_src_gen.pdbx_host_org_vector_type          ? 
_entity_src_gen.pdbx_host_org_vector               ? 
_entity_src_gen.host_org_details                   ? 
_entity_src_gen.expression_system_id               ? 
_entity_src_gen.plasmid_name                       ? 
_entity_src_gen.plasmid_details                    ? 
_entity_src_gen.pdbx_description                   ? 
# 
loop_
_chem_comp.id 
_chem_comp.type 
_chem_comp.mon_nstd_flag 
_chem_comp.name 
_chem_comp.pdbx_synonyms 
_chem_comp.formula 
_chem_comp.formula_weight 
ALA 'L-peptide linking' y ALANINE         ? 'C3 H7 N O2'     89.093  
ARG 'L-peptide linking' y ARGININE        ? 'C6 H15 N4 O2 1' 175.209 
ASN 'L-peptide linking' y ASPARAGINE      ? 'C4 H8 N2 O3'    132.118 
ASP 'L-peptide linking' y 'ASPARTIC ACID' ? 'C4 H7 N O4'     133.103 
GLN 'L-peptide linking' y GLUTAMINE       ? 'C5 H10 N2 O3'   146.144 
GLU 'L-peptide linking' y 'GLUTAMIC ACID' ? 'C5 H9 N O4'     147.129 
GLY 'peptide linking'   y GLYCINE         ? 'C2 H5 N O2'     75.067  
HIS 'L-peptide linking' y HISTIDINE       ? 'C6 H10 N3 O2 1' 156.162 
ILE 'L-peptide linking' y ISOLEUCINE      ? 'C6 H13 N O2'    131.173 
LEU 'L-peptide linking' y LEUCINE         ? 'C6 H13 N O2'    131.173 
LYS 'L-peptide linking' y LYSINE          ? 'C6 H15 N2 O2 1' 147.195 
MET 'L-peptide linking' y METHIONINE      ? 'C5 H11 N O2 S'  149.211 
PHE 'L-peptide linking' y PHENYLALANINE   ? 'C9 H11 N O2'    165.189 
PRO 'L-peptide linking' y PROLINE         ? 'C5 H9 N O2'     115.130 
SER 'L-peptide linking' y SERINE          ? 'C3 H7 N O3'     105.093 
SO4 non-polymer         . 'SULFATE ION'   ? 'O4 S -2'        96.063  
THR 'L-peptide linking' y THREONINE       ? 'C4 H9 N O3'     119.119 
TRP 'L-peptide linking' y TRYPTOPHAN      ? 'C11 H12 N2 O2'  204.225 
TYR 'L-peptide linking' y TYROSINE        ? 'C9 H11 N O3'    181.189 
VAL 'L-peptide linking' y VALINE          ? 'C5 H11 N O2'    117.146 
# 
loop_
_pdbx_poly_seq_scheme.asym_id 
_pdbx_poly_seq_scheme.entity_id 
_pdbx_poly_seq_scheme.seq_id 
_pdbx_poly_seq_scheme.mon_id 
_pdbx_poly_seq_scheme.ndb_seq_num 
_pdbx_poly_seq_scheme.pdb_seq_num 
_pdbx_poly_seq_scheme.auth_seq_num 
_pdbx_poly_seq_scheme.pdb_mon_id 
_pdbx_poly_seq_scheme.auth_mon_id 
_pdbx_poly_seq_scheme.pdb_strand_id 
_pdbx_poly_seq_scheme.pdb_ins_code 
_pdbx_poly_seq_scheme.hetero 
A 1 1   GLU 1   35  35  GLU GLU A . n 
A 1 2   ALA 2   36  36  ALA ALA A . n 
A 1 3   GLY 3   37  37  GLY GLY A . n 
A 1 4   GLU 4   38  38  GLU GLU A . n 
A 1 5   PHE 5   39  39  PHE PHE A . n 
A 1 6   PHE 6   40  40  PHE PHE A . n 
A 1 7   ILE 7   41  41  ILE ILE A . n 
A 1 8   ARG 8   42  42  ARG ARG A . n 
A 1 9   ALA 9   43  43  ALA ALA A . n 
A 1 10  GLY 10  44  44  GLY GLY A . n 
A 1 11  THR 11  45  45  THR THR A . n 
A 1 12  ALA 12  46  46  ALA ALA A . n 
A 1 13  THR 13  47  47  THR THR A . n 
A 1 14  VAL 14  48  48  VAL VAL A . n 
A 1 15  ARG 15  49  49  ARG ARG A . n 
A 1 16  PRO 16  50  50  PRO PRO A . n 
A 1 17  THR 17  51  51  THR THR A . n 
A 1 18  GLU 18  52  52  GLU GLU A . n 
A 1 19  GLY 19  53  ?   ?   ?   A . n 
A 1 20  SER 20  54  ?   ?   ?   A . n 
A 1 21  ASP 21  55  ?   ?   ?   A . n 
A 1 22  ASN 22  56  ?   ?   ?   A . n 
A 1 23  VAL 23  57  ?   ?   ?   A . n 
A 1 24  LEU 24  58  ?   ?   ?   A . n 
A 1 25  GLY 25  59  ?   ?   ?   A . n 
A 1 26  SER 26  60  ?   ?   ?   A . n 
A 1 27  LEU 27  61  ?   ?   ?   A . n 
A 1 28  GLY 28  62  ?   ?   ?   A . n 
A 1 29  SER 29  63  ?   ?   ?   A . n 
A 1 30  PHE 30  64  ?   ?   ?   A . n 
A 1 31  ASN 31  65  65  ASN ASN A . n 
A 1 32  VAL 32  66  66  VAL VAL A . n 
A 1 33  SER 33  67  67  SER SER A . n 
A 1 34  ASN 34  68  68  ASN ASN A . n 
A 1 35  ASN 35  69  69  ASN ASN A . n 
A 1 36  THR 36  70  70  THR THR A . n 
A 1 37  GLN 37  71  71  GLN GLN A . n 
A 1 38  LEU 38  72  72  LEU LEU A . n 
A 1 39  GLY 39  73  73  GLY GLY A . n 
A 1 40  LEU 40  74  74  LEU LEU A . n 
A 1 41  THR 41  75  75  THR THR A . n 
A 1 42  PHE 42  76  76  PHE PHE A . n 
A 1 43  THR 43  77  77  THR THR A . n 
A 1 44  TYR 44  78  78  TYR TYR A . n 
A 1 45  MET 45  79  79  MET MET A . n 
A 1 46  ALA 46  80  80  ALA ALA A . n 
A 1 47  THR 47  81  81  THR THR A . n 
A 1 48  ASP 48  82  82  ASP ASP A . n 
A 1 49  ASN 49  83  83  ASN ASN A . n 
A 1 50  ILE 50  84  84  ILE ILE A . n 
A 1 51  GLY 51  85  85  GLY GLY A . n 
A 1 52  VAL 52  86  86  VAL VAL A . n 
A 1 53  GLU 53  87  87  GLU GLU A . n 
A 1 54  LEU 54  88  88  LEU LEU A . n 
A 1 55  LEU 55  89  89  LEU LEU A . n 
A 1 56  ALA 56  90  90  ALA ALA A . n 
A 1 57  ALA 57  91  91  ALA ALA A . n 
A 1 58  THR 58  92  92  THR THR A . n 
A 1 59  PRO 59  93  93  PRO PRO A . n 
A 1 60  PHE 60  94  94  PHE PHE A . n 
A 1 61  ARG 61  95  95  ARG ARG A . n 
A 1 62  HIS 62  96  96  HIS HIS A . n 
A 1 63  LYS 63  97  97  LYS LYS A . n 
A 1 64  VAL 64  98  98  VAL VAL A . n 
A 1 65  GLY 65  99  99  GLY GLY A . n 
A 1 66  THR 66  100 100 THR THR A . n 
A 1 67  GLY 67  101 101 GLY GLY A . n 
A 1 68  PRO 68  102 102 PRO PRO A . n 
A 1 69  THR 69  103 103 THR THR A . n 
A 1 70  GLY 70  104 104 GLY GLY A . n 
A 1 71  THR 71  105 105 THR THR A . n 
A 1 72  ILE 72  106 106 ILE ILE A . n 
A 1 73  ALA 73  107 107 ALA ALA A . n 
A 1 74  THR 74  108 108 THR THR A . n 
A 1 75  VAL 75  109 109 VAL VAL A . n 
A 1 76  HIS 76  110 110 HIS HIS A . n 
A 1 77  GLN 77  111 111 GLN GLN A . n 
A 1 78  LEU 78  112 112 LEU LEU A . n 
A 1 79  PRO 79  113 113 PRO PRO A . n 
A 1 80  PRO 80  114 114 PRO PRO A . n 
A 1 81  THR 81  115 115 THR THR A . n 
A 1 82  LEU 82  116 116 LEU LEU A . n 
A 1 83  MET 83  117 117 MET MET A . n 
A 1 84  ALA 84  118 118 ALA ALA A . n 
A 1 85  GLN 85  119 119 GLN GLN A . n 
A 1 86  TRP 86  120 120 TRP TRP A . n 
A 1 87  TYR 87  121 121 TYR TYR A . n 
A 1 88  PHE 88  122 122 PHE PHE A . n 
A 1 89  GLY 89  123 123 GLY GLY A . n 
A 1 90  ASP 90  124 124 ASP ASP A . n 
A 1 91  ALA 91  125 125 ALA ALA A . n 
A 1 92  GLN 92  126 126 GLN GLN A . n 
A 1 93  SER 93  127 127 SER SER A . n 
A 1 94  LYS 94  128 128 LYS LYS A . n 
A 1 95  VAL 95  129 129 VAL VAL A . n 
A 1 96  ARG 96  130 130 ARG ARG A . n 
A 1 97  PRO 97  131 131 PRO PRO A . n 
A 1 98  TYR 98  132 132 TYR TYR A . n 
A 1 99  VAL 99  133 133 VAL VAL A . n 
A 1 100 GLY 100 134 134 GLY GLY A . n 
A 1 101 ALA 101 135 135 ALA ALA A . n 
A 1 102 GLY 102 136 136 GLY GLY A . n 
A 1 103 ILE 103 137 137 ILE ILE A . n 
A 1 104 ASN 104 138 138 ASN ASN A . n 
A 1 105 TYR 105 139 139 TYR TYR A . n 
A 1 106 THR 106 140 140 THR THR A . n 
A 1 107 THR 107 141 141 THR THR A . n 
A 1 108 PHE 108 142 142 PHE PHE A . n 
A 1 109 PHE 109 143 143 PHE PHE A . n 
A 1 110 ASN 110 144 144 ASN ASN A . n 
A 1 111 GLU 111 145 145 GLU GLU A . n 
A 1 112 ASP 112 146 146 ASP ASP A . n 
A 1 113 PHE 113 147 147 PHE PHE A . n 
A 1 114 ASN 114 148 148 ASN ASN A . n 
A 1 115 ASP 115 149 149 ASP ASP A . n 
A 1 116 THR 116 150 150 THR THR A . n 
A 1 117 GLY 117 151 151 GLY GLY A . n 
A 1 118 LYS 118 152 152 LYS LYS A . n 
A 1 119 ALA 119 153 153 ALA ALA A . n 
A 1 120 ALA 120 154 154 ALA ALA A . n 
A 1 121 GLY 121 155 155 GLY GLY A . n 
A 1 122 LEU 122 156 156 LEU LEU A . n 
A 1 123 SER 123 157 157 SER SER A . n 
A 1 124 ASP 124 158 158 ASP ASP A . n 
A 1 125 LEU 125 159 159 LEU LEU A . n 
A 1 126 SER 126 160 160 SER SER A . n 
A 1 127 LEU 127 161 161 LEU LEU A . n 
A 1 128 LYS 128 162 162 LYS LYS A . n 
A 1 129 ASP 129 163 163 ASP ASP A . n 
A 1 130 SER 130 164 164 SER SER A . n 
A 1 131 TRP 131 165 165 TRP TRP A . n 
A 1 132 GLY 132 166 166 GLY GLY A . n 
A 1 133 ALA 133 167 167 ALA ALA A . n 
A 1 134 ALA 134 168 168 ALA ALA A . n 
A 1 135 GLY 135 169 169 GLY GLY A . n 
A 1 136 GLN 136 170 170 GLN GLN A . n 
A 1 137 VAL 137 171 171 VAL VAL A . n 
A 1 138 GLY 138 172 172 GLY GLY A . n 
A 1 139 LEU 139 173 173 LEU LEU A . n 
A 1 140 ASP 140 174 174 ASP ASP A . n 
A 1 141 TYR 141 175 175 TYR TYR A . n 
A 1 142 LEU 142 176 176 LEU LEU A . n 
A 1 143 ILE 143 177 177 ILE ILE A . n 
A 1 144 ASN 144 178 178 ASN ASN A . n 
A 1 145 ARG 145 179 179 ARG ARG A . n 
A 1 146 ASP 146 180 180 ASP ASP A . n 
A 1 147 TRP 147 181 181 TRP TRP A . n 
A 1 148 LEU 148 182 182 LEU LEU A . n 
A 1 149 LEU 149 183 183 LEU LEU A . n 
A 1 150 ASN 150 184 184 ASN ASN A . n 
A 1 151 MET 151 185 185 MET MET A . n 
A 1 152 SER 152 186 186 SER SER A . n 
A 1 153 VAL 153 187 187 VAL VAL A . n 
A 1 154 TRP 154 188 188 TRP TRP A . n 
A 1 155 TYR 155 189 189 TYR TYR A . n 
A 1 156 MET 156 190 190 MET MET A . n 
A 1 157 ASP 157 191 191 ASP ASP A . n 
A 1 158 ILE 158 192 192 ILE ILE A . n 
A 1 159 ASP 159 193 193 ASP ASP A . n 
A 1 160 THR 160 194 194 THR THR A . n 
A 1 161 ASP 161 195 195 ASP ASP A . n 
A 1 162 VAL 162 196 196 VAL VAL A . n 
A 1 163 LYS 163 197 197 LYS LYS A . n 
A 1 164 PHE 164 198 198 PHE PHE A . n 
A 1 165 LYS 165 199 199 LYS LYS A . n 
A 1 166 ALA 166 200 200 ALA ALA A . n 
A 1 167 GLY 167 201 201 GLY GLY A . n 
A 1 168 GLY 168 202 202 GLY GLY A . n 
A 1 169 VAL 169 203 203 VAL VAL A . n 
A 1 170 ASP 170 204 204 ASP ASP A . n 
A 1 171 GLN 171 205 205 GLN GLN A . n 
A 1 172 LYS 172 206 206 LYS LYS A . n 
A 1 173 VAL 173 207 207 VAL VAL A . n 
A 1 174 SER 174 208 208 SER SER A . n 
A 1 175 THR 175 209 209 THR THR A . n 
A 1 176 ARG 176 210 210 ARG ARG A . n 
A 1 177 LEU 177 211 211 LEU LEU A . n 
A 1 178 ASP 178 212 212 ASP ASP A . n 
A 1 179 PRO 179 213 213 PRO PRO A . n 
A 1 180 TRP 180 214 214 TRP TRP A . n 
A 1 181 VAL 181 215 215 VAL VAL A . n 
A 1 182 PHE 182 216 216 PHE PHE A . n 
A 1 183 MET 183 217 217 MET MET A . n 
A 1 184 PHE 184 218 218 PHE PHE A . n 
A 1 185 SER 185 219 219 SER SER A . n 
A 1 186 ALA 186 220 220 ALA ALA A . n 
A 1 187 GLY 187 221 221 GLY GLY A . n 
A 1 188 TYR 188 222 222 TYR TYR A . n 
A 1 189 ARG 189 223 223 ARG ARG A . n 
A 1 190 PHE 190 224 224 PHE PHE A . n 
# 
loop_
_pdbx_nonpoly_scheme.asym_id 
_pdbx_nonpoly_scheme.entity_id 
_pdbx_nonpoly_scheme.mon_id 
_pdbx_nonpoly_scheme.ndb_seq_num 
_pdbx_nonpoly_scheme.pdb_seq_num 
_pdbx_nonpoly_scheme.auth_seq_num 
_pdbx_nonpoly_scheme.pdb_mon_id 
_pdbx_nonpoly_scheme.auth_mon_id 
_pdbx_nonpoly_scheme.pdb_strand_id 
_pdbx_nonpoly_scheme.pdb_ins_code 
B 2 SO4 1 301 1 SO4 SO4 A . 
C 2 SO4 1 302 2 SO4 SO4 A . 
# 
loop_
_software.citation_id 
_software.classification 
_software.compiler_name 
_software.compiler_version 
_software.contact_author 
_software.contact_author_email 
_software.date 
_software.description 
_software.dependencies 
_software.hardware 
_software.language 
_software.location 
_software.mods 
_software.name 
_software.os 
_software.os_version 
_software.type 
_software.version 
_software.pdbx_ordinal 
? refinement       ? ? ? ? ? ? ? ? ? ? ? PHENIX  ? ? ? '(1.18.2_3874: ???)' 1 
? 'data reduction' ? ? ? ? ? ? ? ? ? ? ? DIALS   ? ? ? .                    2 
? 'data scaling'   ? ? ? ? ? ? ? ? ? ? ? Aimless ? ? ? .                    3 
? phasing          ? ? ? ? ? ? ? ? ? ? ? PHENIX  ? ? ? .                    4 
# 
_cell.angle_alpha                  90.00 
_cell.angle_alpha_esd              ? 
_cell.angle_beta                   90.00 
_cell.angle_beta_esd               ? 
_cell.angle_gamma                  90.00 
_cell.angle_gamma_esd              ? 
_cell.entry_id                     8QXP 
_cell.details                      ? 
_cell.formula_units_Z              ? 
_cell.length_a                     87.928 
_cell.length_a_esd                 ? 
_cell.length_b                     138.636 
_cell.length_b_esd                 ? 
_cell.length_c                     52.968 
_cell.length_c_esd                 ? 
_cell.volume                       ? 
_cell.volume_esd                   ? 
_cell.Z_PDB                        8 
_cell.reciprocal_angle_alpha       ? 
_cell.reciprocal_angle_beta        ? 
_cell.reciprocal_angle_gamma       ? 
_cell.reciprocal_angle_alpha_esd   ? 
_cell.reciprocal_angle_beta_esd    ? 
_cell.reciprocal_angle_gamma_esd   ? 
_cell.reciprocal_length_a          ? 
_cell.reciprocal_length_b          ? 
_cell.reciprocal_length_c          ? 
_cell.reciprocal_length_a_esd      ? 
_cell.reciprocal_length_b_esd      ? 
_cell.reciprocal_length_c_esd      ? 
_cell.pdbx_unique_axis             ? 
_cell.pdbx_esd_method              ? 
# 
_symmetry.entry_id                         8QXP 
_symmetry.cell_setting                     ? 
_symmetry.Int_Tables_number                21 
_symmetry.space_group_name_Hall            ? 
_symmetry.space_group_name_H-M             'C 2 2 2' 
_symmetry.pdbx_full_space_group_name_H-M   ? 
# 
_exptl.absorpt_coefficient_mu     ? 
_exptl.absorpt_correction_T_max   ? 
_exptl.absorpt_correction_T_min   ? 
_exptl.absorpt_correction_type    ? 
_exptl.absorpt_process_details    ? 
_exptl.entry_id                   8QXP 
_exptl.crystals_number            1 
_exptl.details                    ? 
_exptl.method                     'X-RAY DIFFRACTION' 
_exptl.method_details             ? 
# 
_exptl_crystal.colour                       ? 
_exptl_crystal.density_diffrn               ? 
_exptl_crystal.density_Matthews             4.11 
_exptl_crystal.density_method               ? 
_exptl_crystal.density_percent_sol          70.06 
_exptl_crystal.description                  ? 
_exptl_crystal.F_000                        ? 
_exptl_crystal.id                           1 
_exptl_crystal.preparation                  ? 
_exptl_crystal.size_max                     ? 
_exptl_crystal.size_mid                     ? 
_exptl_crystal.size_min                     ? 
_exptl_crystal.size_rad                     ? 
_exptl_crystal.colour_lustre                ? 
_exptl_crystal.colour_modifier              ? 
_exptl_crystal.colour_primary               ? 
_exptl_crystal.density_meas                 ? 
_exptl_crystal.density_meas_esd             ? 
_exptl_crystal.density_meas_gt              ? 
_exptl_crystal.density_meas_lt              ? 
_exptl_crystal.density_meas_temp            ? 
_exptl_crystal.density_meas_temp_esd        ? 
_exptl_crystal.density_meas_temp_gt         ? 
_exptl_crystal.density_meas_temp_lt         ? 
_exptl_crystal.pdbx_crystal_image_url       ? 
_exptl_crystal.pdbx_crystal_image_format    ? 
_exptl_crystal.pdbx_mosaicity               ? 
_exptl_crystal.pdbx_mosaicity_esd           ? 
_exptl_crystal.pdbx_mosaic_method           ? 
_exptl_crystal.pdbx_mosaic_block_size       ? 
_exptl_crystal.pdbx_mosaic_block_size_esd   ? 
# 
_exptl_crystal_grow.apparatus       ? 
_exptl_crystal_grow.atmosphere      ? 
_exptl_crystal_grow.crystal_id      1 
_exptl_crystal_grow.details         ? 
_exptl_crystal_grow.method          'VAPOR DIFFUSION, HANGING DROP' 
_exptl_crystal_grow.method_ref      ? 
_exptl_crystal_grow.pH              4 
_exptl_crystal_grow.pressure        ? 
_exptl_crystal_grow.pressure_esd    ? 
_exptl_crystal_grow.seeding         ? 
_exptl_crystal_grow.seeding_ref     ? 
_exptl_crystal_grow.temp_details    ? 
_exptl_crystal_grow.temp_esd        ? 
_exptl_crystal_grow.time            ? 
_exptl_crystal_grow.pdbx_details    '0.35 M lithium sulphate, 0.1 M sodium acetate pH 4.0, 11% PEG 600' 
_exptl_crystal_grow.pdbx_pH_range   ? 
_exptl_crystal_grow.temp            293 
# 
_diffrn.ambient_environment              ? 
_diffrn.ambient_temp                     100 
_diffrn.ambient_temp_details             ? 
_diffrn.ambient_temp_esd                 ? 
_diffrn.crystal_id                       1 
_diffrn.crystal_support                  ? 
_diffrn.crystal_treatment                ? 
_diffrn.details                          ? 
_diffrn.id                               1 
_diffrn.ambient_pressure                 ? 
_diffrn.ambient_pressure_esd             ? 
_diffrn.ambient_pressure_gt              ? 
_diffrn.ambient_pressure_lt              ? 
_diffrn.ambient_temp_gt                  ? 
_diffrn.ambient_temp_lt                  ? 
_diffrn.pdbx_serial_crystal_experiment   N 
# 
_diffrn_detector.details                      ? 
_diffrn_detector.detector                     PIXEL 
_diffrn_detector.diffrn_id                    1 
_diffrn_detector.type                         'DECTRIS EIGER X 16M' 
_diffrn_detector.area_resol_mean              ? 
_diffrn_detector.dtime                        ? 
_diffrn_detector.pdbx_frames_total            ? 
_diffrn_detector.pdbx_collection_time_total   ? 
_diffrn_detector.pdbx_collection_date         2021-11-24 
_diffrn_detector.pdbx_frequency               ? 
_diffrn_detector.id                           ? 
_diffrn_detector.number_of_axes               ? 
# 
_diffrn_radiation.collimation                      ? 
_diffrn_radiation.diffrn_id                        1 
_diffrn_radiation.filter_edge                      ? 
_diffrn_radiation.inhomogeneity                    ? 
_diffrn_radiation.monochromator                    ? 
_diffrn_radiation.polarisn_norm                    ? 
_diffrn_radiation.polarisn_ratio                   ? 
_diffrn_radiation.probe                            ? 
_diffrn_radiation.type                             ? 
_diffrn_radiation.xray_symbol                      ? 
_diffrn_radiation.wavelength_id                    1 
_diffrn_radiation.pdbx_monochromatic_or_laue_m_l   M 
_diffrn_radiation.pdbx_wavelength_list             ? 
_diffrn_radiation.pdbx_wavelength                  ? 
_diffrn_radiation.pdbx_diffrn_protocol             'SINGLE WAVELENGTH' 
_diffrn_radiation.pdbx_analyzer                    ? 
_diffrn_radiation.pdbx_scattering_type             x-ray 
# 
_diffrn_radiation_wavelength.id           1 
_diffrn_radiation_wavelength.wavelength   0.9763 
_diffrn_radiation_wavelength.wt           1.0 
# 
_diffrn_source.current                     ? 
_diffrn_source.details                     ? 
_diffrn_source.diffrn_id                   1 
_diffrn_source.power                       ? 
_diffrn_source.size                        ? 
_diffrn_source.source                      SYNCHROTRON 
_diffrn_source.target                      ? 
_diffrn_source.type                        'DIAMOND BEAMLINE I03' 
_diffrn_source.voltage                     ? 
_diffrn_source.take-off_angle              ? 
_diffrn_source.pdbx_wavelength_list        0.9763 
_diffrn_source.pdbx_wavelength             ? 
_diffrn_source.pdbx_synchrotron_beamline   I03 
_diffrn_source.pdbx_synchrotron_site       Diamond 
# 
_reflns.B_iso_Wilson_estimate                          98.04 
_reflns.entry_id                                       8QXP 
_reflns.data_reduction_details                         ? 
_reflns.data_reduction_method                          ? 
_reflns.d_resolution_high                              3.2 
_reflns.d_resolution_low                               52.97 
_reflns.details                                        ? 
_reflns.limit_h_max                                    ? 
_reflns.limit_h_min                                    ? 
_reflns.limit_k_max                                    ? 
_reflns.limit_k_min                                    ? 
_reflns.limit_l_max                                    ? 
_reflns.limit_l_min                                    ? 
_reflns.number_all                                     ? 
_reflns.number_obs                                     5639 
_reflns.observed_criterion                             ? 
_reflns.observed_criterion_F_max                       ? 
_reflns.observed_criterion_F_min                       ? 
_reflns.observed_criterion_I_max                       ? 
_reflns.observed_criterion_I_min                       ? 
_reflns.observed_criterion_sigma_F                     ? 
_reflns.observed_criterion_sigma_I                     ? 
_reflns.percent_possible_obs                           99.84 
_reflns.R_free_details                                 ? 
_reflns.Rmerge_F_all                                   ? 
_reflns.Rmerge_F_obs                                   ? 
_reflns.Friedel_coverage                               ? 
_reflns.number_gt                                      ? 
_reflns.threshold_expression                           ? 
_reflns.pdbx_redundancy                                12.7 
_reflns.pdbx_netI_over_av_sigmaI                       ? 
_reflns.pdbx_netI_over_sigmaI                          64 
_reflns.pdbx_res_netI_over_av_sigmaI_2                 ? 
_reflns.pdbx_res_netI_over_sigmaI_2                    ? 
_reflns.pdbx_chi_squared                               ? 
_reflns.pdbx_scaling_rejects                           ? 
_reflns.pdbx_d_res_high_opt                            ? 
_reflns.pdbx_d_res_low_opt                             ? 
_reflns.pdbx_d_res_opt_method                          ? 
_reflns.phase_calculation_details                      ? 
_reflns.pdbx_Rrim_I_all                                ? 
_reflns.pdbx_Rpim_I_all                                ? 
_reflns.pdbx_d_opt                                     ? 
_reflns.pdbx_number_measured_all                       ? 
_reflns.pdbx_diffrn_id                                 1 
_reflns.pdbx_ordinal                                   1 
_reflns.pdbx_CC_half                                   0.855 
_reflns.pdbx_CC_star                                   ? 
_reflns.pdbx_R_split                                   ? 
_reflns.pdbx_Rmerge_I_obs                              ? 
_reflns.pdbx_Rmerge_I_all                              ? 
_reflns.pdbx_Rsym_value                                ? 
_reflns.pdbx_CC_split_method                           ? 
_reflns.pdbx_aniso_diffraction_limit_axis_1_ortho[1]   ? 
_reflns.pdbx_aniso_diffraction_limit_axis_1_ortho[2]   ? 
_reflns.pdbx_aniso_diffraction_limit_axis_1_ortho[3]   ? 
_reflns.pdbx_aniso_diffraction_limit_axis_2_ortho[1]   ? 
_reflns.pdbx_aniso_diffraction_limit_axis_2_ortho[2]   ? 
_reflns.pdbx_aniso_diffraction_limit_axis_2_ortho[3]   ? 
_reflns.pdbx_aniso_diffraction_limit_axis_3_ortho[1]   ? 
_reflns.pdbx_aniso_diffraction_limit_axis_3_ortho[2]   ? 
_reflns.pdbx_aniso_diffraction_limit_axis_3_ortho[3]   ? 
_reflns.pdbx_aniso_diffraction_limit_1                 ? 
_reflns.pdbx_aniso_diffraction_limit_2                 ? 
_reflns.pdbx_aniso_diffraction_limit_3                 ? 
_reflns.pdbx_aniso_B_tensor_eigenvector_1_ortho[1]     ? 
_reflns.pdbx_aniso_B_tensor_eigenvector_1_ortho[2]     ? 
_reflns.pdbx_aniso_B_tensor_eigenvector_1_ortho[3]     ? 
_reflns.pdbx_aniso_B_tensor_eigenvector_2_ortho[1]     ? 
_reflns.pdbx_aniso_B_tensor_eigenvector_2_ortho[2]     ? 
_reflns.pdbx_aniso_B_tensor_eigenvector_2_ortho[3]     ? 
_reflns.pdbx_aniso_B_tensor_eigenvector_3_ortho[1]     ? 
_reflns.pdbx_aniso_B_tensor_eigenvector_3_ortho[2]     ? 
_reflns.pdbx_aniso_B_tensor_eigenvector_3_ortho[3]     ? 
_reflns.pdbx_aniso_B_tensor_eigenvalue_1               ? 
_reflns.pdbx_aniso_B_tensor_eigenvalue_2               ? 
_reflns.pdbx_aniso_B_tensor_eigenvalue_3               ? 
_reflns.pdbx_orthogonalization_convention              ? 
_reflns.pdbx_percent_possible_ellipsoidal              ? 
_reflns.pdbx_percent_possible_spherical                ? 
_reflns.pdbx_percent_possible_ellipsoidal_anomalous    ? 
_reflns.pdbx_percent_possible_spherical_anomalous      ? 
_reflns.pdbx_redundancy_anomalous                      ? 
_reflns.pdbx_CC_half_anomalous                         ? 
_reflns.pdbx_absDiff_over_sigma_anomalous              ? 
_reflns.pdbx_percent_possible_anomalous                ? 
_reflns.pdbx_observed_signal_threshold                 ? 
_reflns.pdbx_signal_type                               ? 
_reflns.pdbx_signal_details                            ? 
_reflns.pdbx_signal_software_id                        ? 
# 
_reflns_shell.d_res_high                                    3.2 
_reflns_shell.d_res_low                                     3.315 
_reflns_shell.meanI_over_sigI_all                           ? 
_reflns_shell.meanI_over_sigI_obs                           ? 
_reflns_shell.number_measured_all                           ? 
_reflns_shell.number_measured_obs                           ? 
_reflns_shell.number_possible                               ? 
_reflns_shell.number_unique_all                             ? 
_reflns_shell.number_unique_obs                             560 
_reflns_shell.percent_possible_obs                          ? 
_reflns_shell.Rmerge_F_all                                  ? 
_reflns_shell.Rmerge_F_obs                                  ? 
_reflns_shell.meanI_over_sigI_gt                            ? 
_reflns_shell.meanI_over_uI_all                             ? 
_reflns_shell.meanI_over_uI_gt                              ? 
_reflns_shell.number_measured_gt                            ? 
_reflns_shell.number_unique_gt                              ? 
_reflns_shell.percent_possible_gt                           ? 
_reflns_shell.Rmerge_F_gt                                   ? 
_reflns_shell.Rmerge_I_gt                                   ? 
_reflns_shell.pdbx_redundancy                               ? 
_reflns_shell.pdbx_chi_squared                              ? 
_reflns_shell.pdbx_netI_over_sigmaI_all                     ? 
_reflns_shell.pdbx_netI_over_sigmaI_obs                     ? 
_reflns_shell.pdbx_Rrim_I_all                               ? 
_reflns_shell.pdbx_Rpim_I_all                               ? 
_reflns_shell.pdbx_rejects                                  ? 
_reflns_shell.pdbx_ordinal                                  1 
_reflns_shell.pdbx_diffrn_id                                1 
_reflns_shell.pdbx_CC_half                                  0.998 
_reflns_shell.pdbx_CC_star                                  ? 
_reflns_shell.pdbx_R_split                                  ? 
_reflns_shell.percent_possible_all                          ? 
_reflns_shell.Rmerge_I_all                                  ? 
_reflns_shell.Rmerge_I_obs                                  ? 
_reflns_shell.pdbx_Rsym_value                               ? 
_reflns_shell.pdbx_percent_possible_ellipsoidal             ? 
_reflns_shell.pdbx_percent_possible_spherical               ? 
_reflns_shell.pdbx_percent_possible_ellipsoidal_anomalous   ? 
_reflns_shell.pdbx_percent_possible_spherical_anomalous     ? 
_reflns_shell.pdbx_redundancy_anomalous                     ? 
_reflns_shell.pdbx_CC_half_anomalous                        ? 
_reflns_shell.pdbx_absDiff_over_sigma_anomalous             ? 
_reflns_shell.pdbx_percent_possible_anomalous               ? 
# 
_refine.aniso_B[1][1]                            ? 
_refine.aniso_B[1][2]                            ? 
_refine.aniso_B[1][3]                            ? 
_refine.aniso_B[2][2]                            ? 
_refine.aniso_B[2][3]                            ? 
_refine.aniso_B[3][3]                            ? 
_refine.B_iso_max                                ? 
_refine.B_iso_mean                               ? 
_refine.B_iso_min                                ? 
_refine.correlation_coeff_Fo_to_Fc               ? 
_refine.correlation_coeff_Fo_to_Fc_free          ? 
_refine.details                                  ? 
_refine.diff_density_max                         ? 
_refine.diff_density_max_esd                     ? 
_refine.diff_density_min                         ? 
_refine.diff_density_min_esd                     ? 
_refine.diff_density_rms                         ? 
_refine.diff_density_rms_esd                     ? 
_refine.entry_id                                 8QXP 
_refine.pdbx_refine_id                           'X-RAY DIFFRACTION' 
_refine.ls_abs_structure_details                 ? 
_refine.ls_abs_structure_Flack                   ? 
_refine.ls_abs_structure_Flack_esd               ? 
_refine.ls_abs_structure_Rogers                  ? 
_refine.ls_abs_structure_Rogers_esd              ? 
_refine.ls_d_res_high                            3.20 
_refine.ls_d_res_low                             52.97 
_refine.ls_extinction_coef                       ? 
_refine.ls_extinction_coef_esd                   ? 
_refine.ls_extinction_expression                 ? 
_refine.ls_extinction_method                     ? 
_refine.ls_goodness_of_fit_all                   ? 
_refine.ls_goodness_of_fit_all_esd               ? 
_refine.ls_goodness_of_fit_obs                   ? 
_refine.ls_goodness_of_fit_obs_esd               ? 
_refine.ls_hydrogen_treatment                    ? 
_refine.ls_matrix_type                           ? 
_refine.ls_number_constraints                    ? 
_refine.ls_number_parameters                     ? 
_refine.ls_number_reflns_all                     ? 
_refine.ls_number_reflns_obs                     5633 
_refine.ls_number_reflns_R_free                  236 
_refine.ls_number_reflns_R_work                  ? 
_refine.ls_number_restraints                     ? 
_refine.ls_percent_reflns_obs                    99.88 
_refine.ls_percent_reflns_R_free                 4.19 
_refine.ls_R_factor_all                          ? 
_refine.ls_R_factor_obs                          0.2686 
_refine.ls_R_factor_R_free                       0.3117 
_refine.ls_R_factor_R_free_error                 ? 
_refine.ls_R_factor_R_free_error_details         ? 
_refine.ls_R_factor_R_work                       0.2668 
_refine.ls_R_Fsqd_factor_obs                     ? 
_refine.ls_R_I_factor_obs                        ? 
_refine.ls_redundancy_reflns_all                 ? 
_refine.ls_redundancy_reflns_obs                 ? 
_refine.ls_restrained_S_all                      ? 
_refine.ls_restrained_S_obs                      ? 
_refine.ls_shift_over_esd_max                    ? 
_refine.ls_shift_over_esd_mean                   ? 
_refine.ls_structure_factor_coef                 ? 
_refine.ls_weighting_details                     ? 
_refine.ls_weighting_scheme                      ? 
_refine.ls_wR_factor_all                         ? 
_refine.ls_wR_factor_obs                         ? 
_refine.ls_wR_factor_R_free                      ? 
_refine.ls_wR_factor_R_work                      ? 
_refine.occupancy_max                            ? 
_refine.occupancy_min                            ? 
_refine.solvent_model_details                    'FLAT BULK SOLVENT MODEL' 
_refine.solvent_model_param_bsol                 ? 
_refine.solvent_model_param_ksol                 ? 
_refine.pdbx_R_complete                          ? 
_refine.ls_R_factor_gt                           ? 
_refine.ls_goodness_of_fit_gt                    ? 
_refine.ls_goodness_of_fit_ref                   ? 
_refine.ls_shift_over_su_max                     ? 
_refine.ls_shift_over_su_max_lt                  ? 
_refine.ls_shift_over_su_mean                    ? 
_refine.ls_shift_over_su_mean_lt                 ? 
_refine.pdbx_ls_sigma_I                          ? 
_refine.pdbx_ls_sigma_F                          1.34 
_refine.pdbx_ls_sigma_Fsqd                       ? 
_refine.pdbx_data_cutoff_high_absF               ? 
_refine.pdbx_data_cutoff_high_rms_absF           ? 
_refine.pdbx_data_cutoff_low_absF                ? 
_refine.pdbx_isotropic_thermal_model             ? 
_refine.pdbx_ls_cross_valid_method               THROUGHOUT 
_refine.pdbx_method_to_determine_struct          'MOLECULAR REPLACEMENT' 
_refine.pdbx_starting_model                      ? 
_refine.pdbx_stereochemistry_target_values       ML 
_refine.pdbx_R_Free_selection_details            RANDOM 
_refine.pdbx_stereochem_target_val_spec_case     ? 
_refine.pdbx_overall_ESU_R                       ? 
_refine.pdbx_overall_ESU_R_Free                  ? 
_refine.pdbx_solvent_vdw_probe_radii             1.11 
_refine.pdbx_solvent_ion_probe_radii             ? 
_refine.pdbx_solvent_shrinkage_radii             0.90 
_refine.pdbx_real_space_R                        ? 
_refine.pdbx_density_correlation                 ? 
_refine.pdbx_pd_number_of_powder_patterns        ? 
_refine.pdbx_pd_number_of_points                 ? 
_refine.pdbx_pd_meas_number_of_points            ? 
_refine.pdbx_pd_proc_ls_prof_R_factor            ? 
_refine.pdbx_pd_proc_ls_prof_wR_factor           ? 
_refine.pdbx_pd_Marquardt_correlation_coeff      ? 
_refine.pdbx_pd_Fsqrd_R_factor                   ? 
_refine.pdbx_pd_ls_matrix_band_width             ? 
_refine.pdbx_overall_phase_error                 24.54 
_refine.pdbx_overall_SU_R_free_Cruickshank_DPI   ? 
_refine.pdbx_overall_SU_R_free_Blow_DPI          ? 
_refine.pdbx_overall_SU_R_Blow_DPI               ? 
_refine.pdbx_TLS_residual_ADP_flag               ? 
_refine.pdbx_diffrn_id                           1 
_refine.overall_SU_B                             ? 
_refine.overall_SU_ML                            0.35 
_refine.overall_SU_R_Cruickshank_DPI             ? 
_refine.overall_SU_R_free                        ? 
_refine.overall_FOM_free_R_set                   ? 
_refine.overall_FOM_work_R_set                   ? 
_refine.pdbx_average_fsc_overall                 ? 
_refine.pdbx_average_fsc_work                    ? 
_refine.pdbx_average_fsc_free                    ? 
# 
_refine_hist.pdbx_refine_id                   'X-RAY DIFFRACTION' 
_refine_hist.cycle_id                         LAST 
_refine_hist.details                          ? 
_refine_hist.d_res_high                       3.20 
_refine_hist.d_res_low                        52.97 
_refine_hist.number_atoms_solvent             0 
_refine_hist.number_atoms_total               1398 
_refine_hist.number_reflns_all                ? 
_refine_hist.number_reflns_obs                ? 
_refine_hist.number_reflns_R_free             ? 
_refine_hist.number_reflns_R_work             ? 
_refine_hist.R_factor_all                     ? 
_refine_hist.R_factor_obs                     ? 
_refine_hist.R_factor_R_free                  ? 
_refine_hist.R_factor_R_work                  ? 
_refine_hist.pdbx_number_residues_total       ? 
_refine_hist.pdbx_B_iso_mean_ligand           ? 
_refine_hist.pdbx_B_iso_mean_solvent          ? 
_refine_hist.pdbx_number_atoms_protein        1388 
_refine_hist.pdbx_number_atoms_nucleic_acid   0 
_refine_hist.pdbx_number_atoms_ligand         10 
_refine_hist.pdbx_number_atoms_lipid          ? 
_refine_hist.pdbx_number_atoms_carb           ? 
_refine_hist.pdbx_pseudo_atom_details         ? 
# 
loop_
_refine_ls_restr.pdbx_refine_id 
_refine_ls_restr.criterion 
_refine_ls_restr.dev_ideal 
_refine_ls_restr.dev_ideal_target 
_refine_ls_restr.number 
_refine_ls_restr.rejects 
_refine_ls_restr.type 
_refine_ls_restr.weight 
_refine_ls_restr.pdbx_restraint_function 
'X-RAY DIFFRACTION' ? 0.003  ? 1432 ? f_bond_d           ? ? 
'X-RAY DIFFRACTION' ? 0.622  ? 1950 ? f_angle_d          ? ? 
'X-RAY DIFFRACTION' ? 14.720 ? 191  ? f_dihedral_angle_d ? ? 
'X-RAY DIFFRACTION' ? 0.045  ? 211  ? f_chiral_restr     ? ? 
'X-RAY DIFFRACTION' ? 0.006  ? 250  ? f_plane_restr      ? ? 
# 
loop_
_refine_ls_shell.pdbx_refine_id 
_refine_ls_shell.d_res_high 
_refine_ls_shell.d_res_low 
_refine_ls_shell.number_reflns_all 
_refine_ls_shell.number_reflns_obs 
_refine_ls_shell.number_reflns_R_free 
_refine_ls_shell.number_reflns_R_work 
_refine_ls_shell.percent_reflns_obs 
_refine_ls_shell.percent_reflns_R_free 
_refine_ls_shell.R_factor_all 
_refine_ls_shell.R_factor_obs 
_refine_ls_shell.R_factor_R_free_error 
_refine_ls_shell.R_factor_R_work 
_refine_ls_shell.redundancy_reflns_all 
_refine_ls_shell.redundancy_reflns_obs 
_refine_ls_shell.wR_factor_all 
_refine_ls_shell.wR_factor_obs 
_refine_ls_shell.wR_factor_R_free 
_refine_ls_shell.wR_factor_R_work 
_refine_ls_shell.pdbx_R_complete 
_refine_ls_shell.pdbx_total_number_of_bins_used 
_refine_ls_shell.pdbx_phase_error 
_refine_ls_shell.pdbx_fsc_work 
_refine_ls_shell.pdbx_fsc_free 
_refine_ls_shell.R_factor_R_free 
'X-RAY DIFFRACTION' 3.20 3.31  . . .   .    99.86  . . . . 0.2640 . . . . . . . . . . . 0.3636 
'X-RAY DIFFRACTION' 4.03 52.97 . . 120 2757 100.00 . . . . 0.2643 . . . . . . . . . . . 0.2945 
# 
_struct.entry_id                     8QXP 
_struct.title                        'Crystal structure of the outer membrane porin OmpW from Klebsiella pneumoniae' 
_struct.pdbx_model_details           ? 
_struct.pdbx_formula_weight          ? 
_struct.pdbx_formula_weight_method   ? 
_struct.pdbx_model_type_details      ? 
_struct.pdbx_CASP_flag               N 
# 
_struct_keywords.entry_id        8QXP 
_struct_keywords.text            'outer membrane porin, MEMBRANE PROTEIN' 
_struct_keywords.pdbx_keywords   'MEMBRANE PROTEIN' 
# 
loop_
_struct_asym.id 
_struct_asym.pdbx_blank_PDB_chainid_flag 
_struct_asym.pdbx_modified 
_struct_asym.entity_id 
_struct_asym.details 
A N N 1 ? 
B N N 2 ? 
C N N 2 ? 
# 
_struct_ref.id                         1 
_struct_ref.db_name                    UNP 
_struct_ref.db_code                    W9B759_KLEPN 
_struct_ref.pdbx_db_accession          W9B759 
_struct_ref.pdbx_db_isoform            ? 
_struct_ref.entity_id                  1 
_struct_ref.pdbx_seq_one_letter_code   
;EAGEFFIRAGTATVRPTEGSDNVLGSLGSFNVSNNTQLGLTFTYMATDNIGVELLAATPFRHKVGTGPTGTIATVHQLPP
TLMAQWYFGDAQSKVRPYVGAGINYTTFFNEDFNDTGKAAGLSDLSLKDSWGAAGQVGLDYLINRDWLLNMSVWYMDIDT
DVKFKAGGVDQKVSTRLDPWVFMFSAGYRF
;
_struct_ref.pdbx_align_begin           35 
# 
_struct_ref_seq.align_id                      1 
_struct_ref_seq.ref_id                        1 
_struct_ref_seq.pdbx_PDB_id_code              8QXP 
_struct_ref_seq.pdbx_strand_id                A 
_struct_ref_seq.seq_align_beg                 1 
_struct_ref_seq.pdbx_seq_align_beg_ins_code   ? 
_struct_ref_seq.seq_align_end                 190 
_struct_ref_seq.pdbx_seq_align_end_ins_code   ? 
_struct_ref_seq.pdbx_db_accession             W9B759 
_struct_ref_seq.db_align_beg                  35 
_struct_ref_seq.pdbx_db_align_beg_ins_code    ? 
_struct_ref_seq.db_align_end                  224 
_struct_ref_seq.pdbx_db_align_end_ins_code    ? 
_struct_ref_seq.pdbx_auth_seq_align_beg       35 
_struct_ref_seq.pdbx_auth_seq_align_end       224 
# 
_pdbx_struct_assembly.id                   1 
_pdbx_struct_assembly.details              author_and_software_defined_assembly 
_pdbx_struct_assembly.method_details       PISA 
_pdbx_struct_assembly.oligomeric_details   monomeric 
_pdbx_struct_assembly.oligomeric_count     1 
# 
loop_
_pdbx_struct_assembly_prop.biol_id 
_pdbx_struct_assembly_prop.type 
_pdbx_struct_assembly_prop.value 
_pdbx_struct_assembly_prop.details 
1 'ABSA (A^2)' 360  ? 
1 MORE         -26  ? 
1 'SSA (A^2)'  9340 ? 
# 
_pdbx_struct_assembly_gen.assembly_id       1 
_pdbx_struct_assembly_gen.oper_expression   1 
_pdbx_struct_assembly_gen.asym_id_list      A,B,C 
# 
_pdbx_struct_assembly_auth_evidence.id                     1 
_pdbx_struct_assembly_auth_evidence.assembly_id            1 
_pdbx_struct_assembly_auth_evidence.experimental_support   'gel filtration' 
_pdbx_struct_assembly_auth_evidence.details                ? 
# 
_pdbx_struct_oper_list.id                   1 
_pdbx_struct_oper_list.type                 'identity operation' 
_pdbx_struct_oper_list.name                 1_555 
_pdbx_struct_oper_list.symmetry_operation   x,y,z 
_pdbx_struct_oper_list.matrix[1][1]         1.0000000000 
_pdbx_struct_oper_list.matrix[1][2]         0.0000000000 
_pdbx_struct_oper_list.matrix[1][3]         0.0000000000 
_pdbx_struct_oper_list.vector[1]            0.0000000000 
_pdbx_struct_oper_list.matrix[2][1]         0.0000000000 
_pdbx_struct_oper_list.matrix[2][2]         1.0000000000 
_pdbx_struct_oper_list.matrix[2][3]         0.0000000000 
_pdbx_struct_oper_list.vector[2]            0.0000000000 
_pdbx_struct_oper_list.matrix[3][1]         0.0000000000 
_pdbx_struct_oper_list.matrix[3][2]         0.0000000000 
_pdbx_struct_oper_list.matrix[3][3]         1.0000000000 
_pdbx_struct_oper_list.vector[3]            0.0000000000 
# 
_struct_conf.conf_type_id            HELX_P 
_struct_conf.id                      HELX_P1 
_struct_conf.pdbx_PDB_helix_id       AA1 
_struct_conf.beg_label_comp_id       ASN 
_struct_conf.beg_label_asym_id       A 
_struct_conf.beg_label_seq_id        114 
_struct_conf.pdbx_beg_PDB_ins_code   ? 
_struct_conf.end_label_comp_id       ALA 
_struct_conf.end_label_asym_id       A 
_struct_conf.end_label_seq_id        119 
_struct_conf.pdbx_end_PDB_ins_code   ? 
_struct_conf.beg_auth_comp_id        ASN 
_struct_conf.beg_auth_asym_id        A 
_struct_conf.beg_auth_seq_id         148 
_struct_conf.end_auth_comp_id        ALA 
_struct_conf.end_auth_asym_id        A 
_struct_conf.end_auth_seq_id         153 
_struct_conf.pdbx_PDB_helix_class    1 
_struct_conf.details                 ? 
_struct_conf.pdbx_PDB_helix_length   6 
# 
_struct_conf_type.id          HELX_P 
_struct_conf_type.criteria    ? 
_struct_conf_type.reference   ? 
# 
loop_
_struct_sheet.id 
_struct_sheet.type 
_struct_sheet.number_strands 
_struct_sheet.details 
AA1 ? 11 ? 
AA2 ? 3  ? 
# 
loop_
_struct_sheet_order.sheet_id 
_struct_sheet_order.range_id_1 
_struct_sheet_order.range_id_2 
_struct_sheet_order.offset 
_struct_sheet_order.sense 
AA1 1  2  ? anti-parallel 
AA1 2  3  ? anti-parallel 
AA1 3  4  ? anti-parallel 
AA1 4  5  ? anti-parallel 
AA1 5  6  ? anti-parallel 
AA1 6  7  ? anti-parallel 
AA1 7  8  ? anti-parallel 
AA1 8  9  ? anti-parallel 
AA1 9  10 ? anti-parallel 
AA1 10 11 ? anti-parallel 
AA2 1  2  ? anti-parallel 
AA2 2  3  ? anti-parallel 
# 
loop_
_struct_sheet_range.sheet_id 
_struct_sheet_range.id 
_struct_sheet_range.beg_label_comp_id 
_struct_sheet_range.beg_label_asym_id 
_struct_sheet_range.beg_label_seq_id 
_struct_sheet_range.pdbx_beg_PDB_ins_code 
_struct_sheet_range.end_label_comp_id 
_struct_sheet_range.end_label_asym_id 
_struct_sheet_range.end_label_seq_id 
_struct_sheet_range.pdbx_end_PDB_ins_code 
_struct_sheet_range.beg_auth_comp_id 
_struct_sheet_range.beg_auth_asym_id 
_struct_sheet_range.beg_auth_seq_id 
_struct_sheet_range.end_auth_comp_id 
_struct_sheet_range.end_auth_asym_id 
_struct_sheet_range.end_auth_seq_id 
AA1 1  PHE A 60  ? THR A 66  ? PHE A 94  THR A 100 
AA1 2  GLY A 70  ? LEU A 78  ? GLY A 104 LEU A 112 
AA1 3  VAL A 95  ? PHE A 113 ? VAL A 129 PHE A 147 
AA1 4  SER A 130 ? LEU A 142 ? SER A 164 LEU A 176 
AA1 5  TRP A 147 ? MET A 156 ? TRP A 181 MET A 190 
AA1 6  TRP A 180 ? ARG A 189 ? TRP A 214 ARG A 223 
AA1 7  PHE A 5   ? ARG A 15  ? PHE A 39  ARG A 49  
AA1 8  ASN A 35  ? MET A 45  ? ASN A 69  MET A 79  
AA1 9  ILE A 50  ? ALA A 57  ? ILE A 84  ALA A 91  
AA1 10 THR A 81  ? TYR A 87  ? THR A 115 TYR A 121 
AA1 11 VAL A 95  ? PHE A 113 ? VAL A 129 PHE A 147 
AA2 1  LEU A 122 ? LEU A 127 ? LEU A 156 LEU A 161 
AA2 2  ASP A 159 ? ALA A 166 ? ASP A 193 ALA A 200 
AA2 3  VAL A 169 ? ARG A 176 ? VAL A 203 ARG A 210 
# 
loop_
_pdbx_struct_sheet_hbond.sheet_id 
_pdbx_struct_sheet_hbond.range_id_1 
_pdbx_struct_sheet_hbond.range_id_2 
_pdbx_struct_sheet_hbond.range_1_label_atom_id 
_pdbx_struct_sheet_hbond.range_1_label_comp_id 
_pdbx_struct_sheet_hbond.range_1_label_asym_id 
_pdbx_struct_sheet_hbond.range_1_label_seq_id 
_pdbx_struct_sheet_hbond.range_1_PDB_ins_code 
_pdbx_struct_sheet_hbond.range_1_auth_atom_id 
_pdbx_struct_sheet_hbond.range_1_auth_comp_id 
_pdbx_struct_sheet_hbond.range_1_auth_asym_id 
_pdbx_struct_sheet_hbond.range_1_auth_seq_id 
_pdbx_struct_sheet_hbond.range_2_label_atom_id 
_pdbx_struct_sheet_hbond.range_2_label_comp_id 
_pdbx_struct_sheet_hbond.range_2_label_asym_id 
_pdbx_struct_sheet_hbond.range_2_label_seq_id 
_pdbx_struct_sheet_hbond.range_2_PDB_ins_code 
_pdbx_struct_sheet_hbond.range_2_auth_atom_id 
_pdbx_struct_sheet_hbond.range_2_auth_comp_id 
_pdbx_struct_sheet_hbond.range_2_auth_asym_id 
_pdbx_struct_sheet_hbond.range_2_auth_seq_id 
AA1 1  2  N HIS A 62  ? N HIS A 96  O VAL A 75  ? O VAL A 109 
AA1 2  3  N HIS A 76  ? N HIS A 110 O PHE A 109 ? O PHE A 143 
AA1 3  4  N ASN A 104 ? N ASN A 138 O GLY A 132 ? O GLY A 166 
AA1 4  5  N GLY A 135 ? N GLY A 169 O TYR A 155 ? O TYR A 189 
AA1 5  6  N TRP A 154 ? N TRP A 188 O VAL A 181 ? O VAL A 215 
AA1 6  7  O TRP A 180 ? O TRP A 214 N ARG A 15  ? N ARG A 49  
AA1 7  8  N ALA A 12  ? N ALA A 46  O GLN A 37  ? O GLN A 71  
AA1 8  9  N LEU A 40  ? N LEU A 74  O ALA A 56  ? O ALA A 90  
AA1 9  10 N LEU A 55  ? N LEU A 89  O THR A 81  ? O THR A 115 
AA1 10 11 N ALA A 84  ? N ALA A 118 O ALA A 101 ? O ALA A 135 
AA2 1  2  N SER A 123 ? N SER A 157 O LYS A 165 ? O LYS A 199 
AA2 2  3  N PHE A 164 ? N PHE A 198 O GLN A 171 ? O GLN A 205 
# 
loop_
_pdbx_validate_torsion.id 
_pdbx_validate_torsion.PDB_model_num 
_pdbx_validate_torsion.auth_comp_id 
_pdbx_validate_torsion.auth_asym_id 
_pdbx_validate_torsion.auth_seq_id 
_pdbx_validate_torsion.PDB_ins_code 
_pdbx_validate_torsion.label_alt_id 
_pdbx_validate_torsion.phi 
_pdbx_validate_torsion.psi 
1 1 THR A 51  ? ? -143.95 -14.49  
2 1 THR A 81  ? ? -102.88 -162.56 
3 1 THR A 105 ? ? -59.86  98.25   
4 1 PRO A 113 ? ? -119.84 64.09   
5 1 ASP A 158 ? ? 49.69   76.05   
6 1 ASN A 178 ? ? -147.37 -145.00 
# 
_pdbx_entry_details.entry_id                 8QXP 
_pdbx_entry_details.has_ligand_of_interest   N 
_pdbx_entry_details.compound_details         ? 
_pdbx_entry_details.source_details           ? 
_pdbx_entry_details.nonpolymer_details       ? 
_pdbx_entry_details.sequence_details         ? 
# 
loop_
_pdbx_unobs_or_zero_occ_residues.id 
_pdbx_unobs_or_zero_occ_residues.PDB_model_num 
_pdbx_unobs_or_zero_occ_residues.polymer_flag 
_pdbx_unobs_or_zero_occ_residues.occupancy_flag 
_pdbx_unobs_or_zero_occ_residues.auth_asym_id 
_pdbx_unobs_or_zero_occ_residues.auth_comp_id 
_pdbx_unobs_or_zero_occ_residues.auth_seq_id 
_pdbx_unobs_or_zero_occ_residues.PDB_ins_code 
_pdbx_unobs_or_zero_occ_residues.label_asym_id 
_pdbx_unobs_or_zero_occ_residues.label_comp_id 
_pdbx_unobs_or_zero_occ_residues.label_seq_id 
1  1 Y 1 A GLY 53 ? A GLY 19 
2  1 Y 1 A SER 54 ? A SER 20 
3  1 Y 1 A ASP 55 ? A ASP 21 
4  1 Y 1 A ASN 56 ? A ASN 22 
5  1 Y 1 A VAL 57 ? A VAL 23 
6  1 Y 1 A LEU 58 ? A LEU 24 
7  1 Y 1 A GLY 59 ? A GLY 25 
8  1 Y 1 A SER 60 ? A SER 26 
9  1 Y 1 A LEU 61 ? A LEU 27 
10 1 Y 1 A GLY 62 ? A GLY 28 
11 1 Y 1 A SER 63 ? A SER 29 
12 1 Y 1 A PHE 64 ? A PHE 30 
# 
loop_
_chem_comp_atom.comp_id 
_chem_comp_atom.atom_id 
_chem_comp_atom.type_symbol 
_chem_comp_atom.pdbx_aromatic_flag 
_chem_comp_atom.pdbx_stereo_config 
_chem_comp_atom.pdbx_ordinal 
ALA N    N N N 1   
ALA CA   C N S 2   
ALA C    C N N 3   
ALA O    O N N 4   
ALA CB   C N N 5   
ALA OXT  O N N 6   
ALA H    H N N 7   
ALA H2   H N N 8   
ALA HA   H N N 9   
ALA HB1  H N N 10  
ALA HB2  H N N 11  
ALA HB3  H N N 12  
ALA HXT  H N N 13  
ARG N    N N N 14  
ARG CA   C N S 15  
ARG C    C N N 16  
ARG O    O N N 17  
ARG CB   C N N 18  
ARG CG   C N N 19  
ARG CD   C N N 20  
ARG NE   N N N 21  
ARG CZ   C N N 22  
ARG NH1  N N N 23  
ARG NH2  N N N 24  
ARG OXT  O N N 25  
ARG H    H N N 26  
ARG H2   H N N 27  
ARG HA   H N N 28  
ARG HB2  H N N 29  
ARG HB3  H N N 30  
ARG HG2  H N N 31  
ARG HG3  H N N 32  
ARG HD2  H N N 33  
ARG HD3  H N N 34  
ARG HE   H N N 35  
ARG HH11 H N N 36  
ARG HH12 H N N 37  
ARG HH21 H N N 38  
ARG HH22 H N N 39  
ARG HXT  H N N 40  
ASN N    N N N 41  
ASN CA   C N S 42  
ASN C    C N N 43  
ASN O    O N N 44  
ASN CB   C N N 45  
ASN CG   C N N 46  
ASN OD1  O N N 47  
ASN ND2  N N N 48  
ASN OXT  O N N 49  
ASN H    H N N 50  
ASN H2   H N N 51  
ASN HA   H N N 52  
ASN HB2  H N N 53  
ASN HB3  H N N 54  
ASN HD21 H N N 55  
ASN HD22 H N N 56  
ASN HXT  H N N 57  
ASP N    N N N 58  
ASP CA   C N S 59  
ASP C    C N N 60  
ASP O    O N N 61  
ASP CB   C N N 62  
ASP CG   C N N 63  
ASP OD1  O N N 64  
ASP OD2  O N N 65  
ASP OXT  O N N 66  
ASP H    H N N 67  
ASP H2   H N N 68  
ASP HA   H N N 69  
ASP HB2  H N N 70  
ASP HB3  H N N 71  
ASP HD2  H N N 72  
ASP HXT  H N N 73  
GLN N    N N N 74  
GLN CA   C N S 75  
GLN C    C N N 76  
GLN O    O N N 77  
GLN CB   C N N 78  
GLN CG   C N N 79  
GLN CD   C N N 80  
GLN OE1  O N N 81  
GLN NE2  N N N 82  
GLN OXT  O N N 83  
GLN H    H N N 84  
GLN H2   H N N 85  
GLN HA   H N N 86  
GLN HB2  H N N 87  
GLN HB3  H N N 88  
GLN HG2  H N N 89  
GLN HG3  H N N 90  
GLN HE21 H N N 91  
GLN HE22 H N N 92  
GLN HXT  H N N 93  
GLU N    N N N 94  
GLU CA   C N S 95  
GLU C    C N N 96  
GLU O    O N N 97  
GLU CB   C N N 98  
GLU CG   C N N 99  
GLU CD   C N N 100 
GLU OE1  O N N 101 
GLU OE2  O N N 102 
GLU OXT  O N N 103 
GLU H    H N N 104 
GLU H2   H N N 105 
GLU HA   H N N 106 
GLU HB2  H N N 107 
GLU HB3  H N N 108 
GLU HG2  H N N 109 
GLU HG3  H N N 110 
GLU HE2  H N N 111 
GLU HXT  H N N 112 
GLY N    N N N 113 
GLY CA   C N N 114 
GLY C    C N N 115 
GLY O    O N N 116 
GLY OXT  O N N 117 
GLY H    H N N 118 
GLY H2   H N N 119 
GLY HA2  H N N 120 
GLY HA3  H N N 121 
GLY HXT  H N N 122 
HIS N    N N N 123 
HIS CA   C N S 124 
HIS C    C N N 125 
HIS O    O N N 126 
HIS CB   C N N 127 
HIS CG   C Y N 128 
HIS ND1  N Y N 129 
HIS CD2  C Y N 130 
HIS CE1  C Y N 131 
HIS NE2  N Y N 132 
HIS OXT  O N N 133 
HIS H    H N N 134 
HIS H2   H N N 135 
HIS HA   H N N 136 
HIS HB2  H N N 137 
HIS HB3  H N N 138 
HIS HD1  H N N 139 
HIS HD2  H N N 140 
HIS HE1  H N N 141 
HIS HE2  H N N 142 
HIS HXT  H N N 143 
ILE N    N N N 144 
ILE CA   C N S 145 
ILE C    C N N 146 
ILE O    O N N 147 
ILE CB   C N S 148 
ILE CG1  C N N 149 
ILE CG2  C N N 150 
ILE CD1  C N N 151 
ILE OXT  O N N 152 
ILE H    H N N 153 
ILE H2   H N N 154 
ILE HA   H N N 155 
ILE HB   H N N 156 
ILE HG12 H N N 157 
ILE HG13 H N N 158 
ILE HG21 H N N 159 
ILE HG22 H N N 160 
ILE HG23 H N N 161 
ILE HD11 H N N 162 
ILE HD12 H N N 163 
ILE HD13 H N N 164 
ILE HXT  H N N 165 
LEU N    N N N 166 
LEU CA   C N S 167 
LEU C    C N N 168 
LEU O    O N N 169 
LEU CB   C N N 170 
LEU CG   C N N 171 
LEU CD1  C N N 172 
LEU CD2  C N N 173 
LEU OXT  O N N 174 
LEU H    H N N 175 
LEU H2   H N N 176 
LEU HA   H N N 177 
LEU HB2  H N N 178 
LEU HB3  H N N 179 
LEU HG   H N N 180 
LEU HD11 H N N 181 
LEU HD12 H N N 182 
LEU HD13 H N N 183 
LEU HD21 H N N 184 
LEU HD22 H N N 185 
LEU HD23 H N N 186 
LEU HXT  H N N 187 
LYS N    N N N 188 
LYS CA   C N S 189 
LYS C    C N N 190 
LYS O    O N N 191 
LYS CB   C N N 192 
LYS CG   C N N 193 
LYS CD   C N N 194 
LYS CE   C N N 195 
LYS NZ   N N N 196 
LYS OXT  O N N 197 
LYS H    H N N 198 
LYS H2   H N N 199 
LYS HA   H N N 200 
LYS HB2  H N N 201 
LYS HB3  H N N 202 
LYS HG2  H N N 203 
LYS HG3  H N N 204 
LYS HD2  H N N 205 
LYS HD3  H N N 206 
LYS HE2  H N N 207 
LYS HE3  H N N 208 
LYS HZ1  H N N 209 
LYS HZ2  H N N 210 
LYS HZ3  H N N 211 
LYS HXT  H N N 212 
MET N    N N N 213 
MET CA   C N S 214 
MET C    C N N 215 
MET O    O N N 216 
MET CB   C N N 217 
MET CG   C N N 218 
MET SD   S N N 219 
MET CE   C N N 220 
MET OXT  O N N 221 
MET H    H N N 222 
MET H2   H N N 223 
MET HA   H N N 224 
MET HB2  H N N 225 
MET HB3  H N N 226 
MET HG2  H N N 227 
MET HG3  H N N 228 
MET HE1  H N N 229 
MET HE2  H N N 230 
MET HE3  H N N 231 
MET HXT  H N N 232 
PHE N    N N N 233 
PHE CA   C N S 234 
PHE C    C N N 235 
PHE O    O N N 236 
PHE CB   C N N 237 
PHE CG   C Y N 238 
PHE CD1  C Y N 239 
PHE CD2  C Y N 240 
PHE CE1  C Y N 241 
PHE CE2  C Y N 242 
PHE CZ   C Y N 243 
PHE OXT  O N N 244 
PHE H    H N N 245 
PHE H2   H N N 246 
PHE HA   H N N 247 
PHE HB2  H N N 248 
PHE HB3  H N N 249 
PHE HD1  H N N 250 
PHE HD2  H N N 251 
PHE HE1  H N N 252 
PHE HE2  H N N 253 
PHE HZ   H N N 254 
PHE HXT  H N N 255 
PRO N    N N N 256 
PRO CA   C N S 257 
PRO C    C N N 258 
PRO O    O N N 259 
PRO CB   C N N 260 
PRO CG   C N N 261 
PRO CD   C N N 262 
PRO OXT  O N N 263 
PRO H    H N N 264 
PRO HA   H N N 265 
PRO HB2  H N N 266 
PRO HB3  H N N 267 
PRO HG2  H N N 268 
PRO HG3  H N N 269 
PRO HD2  H N N 270 
PRO HD3  H N N 271 
PRO HXT  H N N 272 
SER N    N N N 273 
SER CA   C N S 274 
SER C    C N N 275 
SER O    O N N 276 
SER CB   C N N 277 
SER OG   O N N 278 
SER OXT  O N N 279 
SER H    H N N 280 
SER H2   H N N 281 
SER HA   H N N 282 
SER HB2  H N N 283 
SER HB3  H N N 284 
SER HG   H N N 285 
SER HXT  H N N 286 
SO4 S    S N N 287 
SO4 O1   O N N 288 
SO4 O2   O N N 289 
SO4 O3   O N N 290 
SO4 O4   O N N 291 
THR N    N N N 292 
THR CA   C N S 293 
THR C    C N N 294 
THR O    O N N 295 
THR CB   C N R 296 
THR OG1  O N N 297 
THR CG2  C N N 298 
THR OXT  O N N 299 
THR H    H N N 300 
THR H2   H N N 301 
THR HA   H N N 302 
THR HB   H N N 303 
THR HG1  H N N 304 
THR HG21 H N N 305 
THR HG22 H N N 306 
THR HG23 H N N 307 
THR HXT  H N N 308 
TRP N    N N N 309 
TRP CA   C N S 310 
TRP C    C N N 311 
TRP O    O N N 312 
TRP CB   C N N 313 
TRP CG   C Y N 314 
TRP CD1  C Y N 315 
TRP CD2  C Y N 316 
TRP NE1  N Y N 317 
TRP CE2  C Y N 318 
TRP CE3  C Y N 319 
TRP CZ2  C Y N 320 
TRP CZ3  C Y N 321 
TRP CH2  C Y N 322 
TRP OXT  O N N 323 
TRP H    H N N 324 
TRP H2   H N N 325 
TRP HA   H N N 326 
TRP HB2  H N N 327 
TRP HB3  H N N 328 
TRP HD1  H N N 329 
TRP HE1  H N N 330 
TRP HE3  H N N 331 
TRP HZ2  H N N 332 
TRP HZ3  H N N 333 
TRP HH2  H N N 334 
TRP HXT  H N N 335 
TYR N    N N N 336 
TYR CA   C N S 337 
TYR C    C N N 338 
TYR O    O N N 339 
TYR CB   C N N 340 
TYR CG   C Y N 341 
TYR CD1  C Y N 342 
TYR CD2  C Y N 343 
TYR CE1  C Y N 344 
TYR CE2  C Y N 345 
TYR CZ   C Y N 346 
TYR OH   O N N 347 
TYR OXT  O N N 348 
TYR H    H N N 349 
TYR H2   H N N 350 
TYR HA   H N N 351 
TYR HB2  H N N 352 
TYR HB3  H N N 353 
TYR HD1  H N N 354 
TYR HD2  H N N 355 
TYR HE1  H N N 356 
TYR HE2  H N N 357 
TYR HH   H N N 358 
TYR HXT  H N N 359 
VAL N    N N N 360 
VAL CA   C N S 361 
VAL C    C N N 362 
VAL O    O N N 363 
VAL CB   C N N 364 
VAL CG1  C N N 365 
VAL CG2  C N N 366 
VAL OXT  O N N 367 
VAL H    H N N 368 
VAL H2   H N N 369 
VAL HA   H N N 370 
VAL HB   H N N 371 
VAL HG11 H N N 372 
VAL HG12 H N N 373 
VAL HG13 H N N 374 
VAL HG21 H N N 375 
VAL HG22 H N N 376 
VAL HG23 H N N 377 
VAL HXT  H N N 378 
# 
loop_
_chem_comp_bond.comp_id 
_chem_comp_bond.atom_id_1 
_chem_comp_bond.atom_id_2 
_chem_comp_bond.value_order 
_chem_comp_bond.pdbx_aromatic_flag 
_chem_comp_bond.pdbx_stereo_config 
_chem_comp_bond.pdbx_ordinal 
ALA N   CA   sing N N 1   
ALA N   H    sing N N 2   
ALA N   H2   sing N N 3   
ALA CA  C    sing N N 4   
ALA CA  CB   sing N N 5   
ALA CA  HA   sing N N 6   
ALA C   O    doub N N 7   
ALA C   OXT  sing N N 8   
ALA CB  HB1  sing N N 9   
ALA CB  HB2  sing N N 10  
ALA CB  HB3  sing N N 11  
ALA OXT HXT  sing N N 12  
ARG N   CA   sing N N 13  
ARG N   H    sing N N 14  
ARG N   H2   sing N N 15  
ARG CA  C    sing N N 16  
ARG CA  CB   sing N N 17  
ARG CA  HA   sing N N 18  
ARG C   O    doub N N 19  
ARG C   OXT  sing N N 20  
ARG CB  CG   sing N N 21  
ARG CB  HB2  sing N N 22  
ARG CB  HB3  sing N N 23  
ARG CG  CD   sing N N 24  
ARG CG  HG2  sing N N 25  
ARG CG  HG3  sing N N 26  
ARG CD  NE   sing N N 27  
ARG CD  HD2  sing N N 28  
ARG CD  HD3  sing N N 29  
ARG NE  CZ   sing N N 30  
ARG NE  HE   sing N N 31  
ARG CZ  NH1  sing N N 32  
ARG CZ  NH2  doub N N 33  
ARG NH1 HH11 sing N N 34  
ARG NH1 HH12 sing N N 35  
ARG NH2 HH21 sing N N 36  
ARG NH2 HH22 sing N N 37  
ARG OXT HXT  sing N N 38  
ASN N   CA   sing N N 39  
ASN N   H    sing N N 40  
ASN N   H2   sing N N 41  
ASN CA  C    sing N N 42  
ASN CA  CB   sing N N 43  
ASN CA  HA   sing N N 44  
ASN C   O    doub N N 45  
ASN C   OXT  sing N N 46  
ASN CB  CG   sing N N 47  
ASN CB  HB2  sing N N 48  
ASN CB  HB3  sing N N 49  
ASN CG  OD1  doub N N 50  
ASN CG  ND2  sing N N 51  
ASN ND2 HD21 sing N N 52  
ASN ND2 HD22 sing N N 53  
ASN OXT HXT  sing N N 54  
ASP N   CA   sing N N 55  
ASP N   H    sing N N 56  
ASP N   H2   sing N N 57  
ASP CA  C    sing N N 58  
ASP CA  CB   sing N N 59  
ASP CA  HA   sing N N 60  
ASP C   O    doub N N 61  
ASP C   OXT  sing N N 62  
ASP CB  CG   sing N N 63  
ASP CB  HB2  sing N N 64  
ASP CB  HB3  sing N N 65  
ASP CG  OD1  doub N N 66  
ASP CG  OD2  sing N N 67  
ASP OD2 HD2  sing N N 68  
ASP OXT HXT  sing N N 69  
GLN N   CA   sing N N 70  
GLN N   H    sing N N 71  
GLN N   H2   sing N N 72  
GLN CA  C    sing N N 73  
GLN CA  CB   sing N N 74  
GLN CA  HA   sing N N 75  
GLN C   O    doub N N 76  
GLN C   OXT  sing N N 77  
GLN CB  CG   sing N N 78  
GLN CB  HB2  sing N N 79  
GLN CB  HB3  sing N N 80  
GLN CG  CD   sing N N 81  
GLN CG  HG2  sing N N 82  
GLN CG  HG3  sing N N 83  
GLN CD  OE1  doub N N 84  
GLN CD  NE2  sing N N 85  
GLN NE2 HE21 sing N N 86  
GLN NE2 HE22 sing N N 87  
GLN OXT HXT  sing N N 88  
GLU N   CA   sing N N 89  
GLU N   H    sing N N 90  
GLU N   H2   sing N N 91  
GLU CA  C    sing N N 92  
GLU CA  CB   sing N N 93  
GLU CA  HA   sing N N 94  
GLU C   O    doub N N 95  
GLU C   OXT  sing N N 96  
GLU CB  CG   sing N N 97  
GLU CB  HB2  sing N N 98  
GLU CB  HB3  sing N N 99  
GLU CG  CD   sing N N 100 
GLU CG  HG2  sing N N 101 
GLU CG  HG3  sing N N 102 
GLU CD  OE1  doub N N 103 
GLU CD  OE2  sing N N 104 
GLU OE2 HE2  sing N N 105 
GLU OXT HXT  sing N N 106 
GLY N   CA   sing N N 107 
GLY N   H    sing N N 108 
GLY N   H2   sing N N 109 
GLY CA  C    sing N N 110 
GLY CA  HA2  sing N N 111 
GLY CA  HA3  sing N N 112 
GLY C   O    doub N N 113 
GLY C   OXT  sing N N 114 
GLY OXT HXT  sing N N 115 
HIS N   CA   sing N N 116 
HIS N   H    sing N N 117 
HIS N   H2   sing N N 118 
HIS CA  C    sing N N 119 
HIS CA  CB   sing N N 120 
HIS CA  HA   sing N N 121 
HIS C   O    doub N N 122 
HIS C   OXT  sing N N 123 
HIS CB  CG   sing N N 124 
HIS CB  HB2  sing N N 125 
HIS CB  HB3  sing N N 126 
HIS CG  ND1  sing Y N 127 
HIS CG  CD2  doub Y N 128 
HIS ND1 CE1  doub Y N 129 
HIS ND1 HD1  sing N N 130 
HIS CD2 NE2  sing Y N 131 
HIS CD2 HD2  sing N N 132 
HIS CE1 NE2  sing Y N 133 
HIS CE1 HE1  sing N N 134 
HIS NE2 HE2  sing N N 135 
HIS OXT HXT  sing N N 136 
ILE N   CA   sing N N 137 
ILE N   H    sing N N 138 
ILE N   H2   sing N N 139 
ILE CA  C    sing N N 140 
ILE CA  CB   sing N N 141 
ILE CA  HA   sing N N 142 
ILE C   O    doub N N 143 
ILE C   OXT  sing N N 144 
ILE CB  CG1  sing N N 145 
ILE CB  CG2  sing N N 146 
ILE CB  HB   sing N N 147 
ILE CG1 CD1  sing N N 148 
ILE CG1 HG12 sing N N 149 
ILE CG1 HG13 sing N N 150 
ILE CG2 HG21 sing N N 151 
ILE CG2 HG22 sing N N 152 
ILE CG2 HG23 sing N N 153 
ILE CD1 HD11 sing N N 154 
ILE CD1 HD12 sing N N 155 
ILE CD1 HD13 sing N N 156 
ILE OXT HXT  sing N N 157 
LEU N   CA   sing N N 158 
LEU N   H    sing N N 159 
LEU N   H2   sing N N 160 
LEU CA  C    sing N N 161 
LEU CA  CB   sing N N 162 
LEU CA  HA   sing N N 163 
LEU C   O    doub N N 164 
LEU C   OXT  sing N N 165 
LEU CB  CG   sing N N 166 
LEU CB  HB2  sing N N 167 
LEU CB  HB3  sing N N 168 
LEU CG  CD1  sing N N 169 
LEU CG  CD2  sing N N 170 
LEU CG  HG   sing N N 171 
LEU CD1 HD11 sing N N 172 
LEU CD1 HD12 sing N N 173 
LEU CD1 HD13 sing N N 174 
LEU CD2 HD21 sing N N 175 
LEU CD2 HD22 sing N N 176 
LEU CD2 HD23 sing N N 177 
LEU OXT HXT  sing N N 178 
LYS N   CA   sing N N 179 
LYS N   H    sing N N 180 
LYS N   H2   sing N N 181 
LYS CA  C    sing N N 182 
LYS CA  CB   sing N N 183 
LYS CA  HA   sing N N 184 
LYS C   O    doub N N 185 
LYS C   OXT  sing N N 186 
LYS CB  CG   sing N N 187 
LYS CB  HB2  sing N N 188 
LYS CB  HB3  sing N N 189 
LYS CG  CD   sing N N 190 
LYS CG  HG2  sing N N 191 
LYS CG  HG3  sing N N 192 
LYS CD  CE   sing N N 193 
LYS CD  HD2  sing N N 194 
LYS CD  HD3  sing N N 195 
LYS CE  NZ   sing N N 196 
LYS CE  HE2  sing N N 197 
LYS CE  HE3  sing N N 198 
LYS NZ  HZ1  sing N N 199 
LYS NZ  HZ2  sing N N 200 
LYS NZ  HZ3  sing N N 201 
LYS OXT HXT  sing N N 202 
MET N   CA   sing N N 203 
MET N   H    sing N N 204 
MET N   H2   sing N N 205 
MET CA  C    sing N N 206 
MET CA  CB   sing N N 207 
MET CA  HA   sing N N 208 
MET C   O    doub N N 209 
MET C   OXT  sing N N 210 
MET CB  CG   sing N N 211 
MET CB  HB2  sing N N 212 
MET CB  HB3  sing N N 213 
MET CG  SD   sing N N 214 
MET CG  HG2  sing N N 215 
MET CG  HG3  sing N N 216 
MET SD  CE   sing N N 217 
MET CE  HE1  sing N N 218 
MET CE  HE2  sing N N 219 
MET CE  HE3  sing N N 220 
MET OXT HXT  sing N N 221 
PHE N   CA   sing N N 222 
PHE N   H    sing N N 223 
PHE N   H2   sing N N 224 
PHE CA  C    sing N N 225 
PHE CA  CB   sing N N 226 
PHE CA  HA   sing N N 227 
PHE C   O    doub N N 228 
PHE C   OXT  sing N N 229 
PHE CB  CG   sing N N 230 
PHE CB  HB2  sing N N 231 
PHE CB  HB3  sing N N 232 
PHE CG  CD1  doub Y N 233 
PHE CG  CD2  sing Y N 234 
PHE CD1 CE1  sing Y N 235 
PHE CD1 HD1  sing N N 236 
PHE CD2 CE2  doub Y N 237 
PHE CD2 HD2  sing N N 238 
PHE CE1 CZ   doub Y N 239 
PHE CE1 HE1  sing N N 240 
PHE CE2 CZ   sing Y N 241 
PHE CE2 HE2  sing N N 242 
PHE CZ  HZ   sing N N 243 
PHE OXT HXT  sing N N 244 
PRO N   CA   sing N N 245 
PRO N   CD   sing N N 246 
PRO N   H    sing N N 247 
PRO CA  C    sing N N 248 
PRO CA  CB   sing N N 249 
PRO CA  HA   sing N N 250 
PRO C   O    doub N N 251 
PRO C   OXT  sing N N 252 
PRO CB  CG   sing N N 253 
PRO CB  HB2  sing N N 254 
PRO CB  HB3  sing N N 255 
PRO CG  CD   sing N N 256 
PRO CG  HG2  sing N N 257 
PRO CG  HG3  sing N N 258 
PRO CD  HD2  sing N N 259 
PRO CD  HD3  sing N N 260 
PRO OXT HXT  sing N N 261 
SER N   CA   sing N N 262 
SER N   H    sing N N 263 
SER N   H2   sing N N 264 
SER CA  C    sing N N 265 
SER CA  CB   sing N N 266 
SER CA  HA   sing N N 267 
SER C   O    doub N N 268 
SER C   OXT  sing N N 269 
SER CB  OG   sing N N 270 
SER CB  HB2  sing N N 271 
SER CB  HB3  sing N N 272 
SER OG  HG   sing N N 273 
SER OXT HXT  sing N N 274 
SO4 S   O1   doub N N 275 
SO4 S   O2   doub N N 276 
SO4 S   O3   sing N N 277 
SO4 S   O4   sing N N 278 
THR N   CA   sing N N 279 
THR N   H    sing N N 280 
THR N   H2   sing N N 281 
THR CA  C    sing N N 282 
THR CA  CB   sing N N 283 
THR CA  HA   sing N N 284 
THR C   O    doub N N 285 
THR C   OXT  sing N N 286 
THR CB  OG1  sing N N 287 
THR CB  CG2  sing N N 288 
THR CB  HB   sing N N 289 
THR OG1 HG1  sing N N 290 
THR CG2 HG21 sing N N 291 
THR CG2 HG22 sing N N 292 
THR CG2 HG23 sing N N 293 
THR OXT HXT  sing N N 294 
TRP N   CA   sing N N 295 
TRP N   H    sing N N 296 
TRP N   H2   sing N N 297 
TRP CA  C    sing N N 298 
TRP CA  CB   sing N N 299 
TRP CA  HA   sing N N 300 
TRP C   O    doub N N 301 
TRP C   OXT  sing N N 302 
TRP CB  CG   sing N N 303 
TRP CB  HB2  sing N N 304 
TRP CB  HB3  sing N N 305 
TRP CG  CD1  doub Y N 306 
TRP CG  CD2  sing Y N 307 
TRP CD1 NE1  sing Y N 308 
TRP CD1 HD1  sing N N 309 
TRP CD2 CE2  doub Y N 310 
TRP CD2 CE3  sing Y N 311 
TRP NE1 CE2  sing Y N 312 
TRP NE1 HE1  sing N N 313 
TRP CE2 CZ2  sing Y N 314 
TRP CE3 CZ3  doub Y N 315 
TRP CE3 HE3  sing N N 316 
TRP CZ2 CH2  doub Y N 317 
TRP CZ2 HZ2  sing N N 318 
TRP CZ3 CH2  sing Y N 319 
TRP CZ3 HZ3  sing N N 320 
TRP CH2 HH2  sing N N 321 
TRP OXT HXT  sing N N 322 
TYR N   CA   sing N N 323 
TYR N   H    sing N N 324 
TYR N   H2   sing N N 325 
TYR CA  C    sing N N 326 
TYR CA  CB   sing N N 327 
TYR CA  HA   sing N N 328 
TYR C   O    doub N N 329 
TYR C   OXT  sing N N 330 
TYR CB  CG   sing N N 331 
TYR CB  HB2  sing N N 332 
TYR CB  HB3  sing N N 333 
TYR CG  CD1  doub Y N 334 
TYR CG  CD2  sing Y N 335 
TYR CD1 CE1  sing Y N 336 
TYR CD1 HD1  sing N N 337 
TYR CD2 CE2  doub Y N 338 
TYR CD2 HD2  sing N N 339 
TYR CE1 CZ   doub Y N 340 
TYR CE1 HE1  sing N N 341 
TYR CE2 CZ   sing Y N 342 
TYR CE2 HE2  sing N N 343 
TYR CZ  OH   sing N N 344 
TYR OH  HH   sing N N 345 
TYR OXT HXT  sing N N 346 
VAL N   CA   sing N N 347 
VAL N   H    sing N N 348 
VAL N   H2   sing N N 349 
VAL CA  C    sing N N 350 
VAL CA  CB   sing N N 351 
VAL CA  HA   sing N N 352 
VAL C   O    doub N N 353 
VAL C   OXT  sing N N 354 
VAL CB  CG1  sing N N 355 
VAL CB  CG2  sing N N 356 
VAL CB  HB   sing N N 357 
VAL CG1 HG11 sing N N 358 
VAL CG1 HG12 sing N N 359 
VAL CG1 HG13 sing N N 360 
VAL CG2 HG21 sing N N 361 
VAL CG2 HG22 sing N N 362 
VAL CG2 HG23 sing N N 363 
VAL OXT HXT  sing N N 364 
# 
_pdbx_audit_support.funding_organization   'Biotechnology and Biological Sciences Research Council (BBSRC)' 
_pdbx_audit_support.country                'United Kingdom' 
_pdbx_audit_support.grant_number           ? 
_pdbx_audit_support.ordinal                1 
# 
_pdbx_initial_refinement_model.id               1 
_pdbx_initial_refinement_model.entity_id_list   ? 
_pdbx_initial_refinement_model.type             'in silico model' 
_pdbx_initial_refinement_model.source_name      AlphaFold 
_pdbx_initial_refinement_model.accession_code   AF-W9B759-F1 
_pdbx_initial_refinement_model.details          ? 
# 
_atom_sites.entry_id                    8QXP 
_atom_sites.Cartn_transf_matrix[1][1]   ? 
_atom_sites.Cartn_transf_matrix[1][2]   ? 
_atom_sites.Cartn_transf_matrix[1][3]   ? 
_atom_sites.Cartn_transf_matrix[2][1]   ? 
_atom_sites.Cartn_transf_matrix[2][2]   ? 
_atom_sites.Cartn_transf_matrix[2][3]   ? 
_atom_sites.Cartn_transf_matrix[3][1]   ? 
_atom_sites.Cartn_transf_matrix[3][2]   ? 
_atom_sites.Cartn_transf_matrix[3][3]   ? 
_atom_sites.Cartn_transf_vector[1]      ? 
_atom_sites.Cartn_transf_vector[2]      ? 
_atom_sites.Cartn_transf_vector[3]      ? 
_atom_sites.Cartn_transform_axes        ? 
_atom_sites.fract_transf_matrix[1][1]   -0.00371277 
_atom_sites.fract_transf_matrix[1][2]   -0.01023070 
_atom_sites.fract_transf_matrix[1][3]   0.00330050 
_atom_sites.fract_transf_matrix[2][1]   0.00662363 
_atom_sites.fract_transf_matrix[2][2]   -0.00165237 
_atom_sites.fract_transf_matrix[2][3]   0.00232906 
_atom_sites.fract_transf_matrix[3][1]   -0.00422862 
_atom_sites.fract_transf_matrix[3][2]   0.00702117 
_atom_sites.fract_transf_matrix[3][3]   0.01700702 
_atom_sites.fract_transf_vector[1]      -0.101241 
_atom_sites.fract_transf_vector[2]      -0.167192 
_atom_sites.fract_transf_vector[3]      0.282732 
_atom_sites.solution_primary            ? 
_atom_sites.solution_secondary          ? 
_atom_sites.solution_hydrogens          ? 
_atom_sites.special_details             ? 
# 
loop_
_atom_type.symbol 
C 
N 
O 
S 
# 
loop_
_atom_site.group_PDB 
_atom_site.id 
_atom_site.type_symbol 
_atom_site.label_atom_id 
_atom_site.label_alt_id 
_atom_site.label_comp_id 
_atom_site.label_asym_id 
_atom_site.label_entity_id 
_atom_site.label_seq_id 
_atom_site.pdbx_PDB_ins_code 
_atom_site.Cartn_x 
_atom_site.Cartn_y 
_atom_site.Cartn_z 
_atom_site.occupancy 
_atom_site.B_iso_or_equiv 
_atom_site.pdbx_formal_charge 
_atom_site.auth_seq_id 
_atom_site.auth_comp_id 
_atom_site.auth_asym_id 
_atom_site.auth_atom_id 
_atom_site.pdbx_PDB_model_num 
ATOM   1    N N   . GLU A 1 1   ? -23.925 4.187   -6.746  1.00 81.13  ? 35  GLU A N   1 
ATOM   2    C CA  . GLU A 1 1   ? -24.808 3.722   -7.815  1.00 97.94  ? 35  GLU A CA  1 
ATOM   3    C C   . GLU A 1 1   ? -24.074 2.783   -8.769  1.00 92.59  ? 35  GLU A C   1 
ATOM   4    O O   . GLU A 1 1   ? -22.850 2.830   -8.873  1.00 96.04  ? 35  GLU A O   1 
ATOM   5    C CB  . GLU A 1 1   ? -25.394 4.910   -8.585  1.00 98.38  ? 35  GLU A CB  1 
ATOM   6    C CG  . GLU A 1 1   ? -26.602 5.547   -7.912  1.00 114.39 ? 35  GLU A CG  1 
ATOM   7    C CD  . GLU A 1 1   ? -26.968 6.894   -8.507  1.00 120.96 ? 35  GLU A CD  1 
ATOM   8    O OE1 . GLU A 1 1   ? -26.303 7.317   -9.475  1.00 129.84 ? 35  GLU A OE1 1 
ATOM   9    O OE2 . GLU A 1 1   ? -27.926 7.525   -8.010  1.00 112.51 ? 35  GLU A OE2 1 
ATOM   10   N N   . ALA A 1 2   ? -24.827 1.934   -9.463  1.00 80.68  ? 36  ALA A N   1 
ATOM   11   C CA  . ALA A 1 2   ? -24.235 0.946   -10.351 1.00 79.74  ? 36  ALA A CA  1 
ATOM   12   C C   . ALA A 1 2   ? -23.742 1.596   -11.640 1.00 88.87  ? 36  ALA A C   1 
ATOM   13   O O   . ALA A 1 2   ? -24.189 2.675   -12.039 1.00 91.59  ? 36  ALA A O   1 
ATOM   14   C CB  . ALA A 1 2   ? -25.240 -0.157  -10.673 1.00 82.39  ? 36  ALA A CB  1 
ATOM   15   N N   . GLY A 1 3   ? -22.792 0.920   -12.289 1.00 94.68  ? 37  GLY A N   1 
ATOM   16   C CA  . GLY A 1 3   ? -22.224 1.385   -13.542 1.00 93.76  ? 37  GLY A CA  1 
ATOM   17   C C   . GLY A 1 3   ? -21.351 2.615   -13.395 1.00 88.77  ? 37  GLY A C   1 
ATOM   18   O O   . GLY A 1 3   ? -20.818 3.136   -14.380 1.00 94.59  ? 37  GLY A O   1 
ATOM   19   N N   . GLU A 1 4   ? -21.192 3.080   -12.161 1.00 86.08  ? 38  GLU A N   1 
ATOM   20   C CA  . GLU A 1 4   ? -20.471 4.310   -11.870 1.00 92.01  ? 38  GLU A CA  1 
ATOM   21   C C   . GLU A 1 4   ? -18.977 4.047   -11.740 1.00 97.54  ? 38  GLU A C   1 
ATOM   22   O O   . GLU A 1 4   ? -18.557 3.055   -11.137 1.00 104.32 ? 38  GLU A O   1 
ATOM   23   C CB  . GLU A 1 4   ? -21.011 4.936   -10.585 1.00 91.82  ? 38  GLU A CB  1 
ATOM   24   C CG  . GLU A 1 4   ? -20.308 6.201   -10.138 1.00 82.73  ? 38  GLU A CG  1 
ATOM   25   C CD  . GLU A 1 4   ? -20.930 6.782   -8.884  1.00 102.92 ? 38  GLU A CD  1 
ATOM   26   O OE1 . GLU A 1 4   ? -21.944 6.221   -8.416  1.00 114.94 ? 38  GLU A OE1 1 
ATOM   27   O OE2 . GLU A 1 4   ? -20.418 7.799   -8.370  1.00 110.68 ? 38  GLU A OE2 1 
ATOM   28   N N   . PHE A 1 5   ? -18.178 4.942   -12.316 1.00 91.10  ? 39  PHE A N   1 
ATOM   29   C CA  . PHE A 1 5   ? -16.728 4.916   -12.185 1.00 91.83  ? 39  PHE A CA  1 
ATOM   30   C C   . PHE A 1 5   ? -16.283 6.208   -11.518 1.00 86.80  ? 39  PHE A C   1 
ATOM   31   O O   . PHE A 1 5   ? -16.633 7.297   -11.982 1.00 95.97  ? 39  PHE A O   1 
ATOM   32   C CB  . PHE A 1 5   ? -16.046 4.754   -13.551 1.00 92.65  ? 39  PHE A CB  1 
ATOM   33   C CG  . PHE A 1 5   ? -14.538 4.743   -13.484 1.00 103.30 ? 39  PHE A CG  1 
ATOM   34   C CD1 . PHE A 1 5   ? -13.845 3.543   -13.462 1.00 110.69 ? 39  PHE A CD1 1 
ATOM   35   C CD2 . PHE A 1 5   ? -13.812 5.928   -13.470 1.00 105.60 ? 39  PHE A CD2 1 
ATOM   36   C CE1 . PHE A 1 5   ? -12.461 3.521   -13.404 1.00 118.26 ? 39  PHE A CE1 1 
ATOM   37   C CE2 . PHE A 1 5   ? -12.426 5.911   -13.410 1.00 103.18 ? 39  PHE A CE2 1 
ATOM   38   C CZ  . PHE A 1 5   ? -11.753 4.706   -13.379 1.00 102.65 ? 39  PHE A CZ  1 
ATOM   39   N N   . PHE A 1 6   ? -15.510 6.090   -10.439 1.00 81.94  ? 40  PHE A N   1 
ATOM   40   C CA  . PHE A 1 6   ? -15.028 7.265   -9.730  1.00 81.76  ? 40  PHE A CA  1 
ATOM   41   C C   . PHE A 1 6   ? -13.569 7.076   -9.337  1.00 77.10  ? 40  PHE A C   1 
ATOM   42   O O   . PHE A 1 6   ? -13.009 5.980   -9.420  1.00 80.69  ? 40  PHE A O   1 
ATOM   43   C CB  . PHE A 1 6   ? -15.892 7.586   -8.502  1.00 81.21  ? 40  PHE A CB  1 
ATOM   44   C CG  . PHE A 1 6   ? -15.993 6.471   -7.498  1.00 80.13  ? 40  PHE A CG  1 
ATOM   45   C CD1 . PHE A 1 6   ? -16.862 5.412   -7.701  1.00 77.63  ? 40  PHE A CD1 1 
ATOM   46   C CD2 . PHE A 1 6   ? -15.258 6.512   -6.326  1.00 87.09  ? 40  PHE A CD2 1 
ATOM   47   C CE1 . PHE A 1 6   ? -16.971 4.400   -6.769  1.00 82.77  ? 40  PHE A CE1 1 
ATOM   48   C CE2 . PHE A 1 6   ? -15.365 5.502   -5.389  1.00 77.43  ? 40  PHE A CE2 1 
ATOM   49   C CZ  . PHE A 1 6   ? -16.225 4.448   -5.608  1.00 73.05  ? 40  PHE A CZ  1 
ATOM   50   N N   . ILE A 1 7   ? -12.950 8.176   -8.922  1.00 66.79  ? 41  ILE A N   1 
ATOM   51   C CA  . ILE A 1 7   ? -11.529 8.210   -8.604  1.00 66.68  ? 41  ILE A CA  1 
ATOM   52   C C   . ILE A 1 7   ? -11.343 9.029   -7.338  1.00 64.18  ? 41  ILE A C   1 
ATOM   53   O O   . ILE A 1 7   ? -11.841 10.155  -7.244  1.00 54.06  ? 41  ILE A O   1 
ATOM   54   C CB  . ILE A 1 7   ? -10.696 8.808   -9.754  1.00 68.48  ? 41  ILE A CB  1 
ATOM   55   C CG1 . ILE A 1 7   ? -10.723 7.891   -10.979 1.00 73.84  ? 41  ILE A CG1 1 
ATOM   56   C CG2 . ILE A 1 7   ? -9.267  9.061   -9.298  1.00 62.25  ? 41  ILE A CG2 1 
ATOM   57   C CD1 . ILE A 1 7   ? -9.996  8.461   -12.178 1.00 70.36  ? 41  ILE A CD1 1 
ATOM   58   N N   . ARG A 1 8   ? -10.633 8.469   -6.367  1.00 69.22  ? 42  ARG A N   1 
ATOM   59   C CA  . ARG A 1 8   ? -10.285 9.189   -5.153  1.00 69.43  ? 42  ARG A CA  1 
ATOM   60   C C   . ARG A 1 8   ? -8.833  9.641   -5.226  1.00 63.01  ? 42  ARG A C   1 
ATOM   61   O O   . ARG A 1 8   ? -7.992  8.997   -5.859  1.00 60.46  ? 42  ARG A O   1 
ATOM   62   C CB  . ARG A 1 8   ? -10.499 8.322   -3.909  1.00 55.75  ? 42  ARG A CB  1 
ATOM   63   C CG  . ARG A 1 8   ? -11.845 7.624   -3.837  1.00 59.10  ? 42  ARG A CG  1 
ATOM   64   C CD  . ARG A 1 8   ? -11.960 6.817   -2.554  1.00 67.69  ? 42  ARG A CD  1 
ATOM   65   N NE  . ARG A 1 8   ? -13.301 6.277   -2.354  1.00 66.46  ? 42  ARG A NE  1 
ATOM   66   C CZ  . ARG A 1 8   ? -13.628 5.007   -2.565  1.00 68.58  ? 42  ARG A CZ  1 
ATOM   67   N NH1 . ARG A 1 8   ? -12.713 4.151   -3.000  1.00 77.21  ? 42  ARG A NH1 1 
ATOM   68   N NH2 . ARG A 1 8   ? -14.869 4.595   -2.354  1.00 67.36  ? 42  ARG A NH2 1 
ATOM   69   N N   . ALA A 1 9   ? -8.550  10.766  -4.578  1.00 46.92  ? 43  ALA A N   1 
ATOM   70   C CA  . ALA A 1 9   ? -7.197  11.291  -4.507  1.00 51.56  ? 43  ALA A CA  1 
ATOM   71   C C   . ALA A 1 9   ? -6.941  11.798  -3.100  1.00 58.99  ? 43  ALA A C   1 
ATOM   72   O O   . ALA A 1 9   ? -7.816  12.414  -2.485  1.00 62.24  ? 43  ALA A O   1 
ATOM   73   C CB  . ALA A 1 9   ? -6.968  12.416  -5.522  1.00 49.21  ? 43  ALA A CB  1 
ATOM   74   N N   . GLY A 1 10  ? -5.747  11.530  -2.591  1.00 59.84  ? 44  GLY A N   1 
ATOM   75   C CA  . GLY A 1 10  ? -5.414  11.992  -1.254  1.00 63.13  ? 44  GLY A CA  1 
ATOM   76   C C   . GLY A 1 10  ? -4.107  11.406  -0.778  1.00 69.57  ? 44  GLY A C   1 
ATOM   77   O O   . GLY A 1 10  ? -3.236  11.050  -1.580  1.00 68.40  ? 44  GLY A O   1 
ATOM   78   N N   . THR A 1 11  ? -3.985  11.311  0.540   1.00 63.59  ? 45  THR A N   1 
ATOM   79   C CA  . THR A 1 11  ? -2.794  10.772  1.170   1.00 54.99  ? 45  THR A CA  1 
ATOM   80   C C   . THR A 1 11  ? -2.955  9.279   1.407   1.00 68.39  ? 45  THR A C   1 
ATOM   81   O O   . THR A 1 11  ? -4.025  8.816   1.808   1.00 64.77  ? 45  THR A O   1 
ATOM   82   C CB  . THR A 1 11  ? -2.522  11.478  2.497   1.00 66.95  ? 45  THR A CB  1 
ATOM   83   O OG1 . THR A 1 11  ? -3.453  11.009  3.481   1.00 66.57  ? 45  THR A OG1 1 
ATOM   84   C CG2 . THR A 1 11  ? -2.662  12.985  2.342   1.00 73.43  ? 45  THR A CG2 1 
ATOM   85   N N   . ALA A 1 12  ? -1.884  8.535   1.141   1.00 78.09  ? 46  ALA A N   1 
ATOM   86   C CA  . ALA A 1 12  ? -1.777  7.121   1.479   1.00 55.01  ? 46  ALA A CA  1 
ATOM   87   C C   . ALA A 1 12  ? -0.529  6.940   2.326   1.00 61.36  ? 46  ALA A C   1 
ATOM   88   O O   . ALA A 1 12  ? 0.586   7.175   1.850   1.00 67.44  ? 46  ALA A O   1 
ATOM   89   C CB  . ALA A 1 12  ? -1.708  6.249   0.226   1.00 50.59  ? 46  ALA A CB  1 
ATOM   90   N N   . THR A 1 13  ? -0.717  6.538   3.578   1.00 72.23  ? 47  THR A N   1 
ATOM   91   C CA  . THR A 1 13  ? 0.380   6.332   4.511   1.00 62.84  ? 47  THR A CA  1 
ATOM   92   C C   . THR A 1 13  ? 0.547   4.842   4.760   1.00 69.16  ? 47  THR A C   1 
ATOM   93   O O   . THR A 1 13  ? -0.427  4.151   5.079   1.00 67.79  ? 47  THR A O   1 
ATOM   94   C CB  . THR A 1 13  ? 0.121   7.061   5.830   1.00 51.42  ? 47  THR A CB  1 
ATOM   95   O OG1 . THR A 1 13  ? 0.291   8.467   5.633   1.00 66.27  ? 47  THR A OG1 1 
ATOM   96   C CG2 . THR A 1 13  ? 1.093   6.593   6.897   1.00 62.32  ? 47  THR A CG2 1 
ATOM   97   N N   . VAL A 1 14  ? 1.775   4.352   4.609   1.00 66.38  ? 48  VAL A N   1 
ATOM   98   C CA  . VAL A 1 14  ? 2.098   2.944   4.801   1.00 67.38  ? 48  VAL A CA  1 
ATOM   99   C C   . VAL A 1 14  ? 2.925   2.813   6.071   1.00 65.17  ? 48  VAL A C   1 
ATOM   100  O O   . VAL A 1 14  ? 3.896   3.554   6.266   1.00 59.58  ? 48  VAL A O   1 
ATOM   101  C CB  . VAL A 1 14  ? 2.847   2.369   3.586   1.00 67.60  ? 48  VAL A CB  1 
ATOM   102  C CG1 . VAL A 1 14  ? 3.603   1.106   3.966   1.00 72.67  ? 48  VAL A CG1 1 
ATOM   103  C CG2 . VAL A 1 14  ? 1.868   2.085   2.457   1.00 61.06  ? 48  VAL A CG2 1 
ATOM   104  N N   . ARG A 1 15  ? 2.534   1.879   6.934   1.00 71.47  ? 49  ARG A N   1 
ATOM   105  C CA  . ARG A 1 15  ? 3.277   1.578   8.159   1.00 74.02  ? 49  ARG A CA  1 
ATOM   106  C C   . ARG A 1 15  ? 3.644   0.103   8.194   1.00 75.47  ? 49  ARG A C   1 
ATOM   107  O O   . ARG A 1 15  ? 2.753   -0.748  8.379   1.00 77.49  ? 49  ARG A O   1 
ATOM   108  C CB  . ARG A 1 15  ? 2.469   1.948   9.404   1.00 71.85  ? 49  ARG A CB  1 
ATOM   109  C CG  . ARG A 1 15  ? 2.232   3.439   9.555   1.00 94.95  ? 49  ARG A CG  1 
ATOM   110  C CD  . ARG A 1 15  ? 1.404   3.775   10.784  1.00 99.55  ? 49  ARG A CD  1 
ATOM   111  N NE  . ARG A 1 15  ? 1.121   5.206   10.850  1.00 105.10 ? 49  ARG A NE  1 
ATOM   112  C CZ  . ARG A 1 15  ? 0.363   5.779   11.778  1.00 111.06 ? 49  ARG A CZ  1 
ATOM   113  N NH1 . ARG A 1 15  ? -0.195  5.042   12.729  1.00 108.22 ? 49  ARG A NH1 1 
ATOM   114  N NH2 . ARG A 1 15  ? 0.162   7.090   11.756  1.00 116.86 ? 49  ARG A NH2 1 
ATOM   115  N N   . PRO A 1 16  ? 4.916   -0.250  8.015   1.00 76.48  ? 50  PRO A N   1 
ATOM   116  C CA  . PRO A 1 16  ? 5.329   -1.647  8.189   1.00 73.29  ? 50  PRO A CA  1 
ATOM   117  C C   . PRO A 1 16  ? 5.069   -2.130  9.609   1.00 78.49  ? 50  PRO A C   1 
ATOM   118  O O   . PRO A 1 16  ? 5.060   -1.349  10.563  1.00 91.11  ? 50  PRO A O   1 
ATOM   119  C CB  . PRO A 1 16  ? 6.829   -1.614  7.876   1.00 85.09  ? 50  PRO A CB  1 
ATOM   120  C CG  . PRO A 1 16  ? 7.011   -0.391  7.025   1.00 77.67  ? 50  PRO A CG  1 
ATOM   121  C CD  . PRO A 1 16  ? 6.014   0.603   7.531   1.00 71.50  ? 50  PRO A CD  1 
ATOM   122  N N   . THR A 1 17  ? 4.864   -3.440  9.746   1.00 81.86  ? 51  THR A N   1 
ATOM   123  C CA  . THR A 1 17  ? 4.423   -3.996  11.020  1.00 84.84  ? 51  THR A CA  1 
ATOM   124  C C   . THR A 1 17  ? 5.011   -5.363  11.351  1.00 101.53 ? 51  THR A C   1 
ATOM   125  O O   . THR A 1 17  ? 4.958   -5.756  12.520  1.00 115.57 ? 51  THR A O   1 
ATOM   126  C CB  . THR A 1 17  ? 2.884   -4.094  11.034  1.00 93.30  ? 51  THR A CB  1 
ATOM   127  O OG1 . THR A 1 17  ? 2.328   -2.859  10.568  1.00 101.66 ? 51  THR A OG1 1 
ATOM   128  C CG2 . THR A 1 17  ? 2.347   -4.353  12.439  1.00 101.96 ? 51  THR A CG2 1 
ATOM   129  N N   . GLU A 1 18  ? 5.611   -6.069  10.390  1.00 91.10  ? 52  GLU A N   1 
ATOM   130  C CA  . GLU A 1 18  ? 5.963   -7.496  10.491  1.00 97.93  ? 52  GLU A CA  1 
ATOM   131  C C   . GLU A 1 18  ? 4.906   -8.294  11.255  1.00 96.77  ? 52  GLU A C   1 
ATOM   132  O O   . GLU A 1 18  ? 4.892   -9.524  11.213  1.00 86.82  ? 52  GLU A O   1 
ATOM   133  C CB  . GLU A 1 18  ? 7.339   -7.716  11.148  1.00 91.97  ? 52  GLU A CB  1 
ATOM   134  C CG  . GLU A 1 18  ? 7.472   -7.283  12.603  1.00 94.38  ? 52  GLU A CG  1 
ATOM   135  C CD  . GLU A 1 18  ? 8.853   -7.542  13.168  1.00 100.17 ? 52  GLU A CD  1 
ATOM   136  O OE1 . GLU A 1 18  ? 9.683   -8.142  12.457  1.00 109.24 ? 52  GLU A OE1 1 
ATOM   137  O OE2 . GLU A 1 18  ? 9.103   -7.158  14.331  1.00 113.63 ? 52  GLU A OE2 1 
ATOM   138  N N   . ASN A 1 31  ? 13.907  -2.738  11.839  1.00 71.51  ? 65  ASN A N   1 
ATOM   139  C CA  . ASN A 1 31  ? 13.035  -1.610  12.163  1.00 88.84  ? 65  ASN A CA  1 
ATOM   140  C C   . ASN A 1 31  ? 12.888  -0.648  10.973  1.00 91.48  ? 65  ASN A C   1 
ATOM   141  O O   . ASN A 1 31  ? 13.810  0.101   10.648  1.00 80.83  ? 65  ASN A O   1 
ATOM   142  C CB  . ASN A 1 31  ? 13.576  -0.873  13.392  1.00 85.38  ? 65  ASN A CB  1 
ATOM   143  C CG  . ASN A 1 31  ? 12.485  -0.183  14.189  1.00 114.20 ? 65  ASN A CG  1 
ATOM   144  O OD1 . ASN A 1 31  ? 11.497  0.297   13.633  1.00 125.20 ? 65  ASN A OD1 1 
ATOM   145  N ND2 . ASN A 1 31  ? 12.648  -0.153  15.505  1.00 108.90 ? 65  ASN A ND2 1 
ATOM   146  N N   . VAL A 1 32  ? 11.715  -0.664  10.339  1.00 88.92  ? 66  VAL A N   1 
ATOM   147  C CA  . VAL A 1 32  ? 11.478  0.040   9.084   1.00 87.08  ? 66  VAL A CA  1 
ATOM   148  C C   . VAL A 1 32  ? 10.568  1.239   9.335   1.00 82.05  ? 66  VAL A C   1 
ATOM   149  O O   . VAL A 1 32  ? 9.703   1.213   10.217  1.00 80.61  ? 66  VAL A O   1 
ATOM   150  C CB  . VAL A 1 32  ? 10.872  -0.919  8.036   1.00 82.73  ? 66  VAL A CB  1 
ATOM   151  C CG1 . VAL A 1 32  ? 10.603  -0.204  6.717   1.00 65.81  ? 66  VAL A CG1 1 
ATOM   152  C CG2 . VAL A 1 32  ? 11.783  -2.119  7.837   1.00 90.58  ? 66  VAL A CG2 1 
ATOM   153  N N   . SER A 1 33  ? 10.765  2.292   8.543   1.00 76.72  ? 67  SER A N   1 
ATOM   154  C CA  . SER A 1 33  ? 10.075  3.558   8.738   1.00 67.95  ? 67  SER A CA  1 
ATOM   155  C C   . SER A 1 33  ? 8.773   3.612   7.944   1.00 75.79  ? 67  SER A C   1 
ATOM   156  O O   . SER A 1 33  ? 8.484   2.760   7.102   1.00 82.63  ? 67  SER A O   1 
ATOM   157  C CB  . SER A 1 33  ? 10.967  4.730   8.324   1.00 74.86  ? 67  SER A CB  1 
ATOM   158  O OG  . SER A 1 33  ? 11.192  4.723   6.924   1.00 68.63  ? 67  SER A OG  1 
ATOM   159  N N   . ASN A 1 34  ? 7.992   4.654   8.216   1.00 76.90  ? 68  ASN A N   1 
ATOM   160  C CA  . ASN A 1 34  ? 6.743   4.926   7.526   1.00 67.53  ? 68  ASN A CA  1 
ATOM   161  C C   . ASN A 1 34  ? 6.950   5.997   6.463   1.00 71.99  ? 68  ASN A C   1 
ATOM   162  O O   . ASN A 1 34  ? 7.889   6.795   6.525   1.00 78.05  ? 68  ASN A O   1 
ATOM   163  C CB  . ASN A 1 34  ? 5.665   5.379   8.514   1.00 72.59  ? 68  ASN A CB  1 
ATOM   164  C CG  . ASN A 1 34  ? 5.450   4.387   9.637   1.00 82.24  ? 68  ASN A CG  1 
ATOM   165  O OD1 . ASN A 1 34  ? 5.678   3.188   9.476   1.00 86.70  ? 68  ASN A OD1 1 
ATOM   166  N ND2 . ASN A 1 34  ? 5.009   4.884   10.787  1.00 87.85  ? 68  ASN A ND2 1 
ATOM   167  N N   . ASN A 1 35  ? 6.054   6.010   5.480   1.00 61.64  ? 69  ASN A N   1 
ATOM   168  C CA  . ASN A 1 35  ? 6.126   7.001   4.419   1.00 67.84  ? 69  ASN A CA  1 
ATOM   169  C C   . ASN A 1 35  ? 4.723   7.271   3.898   1.00 75.38  ? 69  ASN A C   1 
ATOM   170  O O   . ASN A 1 35  ? 3.924   6.345   3.732   1.00 74.11  ? 69  ASN A O   1 
ATOM   171  C CB  . ASN A 1 35  ? 7.038   6.541   3.277   1.00 64.78  ? 69  ASN A CB  1 
ATOM   172  C CG  . ASN A 1 35  ? 7.336   7.652   2.287   1.00 79.89  ? 69  ASN A CG  1 
ATOM   173  O OD1 . ASN A 1 35  ? 6.867   7.632   1.148   1.00 69.91  ? 69  ASN A OD1 1 
ATOM   174  N ND2 . ASN A 1 35  ? 8.124   8.630   2.719   1.00 87.99  ? 69  ASN A ND2 1 
ATOM   175  N N   . THR A 1 36  ? 4.434   8.543   3.646   1.00 71.34  ? 70  THR A N   1 
ATOM   176  C CA  . THR A 1 36  ? 3.136   8.979   3.156   1.00 67.52  ? 70  THR A CA  1 
ATOM   177  C C   . THR A 1 36  ? 3.287   9.450   1.717   1.00 70.26  ? 70  THR A C   1 
ATOM   178  O O   . THR A 1 36  ? 4.183   10.243  1.410   1.00 73.42  ? 70  THR A O   1 
ATOM   179  C CB  . THR A 1 36  ? 2.575   10.102  4.028   1.00 70.02  ? 70  THR A CB  1 
ATOM   180  O OG1 . THR A 1 36  ? 2.180   9.564   5.294   1.00 80.24  ? 70  THR A OG1 1 
ATOM   181  C CG2 . THR A 1 36  ? 1.364   10.734  3.364   1.00 57.41  ? 70  THR A CG2 1 
ATOM   182  N N   . GLN A 1 37  ? 2.415   8.960   0.839   1.00 63.55  ? 71  GLN A N   1 
ATOM   183  C CA  . GLN A 1 37  ? 2.530   9.245   -0.581  1.00 65.65  ? 71  GLN A CA  1 
ATOM   184  C C   . GLN A 1 37  ? 1.158   9.556   -1.158  1.00 70.88  ? 71  GLN A C   1 
ATOM   185  O O   . GLN A 1 37  ? 0.122   9.349   -0.517  1.00 67.08  ? 71  GLN A O   1 
ATOM   186  C CB  . GLN A 1 37  ? 3.166   8.071   -1.332  1.00 61.07  ? 71  GLN A CB  1 
ATOM   187  C CG  . GLN A 1 37  ? 4.626   7.876   -1.016  1.00 65.50  ? 71  GLN A CG  1 
ATOM   188  C CD  . GLN A 1 37  ? 5.521   8.779   -1.831  1.00 71.10  ? 71  GLN A CD  1 
ATOM   189  O OE1 . GLN A 1 37  ? 5.049   9.561   -2.655  1.00 77.30  ? 71  GLN A OE1 1 
ATOM   190  N NE2 . GLN A 1 37  ? 6.825   8.669   -1.613  1.00 71.31  ? 71  GLN A NE2 1 
ATOM   191  N N   . LEU A 1 38  ? 1.161   10.061  -2.388  1.00 55.90  ? 72  LEU A N   1 
ATOM   192  C CA  . LEU A 1 38  ? -0.084  10.278  -3.106  1.00 51.78  ? 72  LEU A CA  1 
ATOM   193  C C   . LEU A 1 38  ? -0.723  8.939   -3.436  1.00 57.03  ? 72  LEU A C   1 
ATOM   194  O O   . LEU A 1 38  ? -0.075  8.058   -4.008  1.00 52.21  ? 72  LEU A O   1 
ATOM   195  C CB  . LEU A 1 38  ? 0.163   11.075  -4.385  1.00 68.82  ? 72  LEU A CB  1 
ATOM   196  C CG  . LEU A 1 38  ? -1.071  11.332  -5.253  1.00 59.27  ? 72  LEU A CG  1 
ATOM   197  C CD1 . LEU A 1 38  ? -2.090  12.196  -4.517  1.00 49.64  ? 72  LEU A CD1 1 
ATOM   198  C CD2 . LEU A 1 38  ? -0.664  11.967  -6.565  1.00 61.56  ? 72  LEU A CD2 1 
ATOM   199  N N   . GLY A 1 39  ? -1.994  8.789   -3.069  1.00 59.82  ? 73  GLY A N   1 
ATOM   200  C CA  . GLY A 1 39  ? -2.742  7.586   -3.367  1.00 59.11  ? 73  GLY A CA  1 
ATOM   201  C C   . GLY A 1 39  ? -3.945  7.832   -4.253  1.00 57.56  ? 73  GLY A C   1 
ATOM   202  O O   . GLY A 1 39  ? -4.767  8.712   -3.975  1.00 60.39  ? 73  GLY A O   1 
ATOM   203  N N   . LEU A 1 40  ? -4.061  7.059   -5.328  1.00 46.48  ? 74  LEU A N   1 
ATOM   204  C CA  . LEU A 1 40  ? -5.194  7.136   -6.239  1.00 44.20  ? 74  LEU A CA  1 
ATOM   205  C C   . LEU A 1 40  ? -5.895  5.790   -6.283  1.00 57.14  ? 74  LEU A C   1 
ATOM   206  O O   . LEU A 1 40  ? -5.249  4.757   -6.490  1.00 62.80  ? 74  LEU A O   1 
ATOM   207  C CB  . LEU A 1 40  ? -4.751  7.527   -7.649  1.00 51.39  ? 74  LEU A CB  1 
ATOM   208  C CG  . LEU A 1 40  ? -4.815  9.005   -8.021  1.00 54.27  ? 74  LEU A CG  1 
ATOM   209  C CD1 . LEU A 1 40  ? -3.692  9.783   -7.350  1.00 64.75  ? 74  LEU A CD1 1 
ATOM   210  C CD2 . LEU A 1 40  ? -4.753  9.147   -9.529  1.00 57.93  ? 74  LEU A CD2 1 
ATOM   211  N N   . THR A 1 41  ? -7.210  5.800   -6.090  1.00 66.07  ? 75  THR A N   1 
ATOM   212  C CA  . THR A 1 41  ? -8.027  4.621   -6.322  1.00 69.96  ? 75  THR A CA  1 
ATOM   213  C C   . THR A 1 41  ? -8.850  4.841   -7.584  1.00 72.40  ? 75  THR A C   1 
ATOM   214  O O   . THR A 1 41  ? -9.201  5.973   -7.926  1.00 61.97  ? 75  THR A O   1 
ATOM   215  C CB  . THR A 1 41  ? -8.957  4.320   -5.138  1.00 60.93  ? 75  THR A CB  1 
ATOM   216  O OG1 . THR A 1 41  ? -9.927  5.364   -5.010  1.00 78.92  ? 75  THR A OG1 1 
ATOM   217  C CG2 . THR A 1 41  ? -8.161  4.236   -3.845  1.00 48.30  ? 75  THR A CG2 1 
ATOM   218  N N   . PHE A 1 42  ? -9.142  3.745   -8.283  1.00 74.12  ? 76  PHE A N   1 
ATOM   219  C CA  . PHE A 1 42  ? -9.950  3.763   -9.505  1.00 72.37  ? 76  PHE A CA  1 
ATOM   220  C C   . PHE A 1 42  ? -11.018 2.690   -9.331  1.00 77.66  ? 76  PHE A C   1 
ATOM   221  O O   . PHE A 1 42  ? -10.867 1.558   -9.796  1.00 78.06  ? 76  PHE A O   1 
ATOM   222  C CB  . PHE A 1 42  ? -9.090  3.530   -10.751 1.00 71.79  ? 76  PHE A CB  1 
ATOM   223  C CG  . PHE A 1 42  ? -7.861  4.391   -10.806 1.00 79.32  ? 76  PHE A CG  1 
ATOM   224  C CD1 . PHE A 1 42  ? -6.687  3.989   -10.188 1.00 86.19  ? 76  PHE A CD1 1 
ATOM   225  C CD2 . PHE A 1 42  ? -7.874  5.602   -11.478 1.00 82.30  ? 76  PHE A CD2 1 
ATOM   226  C CE1 . PHE A 1 42  ? -5.552  4.780   -10.232 1.00 83.10  ? 76  PHE A CE1 1 
ATOM   227  C CE2 . PHE A 1 42  ? -6.741  6.399   -11.529 1.00 87.90  ? 76  PHE A CE2 1 
ATOM   228  C CZ  . PHE A 1 42  ? -5.579  5.986   -10.905 1.00 78.27  ? 76  PHE A CZ  1 
ATOM   229  N N   . THR A 1 43  ? -12.098 3.054   -8.648  1.00 77.32  ? 77  THR A N   1 
ATOM   230  C CA  . THR A 1 43  ? -13.167 2.116   -8.340  1.00 80.82  ? 77  THR A CA  1 
ATOM   231  C C   . THR A 1 43  ? -14.209 2.108   -9.451  1.00 80.82  ? 77  THR A C   1 
ATOM   232  O O   . THR A 1 43  ? -14.567 3.158   -9.991  1.00 86.65  ? 77  THR A O   1 
ATOM   233  C CB  . THR A 1 43  ? -13.834 2.486   -7.017  1.00 74.11  ? 77  THR A CB  1 
ATOM   234  O OG1 . THR A 1 43  ? -12.832 2.761   -6.033  1.00 76.23  ? 77  THR A OG1 1 
ATOM   235  C CG2 . THR A 1 43  ? -14.713 1.347   -6.527  1.00 73.02  ? 77  THR A CG2 1 
ATOM   236  N N   . TYR A 1 44  ? -14.691 0.917   -9.788  1.00 77.55  ? 78  TYR A N   1 
ATOM   237  C CA  . TYR A 1 44  ? -15.847 0.755   -10.657 1.00 87.91  ? 78  TYR A CA  1 
ATOM   238  C C   . TYR A 1 44  ? -16.913 -0.038  -9.914  1.00 90.79  ? 78  TYR A C   1 
ATOM   239  O O   . TYR A 1 44  ? -16.632 -1.114  -9.379  1.00 91.44  ? 78  TYR A O   1 
ATOM   240  C CB  . TYR A 1 44  ? -15.483 0.051   -11.967 1.00 92.67  ? 78  TYR A CB  1 
ATOM   241  C CG  . TYR A 1 44  ? -16.684 -0.204  -12.853 1.00 100.20 ? 78  TYR A CG  1 
ATOM   242  C CD1 . TYR A 1 44  ? -17.373 -1.410  -12.799 1.00 91.06  ? 78  TYR A CD1 1 
ATOM   243  C CD2 . TYR A 1 44  ? -17.144 0.774   -13.725 1.00 104.71 ? 78  TYR A CD2 1 
ATOM   244  C CE1 . TYR A 1 44  ? -18.475 -1.640  -13.601 1.00 94.80  ? 78  TYR A CE1 1 
ATOM   245  C CE2 . TYR A 1 44  ? -18.246 0.553   -14.528 1.00 114.71 ? 78  TYR A CE2 1 
ATOM   246  C CZ  . TYR A 1 44  ? -18.907 -0.655  -14.462 1.00 106.58 ? 78  TYR A CZ  1 
ATOM   247  O OH  . TYR A 1 44  ? -20.004 -0.871  -15.263 1.00 98.06  ? 78  TYR A OH  1 
ATOM   248  N N   . MET A 1 45  ? -18.132 0.494   -9.890  1.00 78.97  ? 79  MET A N   1 
ATOM   249  C CA  . MET A 1 45  ? -19.247 -0.193  -9.253  1.00 88.73  ? 79  MET A CA  1 
ATOM   250  C C   . MET A 1 45  ? -19.864 -1.192  -10.227 1.00 93.06  ? 79  MET A C   1 
ATOM   251  O O   . MET A 1 45  ? -20.350 -0.805  -11.295 1.00 98.75  ? 79  MET A O   1 
ATOM   252  C CB  . MET A 1 45  ? -20.289 0.817   -8.776  1.00 83.60  ? 79  MET A CB  1 
ATOM   253  C CG  . MET A 1 45  ? -19.766 1.808   -7.751  1.00 79.01  ? 79  MET A CG  1 
ATOM   254  S SD  . MET A 1 45  ? -19.406 0.992   -6.183  1.00 92.18  ? 79  MET A SD  1 
ATOM   255  C CE  . MET A 1 45  ? -21.039 0.443   -5.699  1.00 93.24  ? 79  MET A CE  1 
ATOM   256  N N   . ALA A 1 46  ? -19.836 -2.476  -9.863  1.00 93.73  ? 80  ALA A N   1 
ATOM   257  C CA  . ALA A 1 46  ? -20.488 -3.498  -10.679 1.00 83.91  ? 80  ALA A CA  1 
ATOM   258  C C   . ALA A 1 46  ? -21.997 -3.495  -10.452 1.00 92.37  ? 80  ALA A C   1 
ATOM   259  O O   . ALA A 1 46  ? -22.776 -3.285  -11.388 1.00 93.09  ? 80  ALA A O   1 
ATOM   260  C CB  . ALA A 1 46  ? -19.895 -4.877  -10.374 1.00 70.88  ? 80  ALA A CB  1 
ATOM   261  N N   . THR A 1 47  ? -22.423 -3.726  -9.214  1.00 87.21  ? 81  THR A N   1 
ATOM   262  C CA  . THR A 1 47  ? -23.822 -3.641  -8.830  1.00 86.00  ? 81  THR A CA  1 
ATOM   263  C C   . THR A 1 47  ? -24.054 -2.326  -8.083  1.00 95.15  ? 81  THR A C   1 
ATOM   264  O O   . THR A 1 47  ? -23.234 -1.402  -8.158  1.00 92.16  ? 81  THR A O   1 
ATOM   265  C CB  . THR A 1 47  ? -24.202 -4.853  -7.972  1.00 83.68  ? 81  THR A CB  1 
ATOM   266  O OG1 . THR A 1 47  ? -23.474 -4.805  -6.740  1.00 85.65  ? 81  THR A OG1 1 
ATOM   267  C CG2 . THR A 1 47  ? -23.859 -6.144  -8.692  1.00 86.08  ? 81  THR A CG2 1 
ATOM   268  N N   . ASP A 1 48  ? -25.165 -2.233  -7.353  1.00 90.38  ? 82  ASP A N   1 
ATOM   269  C CA  . ASP A 1 48  ? -25.355 -1.114  -6.439  1.00 97.14  ? 82  ASP A CA  1 
ATOM   270  C C   . ASP A 1 48  ? -24.526 -1.258  -5.170  1.00 94.77  ? 82  ASP A C   1 
ATOM   271  O O   . ASP A 1 48  ? -24.434 -0.298  -4.397  1.00 89.11  ? 82  ASP A O   1 
ATOM   272  C CB  . ASP A 1 48  ? -26.834 -0.965  -6.068  1.00 97.16  ? 82  ASP A CB  1 
ATOM   273  C CG  . ASP A 1 48  ? -27.682 -0.477  -7.226  1.00 92.33  ? 82  ASP A CG  1 
ATOM   274  O OD1 . ASP A 1 48  ? -27.142 0.219   -8.109  1.00 96.35  ? 82  ASP A OD1 1 
ATOM   275  O OD2 . ASP A 1 48  ? -28.892 -0.781  -7.245  1.00 103.55 ? 82  ASP A OD2 1 
ATOM   276  N N   . ASN A 1 49  ? -23.916 -2.422  -4.948  1.00 92.33  ? 83  ASN A N   1 
ATOM   277  C CA  . ASN A 1 49  ? -23.167 -2.690  -3.730  1.00 87.94  ? 83  ASN A CA  1 
ATOM   278  C C   . ASN A 1 49  ? -21.815 -3.350  -3.960  1.00 85.86  ? 83  ASN A C   1 
ATOM   279  O O   . ASN A 1 49  ? -20.976 -3.315  -3.050  1.00 92.17  ? 83  ASN A O   1 
ATOM   280  C CB  . ASN A 1 49  ? -23.996 -3.573  -2.785  1.00 90.42  ? 83  ASN A CB  1 
ATOM   281  C CG  . ASN A 1 49  ? -25.344 -2.961  -2.453  1.00 86.19  ? 83  ASN A CG  1 
ATOM   282  O OD1 . ASN A 1 49  ? -25.437 -2.055  -1.628  1.00 88.48  ? 83  ASN A OD1 1 
ATOM   283  N ND2 . ASN A 1 49  ? -26.396 -3.449  -3.103  1.00 77.35  ? 83  ASN A ND2 1 
ATOM   284  N N   . ILE A 1 50  ? -21.571 -3.946  -5.126  1.00 80.18  ? 84  ILE A N   1 
ATOM   285  C CA  . ILE A 1 50  ? -20.294 -4.580  -5.439  1.00 86.55  ? 84  ILE A CA  1 
ATOM   286  C C   . ILE A 1 50  ? -19.442 -3.606  -6.237  1.00 91.83  ? 84  ILE A C   1 
ATOM   287  O O   . ILE A 1 50  ? -19.901 -3.039  -7.237  1.00 89.68  ? 84  ILE A O   1 
ATOM   288  C CB  . ILE A 1 50  ? -20.490 -5.897  -6.213  1.00 74.89  ? 84  ILE A CB  1 
ATOM   289  C CG1 . ILE A 1 50  ? -21.184 -6.936  -5.334  1.00 73.69  ? 84  ILE A CG1 1 
ATOM   290  C CG2 . ILE A 1 50  ? -19.156 -6.435  -6.724  1.00 67.71  ? 84  ILE A CG2 1 
ATOM   291  C CD1 . ILE A 1 50  ? -21.380 -8.267  -6.016  1.00 72.59  ? 84  ILE A CD1 1 
ATOM   292  N N   . GLY A 1 51  ? -18.203 -3.406  -5.791  1.00 90.38  ? 85  GLY A N   1 
ATOM   293  C CA  . GLY A 1 51  ? -17.267 -2.569  -6.504  1.00 87.61  ? 85  GLY A CA  1 
ATOM   294  C C   . GLY A 1 51  ? -15.977 -3.317  -6.774  1.00 80.08  ? 85  GLY A C   1 
ATOM   295  O O   . GLY A 1 51  ? -15.640 -4.295  -6.102  1.00 69.03  ? 85  GLY A O   1 
ATOM   296  N N   . VAL A 1 52  ? -15.260 -2.838  -7.787  1.00 77.34  ? 86  VAL A N   1 
ATOM   297  C CA  . VAL A 1 52  ? -13.953 -3.360  -8.167  1.00 72.27  ? 86  VAL A CA  1 
ATOM   298  C C   . VAL A 1 52  ? -12.989 -2.182  -8.207  1.00 71.57  ? 86  VAL A C   1 
ATOM   299  O O   . VAL A 1 52  ? -13.077 -1.332  -9.100  1.00 72.95  ? 86  VAL A O   1 
ATOM   300  C CB  . VAL A 1 52  ? -13.988 -4.085  -9.519  1.00 62.39  ? 86  VAL A CB  1 
ATOM   301  C CG1 . VAL A 1 52  ? -12.589 -4.531  -9.907  1.00 54.34  ? 86  VAL A CG1 1 
ATOM   302  C CG2 . VAL A 1 52  ? -14.928 -5.275  -9.449  1.00 62.49  ? 86  VAL A CG2 1 
ATOM   303  N N   . GLU A 1 53  ? -12.073 -2.137  -7.247  1.00 72.04  ? 87  GLU A N   1 
ATOM   304  C CA  . GLU A 1 53  ? -11.192 -1.003  -7.028  1.00 68.51  ? 87  GLU A CA  1 
ATOM   305  C C   . GLU A 1 53  ? -9.747  -1.375  -7.341  1.00 72.35  ? 87  GLU A C   1 
ATOM   306  O O   . GLU A 1 53  ? -9.340  -2.530  -7.188  1.00 73.62  ? 87  GLU A O   1 
ATOM   307  C CB  . GLU A 1 53  ? -11.302 -0.528  -5.578  1.00 56.72  ? 87  GLU A CB  1 
ATOM   308  C CG  . GLU A 1 53  ? -10.608 0.764   -5.260  1.00 56.53  ? 87  GLU A CG  1 
ATOM   309  C CD  . GLU A 1 53  ? -10.978 1.260   -3.882  1.00 59.96  ? 87  GLU A CD  1 
ATOM   310  O OE1 . GLU A 1 53  ? -10.181 1.061   -2.940  1.00 70.58  ? 87  GLU A OE1 1 
ATOM   311  O OE2 . GLU A 1 53  ? -12.094 1.802   -3.732  1.00 49.80  ? 87  GLU A OE2 1 
ATOM   312  N N   . LEU A 1 54  ? -8.975  -0.386  -7.788  1.00 69.15  ? 88  LEU A N   1 
ATOM   313  C CA  . LEU A 1 54  ? -7.538  -0.535  -7.988  1.00 55.32  ? 88  LEU A CA  1 
ATOM   314  C C   . LEU A 1 54  ? -6.825  0.566   -7.222  1.00 64.51  ? 88  LEU A C   1 
ATOM   315  O O   . LEU A 1 54  ? -7.013  1.751   -7.517  1.00 73.45  ? 88  LEU A O   1 
ATOM   316  C CB  . LEU A 1 54  ? -7.161  -0.471  -9.468  1.00 58.32  ? 88  LEU A CB  1 
ATOM   317  C CG  . LEU A 1 54  ? -5.670  -0.174  -9.687  1.00 74.41  ? 88  LEU A CG  1 
ATOM   318  C CD1 . LEU A 1 54  ? -4.789  -1.365  -9.302  1.00 59.15  ? 88  LEU A CD1 1 
ATOM   319  C CD2 . LEU A 1 54  ? -5.399  0.260   -11.115 1.00 63.79  ? 88  LEU A CD2 1 
ATOM   320  N N   . LEU A 1 55  ? -6.016  0.179   -6.241  1.00 47.33  ? 89  LEU A N   1 
ATOM   321  C CA  . LEU A 1 55  ? -5.169  1.129   -5.538  1.00 54.33  ? 89  LEU A CA  1 
ATOM   322  C C   . LEU A 1 55  ? -3.865  1.312   -6.301  1.00 58.38  ? 89  LEU A C   1 
ATOM   323  O O   . LEU A 1 55  ? -3.311  0.358   -6.853  1.00 63.37  ? 89  LEU A O   1 
ATOM   324  C CB  . LEU A 1 55  ? -4.888  0.664   -4.105  1.00 61.55  ? 89  LEU A CB  1 
ATOM   325  C CG  . LEU A 1 55  ? -3.952  1.558   -3.276  1.00 57.67  ? 89  LEU A CG  1 
ATOM   326  C CD1 . LEU A 1 55  ? -4.706  2.706   -2.629  1.00 68.02  ? 89  LEU A CD1 1 
ATOM   327  C CD2 . LEU A 1 55  ? -3.238  0.749   -2.218  1.00 53.26  ? 89  LEU A CD2 1 
ATOM   328  N N   . ALA A 1 56  ? -3.392  2.552   -6.341  1.00 55.31  ? 90  ALA A N   1 
ATOM   329  C CA  . ALA A 1 56  ? -2.123  2.876   -6.969  1.00 50.60  ? 90  ALA A CA  1 
ATOM   330  C C   . ALA A 1 56  ? -1.578  4.123   -6.296  1.00 50.00  ? 90  ALA A C   1 
ATOM   331  O O   . ALA A 1 56  ? -2.340  4.991   -5.860  1.00 59.97  ? 90  ALA A O   1 
ATOM   332  C CB  . ALA A 1 56  ? -2.272  3.089   -8.481  1.00 50.17  ? 90  ALA A CB  1 
ATOM   333  N N   . ALA A 1 57  ? -0.257  4.204   -6.199  1.00 49.86  ? 91  ALA A N   1 
ATOM   334  C CA  . ALA A 1 57  ? 0.365   5.300   -5.476  1.00 53.34  ? 91  ALA A CA  1 
ATOM   335  C C   . ALA A 1 57  ? 1.649   5.717   -6.172  1.00 54.55  ? 91  ALA A C   1 
ATOM   336  O O   . ALA A 1 57  ? 2.153   5.034   -7.069  1.00 57.72  ? 91  ALA A O   1 
ATOM   337  C CB  . ALA A 1 57  ? 0.657   4.918   -4.020  1.00 43.33  ? 91  ALA A CB  1 
ATOM   338  N N   . THR A 1 58  ? 2.162   6.870   -5.755  1.00 53.52  ? 92  THR A N   1 
ATOM   339  C CA  . THR A 1 58  ? 3.525   7.233   -6.088  1.00 63.68  ? 92  THR A CA  1 
ATOM   340  C C   . THR A 1 58  ? 4.483   6.353   -5.284  1.00 64.76  ? 92  THR A C   1 
ATOM   341  O O   . THR A 1 58  ? 4.126   5.864   -4.208  1.00 61.88  ? 92  THR A O   1 
ATOM   342  C CB  . THR A 1 58  ? 3.782   8.712   -5.792  1.00 61.36  ? 92  THR A CB  1 
ATOM   343  O OG1 . THR A 1 58  ? 3.483   8.991   -4.419  1.00 62.90  ? 92  THR A OG1 1 
ATOM   344  C CG2 . THR A 1 58  ? 2.918   9.594   -6.680  1.00 62.93  ? 92  THR A CG2 1 
ATOM   345  N N   . PRO A 1 59  ? 5.692   6.120   -5.795  1.00 60.37  ? 93  PRO A N   1 
ATOM   346  C CA  . PRO A 1 59  ? 6.632   5.236   -5.093  1.00 56.09  ? 93  PRO A CA  1 
ATOM   347  C C   . PRO A 1 59  ? 6.891   5.704   -3.670  1.00 59.25  ? 93  PRO A C   1 
ATOM   348  O O   . PRO A 1 59  ? 7.144   6.886   -3.424  1.00 70.02  ? 93  PRO A O   1 
ATOM   349  C CB  . PRO A 1 59  ? 7.898   5.325   -5.951  1.00 53.96  ? 93  PRO A CB  1 
ATOM   350  C CG  . PRO A 1 59  ? 7.391   5.619   -7.311  1.00 62.69  ? 93  PRO A CG  1 
ATOM   351  C CD  . PRO A 1 59  ? 6.220   6.541   -7.103  1.00 69.99  ? 93  PRO A CD  1 
ATOM   352  N N   . PHE A 1 60  ? 6.829   4.764   -2.732  1.00 50.79  ? 94  PHE A N   1 
ATOM   353  C CA  . PHE A 1 60  ? 7.143   5.061   -1.346  1.00 56.34  ? 94  PHE A CA  1 
ATOM   354  C C   . PHE A 1 60  ? 8.655   5.038   -1.129  1.00 70.31  ? 94  PHE A C   1 
ATOM   355  O O   . PHE A 1 60  ? 9.431   4.614   -1.989  1.00 71.40  ? 94  PHE A O   1 
ATOM   356  C CB  . PHE A 1 60  ? 6.467   4.065   -0.408  1.00 46.72  ? 94  PHE A CB  1 
ATOM   357  C CG  . PHE A 1 60  ? 4.969   4.151   -0.402  1.00 52.65  ? 94  PHE A CG  1 
ATOM   358  C CD1 . PHE A 1 60  ? 4.223   3.633   -1.448  1.00 54.47  ? 94  PHE A CD1 1 
ATOM   359  C CD2 . PHE A 1 60  ? 4.305   4.747   0.654   1.00 55.35  ? 94  PHE A CD2 1 
ATOM   360  C CE1 . PHE A 1 60  ? 2.848   3.709   -1.438  1.00 55.67  ? 94  PHE A CE1 1 
ATOM   361  C CE2 . PHE A 1 60  ? 2.930   4.829   0.665   1.00 59.87  ? 94  PHE A CE2 1 
ATOM   362  C CZ  . PHE A 1 60  ? 2.200   4.307   -0.382  1.00 50.12  ? 94  PHE A CZ  1 
ATOM   363  N N   . ARG A 1 61  ? 9.072   5.499   0.048   1.00 71.21  ? 95  ARG A N   1 
ATOM   364  C CA  . ARG A 1 61  ? 10.486  5.547   0.408   1.00 63.44  ? 95  ARG A CA  1 
ATOM   365  C C   . ARG A 1 61  ? 10.607  5.177   1.877   1.00 61.17  ? 95  ARG A C   1 
ATOM   366  O O   . ARG A 1 61  ? 10.220  5.961   2.750   1.00 69.27  ? 95  ARG A O   1 
ATOM   367  C CB  . ARG A 1 61  ? 11.084  6.928   0.136   1.00 72.80  ? 95  ARG A CB  1 
ATOM   368  C CG  . ARG A 1 61  ? 12.515  7.085   0.624   1.00 71.41  ? 95  ARG A CG  1 
ATOM   369  C CD  . ARG A 1 61  ? 13.128  8.405   0.181   1.00 68.23  ? 95  ARG A CD  1 
ATOM   370  N NE  . ARG A 1 61  ? 14.102  8.895   1.153   1.00 95.88  ? 95  ARG A NE  1 
ATOM   371  C CZ  . ARG A 1 61  ? 15.421  8.774   1.020   1.00 111.70 ? 95  ARG A CZ  1 
ATOM   372  N NH1 . ARG A 1 61  ? 15.935  8.174   -0.048  1.00 104.27 ? 95  ARG A NH1 1 
ATOM   373  N NH2 . ARG A 1 61  ? 16.229  9.250   1.959   1.00 102.44 ? 95  ARG A NH2 1 
ATOM   374  N N   . HIS A 1 62  ? 11.141  3.993   2.152   1.00 74.70  ? 96  HIS A N   1 
ATOM   375  C CA  . HIS A 1 62  ? 11.284  3.486   3.510   1.00 78.57  ? 96  HIS A CA  1 
ATOM   376  C C   . HIS A 1 62  ? 12.755  3.401   3.891   1.00 75.07  ? 96  HIS A C   1 
ATOM   377  O O   . HIS A 1 62  ? 13.573  2.880   3.125   1.00 76.80  ? 96  HIS A O   1 
ATOM   378  C CB  . HIS A 1 62  ? 10.628  2.112   3.657   1.00 71.13  ? 96  HIS A CB  1 
ATOM   379  C CG  . HIS A 1 62  ? 9.180   2.086   3.277   1.00 69.93  ? 96  HIS A CG  1 
ATOM   380  N ND1 . HIS A 1 62  ? 8.168   2.276   4.195   1.00 71.54  ? 96  HIS A ND1 1 
ATOM   381  C CD2 . HIS A 1 62  ? 8.572   1.882   2.085   1.00 69.87  ? 96  HIS A CD2 1 
ATOM   382  C CE1 . HIS A 1 62  ? 7.001   2.193   3.583   1.00 72.64  ? 96  HIS A CE1 1 
ATOM   383  N NE2 . HIS A 1 62  ? 7.217   1.954   2.302   1.00 67.92  ? 96  HIS A NE2 1 
ATOM   384  N N   . LYS A 1 63  ? 13.080  3.914   5.074   1.00 78.14  ? 97  LYS A N   1 
ATOM   385  C CA  . LYS A 1 63  ? 14.402  3.755   5.659   1.00 76.20  ? 97  LYS A CA  1 
ATOM   386  C C   . LYS A 1 63  ? 14.420  2.490   6.506   1.00 72.15  ? 97  LYS A C   1 
ATOM   387  O O   . LYS A 1 63  ? 13.447  2.183   7.202   1.00 68.83  ? 97  LYS A O   1 
ATOM   388  C CB  . LYS A 1 63  ? 14.760  4.977   6.507   1.00 72.52  ? 97  LYS A CB  1 
ATOM   389  C CG  . LYS A 1 63  ? 14.783  6.279   5.717   1.00 61.47  ? 97  LYS A CG  1 
ATOM   390  C CD  . LYS A 1 63  ? 14.927  7.496   6.624   1.00 73.09  ? 97  LYS A CD  1 
ATOM   391  C CE  . LYS A 1 63  ? 15.158  8.768   5.808   1.00 90.78  ? 97  LYS A CE  1 
ATOM   392  N NZ  . LYS A 1 63  ? 15.406  9.972   6.655   1.00 73.36  ? 97  LYS A NZ  1 
ATOM   393  N N   . VAL A 1 64  ? 15.520  1.745   6.430   1.00 80.42  ? 98  VAL A N   1 
ATOM   394  C CA  . VAL A 1 64  ? 15.626  0.442   7.076   1.00 88.78  ? 98  VAL A CA  1 
ATOM   395  C C   . VAL A 1 64  ? 16.753  0.485   8.097   1.00 91.77  ? 98  VAL A C   1 
ATOM   396  O O   . VAL A 1 64  ? 17.863  0.935   7.790   1.00 82.43  ? 98  VAL A O   1 
ATOM   397  C CB  . VAL A 1 64  ? 15.866  -0.689  6.060   1.00 74.77  ? 98  VAL A CB  1 
ATOM   398  C CG1 . VAL A 1 64  ? 15.653  -2.030  6.729   1.00 68.36  ? 98  VAL A CG1 1 
ATOM   399  C CG2 . VAL A 1 64  ? 14.952  -0.533  4.856   1.00 83.92  ? 98  VAL A CG2 1 
ATOM   400  N N   . GLY A 1 65  ? 16.466  0.000   9.305   1.00 97.88  ? 99  GLY A N   1 
ATOM   401  C CA  . GLY A 1 65  ? 17.450  -0.064  10.364  1.00 93.52  ? 99  GLY A CA  1 
ATOM   402  C C   . GLY A 1 65  ? 17.188  -1.265  11.245  1.00 105.69 ? 99  GLY A C   1 
ATOM   403  O O   . GLY A 1 65  ? 16.120  -1.881  11.192  1.00 103.82 ? 99  GLY A O   1 
ATOM   404  N N   . THR A 1 66  ? 18.185  -1.600  12.060  1.00 116.66 ? 100 THR A N   1 
ATOM   405  C CA  . THR A 1 66  ? 18.048  -2.732  12.974  1.00 122.76 ? 100 THR A CA  1 
ATOM   406  C C   . THR A 1 66  ? 18.991  -2.554  14.155  1.00 123.09 ? 100 THR A C   1 
ATOM   407  O O   . THR A 1 66  ? 20.205  -2.412  13.971  1.00 121.87 ? 100 THR A O   1 
ATOM   408  C CB  . THR A 1 66  ? 18.295  -4.072  12.242  1.00 117.20 ? 100 THR A CB  1 
ATOM   409  O OG1 . THR A 1 66  ? 18.034  -5.167  13.130  1.00 110.76 ? 100 THR A OG1 1 
ATOM   410  C CG2 . THR A 1 66  ? 19.708  -4.175  11.653  1.00 101.83 ? 100 THR A CG2 1 
ATOM   411  N N   . GLY A 1 67  ? 18.420  -2.525  15.360  1.00 116.48 ? 101 GLY A N   1 
ATOM   412  C CA  . GLY A 1 67  ? 19.168  -2.524  16.598  1.00 111.41 ? 101 GLY A CA  1 
ATOM   413  C C   . GLY A 1 67  ? 20.306  -1.525  16.666  1.00 125.02 ? 101 GLY A C   1 
ATOM   414  O O   . GLY A 1 67  ? 20.112  -0.307  16.568  1.00 123.67 ? 101 GLY A O   1 
ATOM   415  N N   . PRO A 1 68  ? 21.529  -2.040  16.830  1.00 121.27 ? 102 PRO A N   1 
ATOM   416  C CA  . PRO A 1 68  ? 22.680  -1.145  17.036  1.00 118.36 ? 102 PRO A CA  1 
ATOM   417  C C   . PRO A 1 68  ? 23.087  -0.377  15.793  1.00 118.69 ? 102 PRO A C   1 
ATOM   418  O O   . PRO A 1 68  ? 23.611  0.738   15.912  1.00 101.95 ? 102 PRO A O   1 
ATOM   419  C CB  . PRO A 1 68  ? 23.787  -2.110  17.477  1.00 115.02 ? 102 PRO A CB  1 
ATOM   420  C CG  . PRO A 1 68  ? 23.435  -3.396  16.789  1.00 107.56 ? 102 PRO A CG  1 
ATOM   421  C CD  . PRO A 1 68  ? 21.926  -3.458  16.790  1.00 102.81 ? 102 PRO A CD  1 
ATOM   422  N N   . THR A 1 69  ? 22.866  -0.947  14.608  1.00 127.58 ? 103 THR A N   1 
ATOM   423  C CA  . THR A 1 69  ? 23.358  -0.339  13.376  1.00 117.29 ? 103 THR A CA  1 
ATOM   424  C C   . THR A 1 69  ? 22.660  0.987   13.091  1.00 113.39 ? 103 THR A C   1 
ATOM   425  O O   . THR A 1 69  ? 23.319  2.003   12.834  1.00 94.79  ? 103 THR A O   1 
ATOM   426  C CB  . THR A 1 69  ? 23.170  -1.317  12.215  1.00 118.75 ? 103 THR A CB  1 
ATOM   427  O OG1 . THR A 1 69  ? 21.778  -1.631  12.075  1.00 122.63 ? 103 THR A OG1 1 
ATOM   428  C CG2 . THR A 1 69  ? 23.944  -2.607  12.469  1.00 103.39 ? 103 THR A CG2 1 
ATOM   429  N N   . GLY A 1 70  ? 21.330  1.002   13.147  1.00 107.18 ? 104 GLY A N   1 
ATOM   430  C CA  . GLY A 1 70  ? 20.569  2.173   12.760  1.00 102.02 ? 104 GLY A CA  1 
ATOM   431  C C   . GLY A 1 70  ? 20.217  2.149   11.287  1.00 105.70 ? 104 GLY A C   1 
ATOM   432  O O   . GLY A 1 70  ? 20.283  1.117   10.611  1.00 111.30 ? 104 GLY A O   1 
ATOM   433  N N   . THR A 1 71  ? 19.835  3.321   10.778  1.00 96.79  ? 105 THR A N   1 
ATOM   434  C CA  . THR A 1 71  ? 19.472  3.455   9.370   1.00 98.17  ? 105 THR A CA  1 
ATOM   435  C C   . THR A 1 71  ? 20.639  3.071   8.465   1.00 100.24 ? 105 THR A C   1 
ATOM   436  O O   . THR A 1 71  ? 21.544  3.876   8.227   1.00 99.22  ? 105 THR A O   1 
ATOM   437  C CB  . THR A 1 71  ? 19.006  4.884   9.066   1.00 87.33  ? 105 THR A CB  1 
ATOM   438  O OG1 . THR A 1 71  ? 20.046  5.815   9.387   1.00 110.41 ? 105 THR A OG1 1 
ATOM   439  C CG2 . THR A 1 71  ? 17.765  5.224   9.875   1.00 84.03  ? 105 THR A CG2 1 
ATOM   440  N N   . ILE A 1 72  ? 20.626  1.837   7.962   1.00 98.93  ? 106 ILE A N   1 
ATOM   441  C CA  . ILE A 1 72  ? 21.721  1.314   7.149   1.00 86.23  ? 106 ILE A CA  1 
ATOM   442  C C   . ILE A 1 72  ? 21.337  1.299   5.677   1.00 86.08  ? 106 ILE A C   1 
ATOM   443  O O   . ILE A 1 72  ? 22.197  1.428   4.800   1.00 86.80  ? 106 ILE A O   1 
ATOM   444  C CB  . ILE A 1 72  ? 22.127  -0.098  7.608   1.00 93.26  ? 106 ILE A CB  1 
ATOM   445  C CG1 . ILE A 1 72  ? 20.885  -0.993  7.736   1.00 86.15  ? 106 ILE A CG1 1 
ATOM   446  C CG2 . ILE A 1 72  ? 22.925  -0.026  8.898   1.00 96.58  ? 106 ILE A CG2 1 
ATOM   447  C CD1 . ILE A 1 72  ? 21.177  -2.418  8.167   1.00 81.53  ? 106 ILE A CD1 1 
ATOM   448  N N   . ALA A 1 73  ? 20.049  1.129   5.395   1.00 82.81  ? 107 ALA A N   1 
ATOM   449  C CA  . ALA A 1 73  ? 19.576  0.920   4.036   1.00 79.22  ? 107 ALA A CA  1 
ATOM   450  C C   . ALA A 1 73  ? 18.360  1.798   3.770   1.00 86.93  ? 107 ALA A C   1 
ATOM   451  O O   . ALA A 1 73  ? 17.846  2.483   4.660   1.00 87.68  ? 107 ALA A O   1 
ATOM   452  C CB  . ALA A 1 73  ? 19.248  -0.557  3.791   1.00 71.96  ? 107 ALA A CB  1 
ATOM   453  N N   . THR A 1 74  ? 17.902  1.765   2.521   1.00 87.68  ? 108 THR A N   1 
ATOM   454  C CA  . THR A 1 74  ? 16.753  2.542   2.076   1.00 65.45  ? 108 THR A CA  1 
ATOM   455  C C   . THR A 1 74  ? 16.176  1.858   0.848   1.00 63.92  ? 108 THR A C   1 
ATOM   456  O O   . THR A 1 74  ? 16.913  1.557   -0.095  1.00 69.93  ? 108 THR A O   1 
ATOM   457  C CB  . THR A 1 74  ? 17.156  3.983   1.749   1.00 66.68  ? 108 THR A CB  1 
ATOM   458  O OG1 . THR A 1 74  ? 17.640  4.628   2.933   1.00 73.65  ? 108 THR A OG1 1 
ATOM   459  C CG2 . THR A 1 74  ? 15.974  4.759   1.197   1.00 71.08  ? 108 THR A CG2 1 
ATOM   460  N N   . VAL A 1 75  ? 14.872  1.601   0.861   1.00 68.93  ? 109 VAL A N   1 
ATOM   461  C CA  . VAL A 1 75  ? 14.222  0.901   -0.237  1.00 65.44  ? 109 VAL A CA  1 
ATOM   462  C C   . VAL A 1 75  ? 12.989  1.677   -0.672  1.00 67.65  ? 109 VAL A C   1 
ATOM   463  O O   . VAL A 1 75  ? 12.352  2.372   0.125   1.00 69.59  ? 109 VAL A O   1 
ATOM   464  C CB  . VAL A 1 75  ? 13.844  -0.548  0.146   1.00 62.58  ? 109 VAL A CB  1 
ATOM   465  C CG1 . VAL A 1 75  ? 15.086  -1.344  0.506   1.00 69.19  ? 109 VAL A CG1 1 
ATOM   466  C CG2 . VAL A 1 75  ? 12.862  -0.549  1.299   1.00 69.81  ? 109 VAL A CG2 1 
ATOM   467  N N   . HIS A 1 76  ? 12.659  1.556   -1.954  1.00 69.11  ? 110 HIS A N   1 
ATOM   468  C CA  . HIS A 1 76  ? 11.470  2.162   -2.528  1.00 64.18  ? 110 HIS A CA  1 
ATOM   469  C C   . HIS A 1 76  ? 10.559  1.060   -3.048  1.00 60.11  ? 110 HIS A C   1 
ATOM   470  O O   . HIS A 1 76  ? 11.029  -0.012  -3.443  1.00 50.34  ? 110 HIS A O   1 
ATOM   471  C CB  . HIS A 1 76  ? 11.836  3.123   -3.660  1.00 65.81  ? 110 HIS A CB  1 
ATOM   472  C CG  . HIS A 1 76  ? 12.666  4.287   -3.221  1.00 70.99  ? 110 HIS A CG  1 
ATOM   473  N ND1 . HIS A 1 76  ? 14.043  4.242   -3.179  1.00 75.38  ? 110 HIS A ND1 1 
ATOM   474  C CD2 . HIS A 1 76  ? 12.318  5.529   -2.810  1.00 73.76  ? 110 HIS A CD2 1 
ATOM   475  C CE1 . HIS A 1 76  ? 14.506  5.406   -2.758  1.00 83.02  ? 110 HIS A CE1 1 
ATOM   476  N NE2 . HIS A 1 76  ? 13.480  6.204   -2.526  1.00 78.29  ? 110 HIS A NE2 1 
ATOM   477  N N   . GLN A 1 77  ? 9.253   1.317   -3.050  1.00 59.51  ? 111 GLN A N   1 
ATOM   478  C CA  . GLN A 1 77  ? 8.320   0.276   -3.456  1.00 53.27  ? 111 GLN A CA  1 
ATOM   479  C C   . GLN A 1 77  ? 7.037   0.878   -4.015  1.00 62.23  ? 111 GLN A C   1 
ATOM   480  O O   . GLN A 1 77  ? 6.671   2.018   -3.717  1.00 63.15  ? 111 GLN A O   1 
ATOM   481  C CB  . GLN A 1 77  ? 8.021   -0.681  -2.293  1.00 44.22  ? 111 GLN A CB  1 
ATOM   482  C CG  . GLN A 1 77  ? 7.375   -0.061  -1.054  1.00 48.09  ? 111 GLN A CG  1 
ATOM   483  C CD  . GLN A 1 77  ? 5.858   0.015   -1.129  1.00 56.24  ? 111 GLN A CD  1 
ATOM   484  O OE1 . GLN A 1 77  ? 5.214   -0.786  -1.806  1.00 59.27  ? 111 GLN A OE1 1 
ATOM   485  N NE2 . GLN A 1 77  ? 5.279   0.946   -0.388  1.00 63.72  ? 111 GLN A NE2 1 
ATOM   486  N N   . LEU A 1 78  ? 6.364   0.083   -4.845  1.00 53.15  ? 112 LEU A N   1 
ATOM   487  C CA  . LEU A 1 78  ? 5.092   0.448   -5.460  1.00 49.52  ? 112 LEU A CA  1 
ATOM   488  C C   . LEU A 1 78  ? 4.121   -0.684  -5.147  1.00 52.43  ? 112 LEU A C   1 
ATOM   489  O O   . LEU A 1 78  ? 4.406   -1.847  -5.497  1.00 51.38  ? 112 LEU A O   1 
ATOM   490  C CB  . LEU A 1 78  ? 5.250   0.641   -6.969  1.00 56.45  ? 112 LEU A CB  1 
ATOM   491  C CG  . LEU A 1 78  ? 5.785   1.980   -7.479  1.00 48.08  ? 112 LEU A CG  1 
ATOM   492  C CD1 . LEU A 1 78  ? 6.148   1.874   -8.951  1.00 37.43  ? 112 LEU A CD1 1 
ATOM   493  C CD2 . LEU A 1 78  ? 4.740   3.056   -7.267  1.00 57.02  ? 112 LEU A CD2 1 
ATOM   494  N N   . PRO A 1 79  ? 2.997   -0.419  -4.487  1.00 56.02  ? 113 PRO A N   1 
ATOM   495  C CA  . PRO A 1 79  ? 2.141   -1.514  -4.025  1.00 42.14  ? 113 PRO A CA  1 
ATOM   496  C C   . PRO A 1 79  ? 0.747   -1.451  -4.623  1.00 51.17  ? 113 PRO A C   1 
ATOM   497  O O   . PRO A 1 79  ? -0.233  -1.292  -3.877  1.00 59.02  ? 113 PRO A O   1 
ATOM   498  C CB  . PRO A 1 79  ? 2.086   -1.267  -2.516  1.00 59.77  ? 113 PRO A CB  1 
ATOM   499  C CG  . PRO A 1 79  ? 2.040   0.262   -2.446  1.00 46.14  ? 113 PRO A CG  1 
ATOM   500  C CD  . PRO A 1 79  ? 2.793   0.790   -3.668  1.00 56.48  ? 113 PRO A CD  1 
ATOM   501  N N   . PRO A 1 80  ? 0.593   -1.591  -5.942  1.00 51.81  ? 114 PRO A N   1 
ATOM   502  C CA  . PRO A 1 80  ? -0.761  -1.613  -6.509  1.00 47.00  ? 114 PRO A CA  1 
ATOM   503  C C   . PRO A 1 80  ? -1.554  -2.799  -5.984  1.00 53.33  ? 114 PRO A C   1 
ATOM   504  O O   . PRO A 1 80  ? -1.007  -3.874  -5.727  1.00 63.45  ? 114 PRO A O   1 
ATOM   505  C CB  . PRO A 1 80  ? -0.515  -1.729  -8.017  1.00 50.61  ? 114 PRO A CB  1 
ATOM   506  C CG  . PRO A 1 80  ? 0.845   -2.309  -8.134  1.00 44.48  ? 114 PRO A CG  1 
ATOM   507  C CD  . PRO A 1 80  ? 1.615   -1.736  -6.991  1.00 52.60  ? 114 PRO A CD  1 
ATOM   508  N N   . THR A 1 81  ? -2.862  -2.599  -5.836  1.00 53.51  ? 115 THR A N   1 
ATOM   509  C CA  . THR A 1 81  ? -3.713  -3.608  -5.221  1.00 54.57  ? 115 THR A CA  1 
ATOM   510  C C   . THR A 1 81  ? -5.078  -3.625  -5.898  1.00 62.23  ? 115 THR A C   1 
ATOM   511  O O   . THR A 1 81  ? -5.655  -2.569  -6.172  1.00 70.48  ? 115 THR A O   1 
ATOM   512  C CB  . THR A 1 81  ? -3.866  -3.337  -3.723  1.00 54.76  ? 115 THR A CB  1 
ATOM   513  O OG1 . THR A 1 81  ? -2.572  -3.322  -3.110  1.00 60.76  ? 115 THR A OG1 1 
ATOM   514  C CG2 . THR A 1 81  ? -4.685  -4.421  -3.076  1.00 55.86  ? 115 THR A CG2 1 
ATOM   515  N N   . LEU A 1 82  ? -5.584  -4.827  -6.165  1.00 61.97  ? 116 LEU A N   1 
ATOM   516  C CA  . LEU A 1 82  ? -6.877  -5.034  -6.811  1.00 56.13  ? 116 LEU A CA  1 
ATOM   517  C C   . LEU A 1 82  ? -7.826  -5.682  -5.814  1.00 60.19  ? 116 LEU A C   1 
ATOM   518  O O   . LEU A 1 82  ? -7.466  -6.663  -5.158  1.00 73.40  ? 116 LEU A O   1 
ATOM   519  C CB  . LEU A 1 82  ? -6.723  -5.911  -8.056  1.00 57.90  ? 116 LEU A CB  1 
ATOM   520  C CG  . LEU A 1 82  ? -7.885  -6.063  -9.034  1.00 66.17  ? 116 LEU A CG  1 
ATOM   521  C CD1 . LEU A 1 82  ? -8.411  -4.703  -9.461  1.00 68.02  ? 116 LEU A CD1 1 
ATOM   522  C CD2 . LEU A 1 82  ? -7.420  -6.865  -10.241 1.00 56.62  ? 116 LEU A CD2 1 
ATOM   523  N N   . MET A 1 83  ? -9.035  -5.136  -5.699  1.00 69.62  ? 117 MET A N   1 
ATOM   524  C CA  . MET A 1 83  ? -9.915  -5.490  -4.594  1.00 69.59  ? 117 MET A CA  1 
ATOM   525  C C   . MET A 1 83  ? -11.336 -5.725  -5.076  1.00 78.65  ? 117 MET A C   1 
ATOM   526  O O   . MET A 1 83  ? -11.827 -5.025  -5.968  1.00 68.79  ? 117 MET A O   1 
ATOM   527  C CB  . MET A 1 83  ? -9.933  -4.387  -3.527  1.00 69.85  ? 117 MET A CB  1 
ATOM   528  C CG  . MET A 1 83  ? -8.564  -4.002  -3.005  1.00 64.10  ? 117 MET A CG  1 
ATOM   529  S SD  . MET A 1 83  ? -7.792  -5.274  -1.990  1.00 68.65  ? 117 MET A SD  1 
ATOM   530  C CE  . MET A 1 83  ? -8.703  -5.127  -0.462  1.00 58.06  ? 117 MET A CE  1 
ATOM   531  N N   . ALA A 1 84  ? -11.989 -6.714  -4.471  1.00 80.97  ? 118 ALA A N   1 
ATOM   532  C CA  . ALA A 1 84  ? -13.430 -6.894  -4.564  1.00 61.40  ? 118 ALA A CA  1 
ATOM   533  C C   . ALA A 1 84  ? -14.064 -6.308  -3.308  1.00 68.87  ? 118 ALA A C   1 
ATOM   534  O O   . ALA A 1 84  ? -13.603 -6.579  -2.193  1.00 68.33  ? 118 ALA A O   1 
ATOM   535  C CB  . ALA A 1 84  ? -13.788 -8.374  -4.711  1.00 59.05  ? 118 ALA A CB  1 
ATOM   536  N N   . GLN A 1 85  ? -15.110 -5.504  -3.486  1.00 75.58  ? 119 GLN A N   1 
ATOM   537  C CA  . GLN A 1 85  ? -15.656 -4.701  -2.402  1.00 68.50  ? 119 GLN A CA  1 
ATOM   538  C C   . GLN A 1 85  ? -17.149 -4.945  -2.228  1.00 76.66  ? 119 GLN A C   1 
ATOM   539  O O   . GLN A 1 85  ? -17.854 -5.351  -3.157  1.00 73.47  ? 119 GLN A O   1 
ATOM   540  C CB  . GLN A 1 85  ? -15.424 -3.207  -2.648  1.00 69.64  ? 119 GLN A CB  1 
ATOM   541  C CG  . GLN A 1 85  ? -13.986 -2.838  -2.911  1.00 67.83  ? 119 GLN A CG  1 
ATOM   542  C CD  . GLN A 1 85  ? -13.825 -1.367  -3.206  1.00 61.80  ? 119 GLN A CD  1 
ATOM   543  O OE1 . GLN A 1 85  ? -14.661 -0.767  -3.876  1.00 72.77  ? 119 GLN A OE1 1 
ATOM   544  N NE2 . GLN A 1 85  ? -12.768 -0.771  -2.680  1.00 73.39  ? 119 GLN A NE2 1 
ATOM   545  N N   . TRP A 1 86  ? -17.620 -4.672  -1.013  1.00 70.96  ? 120 TRP A N   1 
ATOM   546  C CA  . TRP A 1 86  ? -19.043 -4.613  -0.705  1.00 74.74  ? 120 TRP A CA  1 
ATOM   547  C C   . TRP A 1 86  ? -19.328 -3.307  0.019   1.00 88.39  ? 120 TRP A C   1 
ATOM   548  O O   . TRP A 1 86  ? -18.765 -3.053  1.091   1.00 83.72  ? 120 TRP A O   1 
ATOM   549  C CB  . TRP A 1 86  ? -19.492 -5.802  0.149   1.00 75.55  ? 120 TRP A CB  1 
ATOM   550  C CG  . TRP A 1 86  ? -20.960 -5.776  0.430   1.00 72.91  ? 120 TRP A CG  1 
ATOM   551  C CD1 . TRP A 1 86  ? -21.570 -5.313  1.560   1.00 71.40  ? 120 TRP A CD1 1 
ATOM   552  C CD2 . TRP A 1 86  ? -22.011 -6.198  -0.447  1.00 82.95  ? 120 TRP A CD2 1 
ATOM   553  N NE1 . TRP A 1 86  ? -22.932 -5.435  1.448   1.00 76.27  ? 120 TRP A NE1 1 
ATOM   554  C CE2 . TRP A 1 86  ? -23.229 -5.976  0.225   1.00 82.50  ? 120 TRP A CE2 1 
ATOM   555  C CE3 . TRP A 1 86  ? -22.039 -6.750  -1.732  1.00 86.41  ? 120 TRP A CE3 1 
ATOM   556  C CZ2 . TRP A 1 86  ? -24.463 -6.286  -0.346  1.00 75.01  ? 120 TRP A CZ2 1 
ATOM   557  C CZ3 . TRP A 1 86  ? -23.266 -7.057  -2.296  1.00 79.83  ? 120 TRP A CZ3 1 
ATOM   558  C CH2 . TRP A 1 86  ? -24.459 -6.826  -1.603  1.00 72.30  ? 120 TRP A CH2 1 
ATOM   559  N N   . TYR A 1 87  ? -20.198 -2.484  -0.567  1.00 86.95  ? 121 TYR A N   1 
ATOM   560  C CA  . TYR A 1 87  ? -20.614 -1.210  0.010   1.00 83.02  ? 121 TYR A CA  1 
ATOM   561  C C   . TYR A 1 87  ? -21.953 -1.392  0.714   1.00 87.49  ? 121 TYR A C   1 
ATOM   562  O O   . TYR A 1 87  ? -22.935 -1.804  0.087   1.00 91.24  ? 121 TYR A O   1 
ATOM   563  C CB  . TYR A 1 87  ? -20.721 -0.137  -1.075  1.00 79.71  ? 121 TYR A CB  1 
ATOM   564  C CG  . TYR A 1 87  ? -19.385 0.348   -1.585  1.00 78.90  ? 121 TYR A CG  1 
ATOM   565  C CD1 . TYR A 1 87  ? -18.699 -0.354  -2.567  1.00 80.74  ? 121 TYR A CD1 1 
ATOM   566  C CD2 . TYR A 1 87  ? -18.814 1.513   -1.093  1.00 74.92  ? 121 TYR A CD2 1 
ATOM   567  C CE1 . TYR A 1 87  ? -17.475 0.085   -3.036  1.00 65.70  ? 121 TYR A CE1 1 
ATOM   568  C CE2 . TYR A 1 87  ? -17.590 1.960   -1.557  1.00 69.98  ? 121 TYR A CE2 1 
ATOM   569  C CZ  . TYR A 1 87  ? -16.925 1.243   -2.528  1.00 63.47  ? 121 TYR A CZ  1 
ATOM   570  O OH  . TYR A 1 87  ? -15.708 1.686   -2.991  1.00 70.96  ? 121 TYR A OH  1 
ATOM   571  N N   . PHE A 1 88  ? -21.992 -1.082  2.009   1.00 88.82  ? 122 PHE A N   1 
ATOM   572  C CA  . PHE A 1 88  ? -23.232 -1.178  2.764   1.00 86.84  ? 122 PHE A CA  1 
ATOM   573  C C   . PHE A 1 88  ? -24.175 -0.032  2.399   1.00 91.31  ? 122 PHE A C   1 
ATOM   574  O O   . PHE A 1 88  ? -23.763 1.009   1.879   1.00 97.66  ? 122 PHE A O   1 
ATOM   575  C CB  . PHE A 1 88  ? -22.951 -1.170  4.268   1.00 91.73  ? 122 PHE A CB  1 
ATOM   576  C CG  . PHE A 1 88  ? -22.200 -2.382  4.752   1.00 92.64  ? 122 PHE A CG  1 
ATOM   577  C CD1 . PHE A 1 88  ? -22.811 -3.625  4.785   1.00 90.55  ? 122 PHE A CD1 1 
ATOM   578  C CD2 . PHE A 1 88  ? -20.885 -2.276  5.177   1.00 91.37  ? 122 PHE A CD2 1 
ATOM   579  C CE1 . PHE A 1 88  ? -22.126 -4.741  5.230   1.00 83.57  ? 122 PHE A CE1 1 
ATOM   580  C CE2 . PHE A 1 88  ? -20.193 -3.391  5.623   1.00 93.98  ? 122 PHE A CE2 1 
ATOM   581  C CZ  . PHE A 1 88  ? -20.815 -4.625  5.650   1.00 82.25  ? 122 PHE A CZ  1 
ATOM   582  N N   . GLY A 1 89  ? -25.459 -0.237  2.680   1.00 94.65  ? 123 GLY A N   1 
ATOM   583  C CA  . GLY A 1 89  ? -26.478 0.728   2.318   1.00 95.24  ? 123 GLY A CA  1 
ATOM   584  C C   . GLY A 1 89  ? -27.024 0.489   0.925   1.00 96.87  ? 123 GLY A C   1 
ATOM   585  O O   . GLY A 1 89  ? -26.711 -0.498  0.251   1.00 89.48  ? 123 GLY A O   1 
ATOM   586  N N   . ASP A 1 90  ? -27.864 1.419   0.486   1.00 99.41  ? 124 ASP A N   1 
ATOM   587  C CA  . ASP A 1 90  ? -28.456 1.377   -0.844  1.00 99.04  ? 124 ASP A CA  1 
ATOM   588  C C   . ASP A 1 90  ? -27.898 2.516   -1.698  1.00 98.70  ? 124 ASP A C   1 
ATOM   589  O O   . ASP A 1 90  ? -27.037 3.288   -1.266  1.00 95.92  ? 124 ASP A O   1 
ATOM   590  C CB  . ASP A 1 90  ? -29.985 1.431   -0.757  1.00 84.96  ? 124 ASP A CB  1 
ATOM   591  C CG  . ASP A 1 90  ? -30.488 2.684   -0.074  1.00 90.68  ? 124 ASP A CG  1 
ATOM   592  O OD1 . ASP A 1 90  ? -30.654 3.716   -0.759  1.00 104.59 ? 124 ASP A OD1 1 
ATOM   593  O OD2 . ASP A 1 90  ? -30.715 2.638   1.151   1.00 95.81  ? 124 ASP A OD2 1 
ATOM   594  N N   . ALA A 1 91  ? -28.403 2.613   -2.929  1.00 100.04 ? 125 ALA A N   1 
ATOM   595  C CA  . ALA A 1 91  ? -27.862 3.569   -3.889  1.00 94.75  ? 125 ALA A CA  1 
ATOM   596  C C   . ALA A 1 91  ? -28.114 5.019   -3.490  1.00 101.88 ? 125 ALA A C   1 
ATOM   597  O O   . ALA A 1 91  ? -27.433 5.912   -4.006  1.00 108.98 ? 125 ALA A O   1 
ATOM   598  C CB  . ALA A 1 91  ? -28.444 3.302   -5.278  1.00 100.28 ? 125 ALA A CB  1 
ATOM   599  N N   . GLN A 1 92  ? -29.064 5.278   -2.590  1.00 108.73 ? 126 GLN A N   1 
ATOM   600  C CA  . GLN A 1 92  ? -29.374 6.629   -2.134  1.00 106.76 ? 126 GLN A CA  1 
ATOM   601  C C   . GLN A 1 92  ? -28.757 6.952   -0.775  1.00 101.17 ? 126 GLN A C   1 
ATOM   602  O O   . GLN A 1 92  ? -29.157 7.934   -0.137  1.00 102.41 ? 126 GLN A O   1 
ATOM   603  C CB  . GLN A 1 92  ? -30.889 6.840   -2.089  1.00 108.60 ? 126 GLN A CB  1 
ATOM   604  C CG  . GLN A 1 92  ? -31.563 6.862   -3.451  1.00 113.97 ? 126 GLN A CG  1 
ATOM   605  C CD  . GLN A 1 92  ? -31.311 8.159   -4.201  1.00 125.83 ? 126 GLN A CD  1 
ATOM   606  O OE1 . GLN A 1 92  ? -31.501 9.248   -3.657  1.00 120.26 ? 126 GLN A OE1 1 
ATOM   607  N NE2 . GLN A 1 92  ? -30.883 8.047   -5.455  1.00 115.25 ? 126 GLN A NE2 1 
ATOM   608  N N   . SER A 1 93  ? -27.789 6.156   -0.324  1.00 96.16  ? 127 SER A N   1 
ATOM   609  C CA  . SER A 1 93  ? -27.141 6.367   0.964   1.00 98.58  ? 127 SER A CA  1 
ATOM   610  C C   . SER A 1 93  ? -25.977 7.337   0.796   1.00 95.24  ? 127 SER A C   1 
ATOM   611  O O   . SER A 1 93  ? -25.061 7.082   0.008   1.00 93.22  ? 127 SER A O   1 
ATOM   612  C CB  . SER A 1 93  ? -26.649 5.039   1.538   1.00 97.89  ? 127 SER A CB  1 
ATOM   613  O OG  . SER A 1 93  ? -27.726 4.163   1.821   1.00 107.42 ? 127 SER A OG  1 
ATOM   614  N N   . LYS A 1 94  ? -26.013 8.448   1.535   1.00 93.65  ? 128 LYS A N   1 
ATOM   615  C CA  . LYS A 1 94  ? -24.896 9.386   1.503   1.00 103.24 ? 128 LYS A CA  1 
ATOM   616  C C   . LYS A 1 94  ? -23.720 8.924   2.353   1.00 95.62  ? 128 LYS A C   1 
ATOM   617  O O   . LYS A 1 94  ? -22.617 9.458   2.200   1.00 96.00  ? 128 LYS A O   1 
ATOM   618  C CB  . LYS A 1 94  ? -25.329 10.781  1.966   1.00 109.21 ? 128 LYS A CB  1 
ATOM   619  C CG  . LYS A 1 94  ? -26.263 11.519  1.015   1.00 115.59 ? 128 LYS A CG  1 
ATOM   620  C CD  . LYS A 1 94  ? -26.467 12.964  1.467   1.00 109.32 ? 128 LYS A CD  1 
ATOM   621  C CE  . LYS A 1 94  ? -27.363 13.056  2.695   1.00 114.32 ? 128 LYS A CE  1 
ATOM   622  N NZ  . LYS A 1 94  ? -27.657 14.468  3.074   1.00 104.89 ? 128 LYS A NZ  1 
ATOM   623  N N   . VAL A 1 95  ? -23.926 7.958   3.241   1.00 90.69  ? 129 VAL A N   1 
ATOM   624  C CA  . VAL A 1 95  ? -22.871 7.427   4.096   1.00 89.65  ? 129 VAL A CA  1 
ATOM   625  C C   . VAL A 1 95  ? -22.801 5.929   3.827   1.00 91.15  ? 129 VAL A C   1 
ATOM   626  O O   . VAL A 1 95  ? -23.647 5.162   4.304   1.00 87.91  ? 129 VAL A O   1 
ATOM   627  C CB  . VAL A 1 95  ? -23.121 7.723   5.578   1.00 89.02  ? 129 VAL A CB  1 
ATOM   628  C CG1 . VAL A 1 95  ? -21.938 7.266   6.417   1.00 88.91  ? 129 VAL A CG1 1 
ATOM   629  C CG2 . VAL A 1 95  ? -23.393 9.207   5.785   1.00 80.67  ? 129 VAL A CG2 1 
ATOM   630  N N   . ARG A 1 96  ? -21.800 5.504   3.061   1.00 98.88  ? 130 ARG A N   1 
ATOM   631  C CA  . ARG A 1 96  ? -21.661 4.105   2.651   1.00 91.44  ? 130 ARG A CA  1 
ATOM   632  C C   . ARG A 1 96  ? -20.303 3.561   3.068   1.00 90.11  ? 130 ARG A C   1 
ATOM   633  O O   . ARG A 1 96  ? -19.295 3.802   2.379   1.00 87.80  ? 130 ARG A O   1 
ATOM   634  C CB  . ARG A 1 96  ? -21.846 3.967   1.140   1.00 85.14  ? 130 ARG A CB  1 
ATOM   635  C CG  . ARG A 1 96  ? -23.176 4.495   0.639   1.00 88.86  ? 130 ARG A CG  1 
ATOM   636  C CD  . ARG A 1 96  ? -23.484 4.031   -0.775  1.00 85.45  ? 130 ARG A CD  1 
ATOM   637  N NE  . ARG A 1 96  ? -23.819 2.612   -0.825  1.00 86.38  ? 130 ARG A NE  1 
ATOM   638  C CZ  . ARG A 1 96  ? -23.897 1.902   -1.946  1.00 92.47  ? 130 ARG A CZ  1 
ATOM   639  N NH1 . ARG A 1 96  ? -23.675 2.483   -3.120  1.00 94.13  ? 130 ARG A NH1 1 
ATOM   640  N NH2 . ARG A 1 96  ? -24.209 0.615   -1.896  1.00 94.32  ? 130 ARG A NH2 1 
ATOM   641  N N   . PRO A 1 97  ? -20.216 2.837   4.181   1.00 89.66  ? 131 PRO A N   1 
ATOM   642  C CA  . PRO A 1 97  ? -18.979 2.116   4.497   1.00 89.98  ? 131 PRO A CA  1 
ATOM   643  C C   . PRO A 1 97  ? -18.834 0.878   3.627   1.00 90.20  ? 131 PRO A C   1 
ATOM   644  O O   . PRO A 1 97  ? -19.799 0.365   3.055   1.00 91.95  ? 131 PRO A O   1 
ATOM   645  C CB  . PRO A 1 97  ? -19.153 1.743   5.972   1.00 84.05  ? 131 PRO A CB  1 
ATOM   646  C CG  . PRO A 1 97  ? -20.635 1.641   6.142   1.00 93.20  ? 131 PRO A CG  1 
ATOM   647  C CD  . PRO A 1 97  ? -21.217 2.712   5.255   1.00 95.10  ? 131 PRO A CD  1 
ATOM   648  N N   . TYR A 1 98  ? -17.598 0.393   3.525   1.00 80.94  ? 132 TYR A N   1 
ATOM   649  C CA  . TYR A 1 98  ? -17.333 -0.738  2.649   1.00 80.96  ? 132 TYR A CA  1 
ATOM   650  C C   . TYR A 1 98  ? -16.192 -1.584  3.191   1.00 81.74  ? 132 TYR A C   1 
ATOM   651  O O   . TYR A 1 98  ? -15.301 -1.092  3.889   1.00 73.42  ? 132 TYR A O   1 
ATOM   652  C CB  . TYR A 1 98  ? -17.010 -0.284  1.221   1.00 73.36  ? 132 TYR A CB  1 
ATOM   653  C CG  . TYR A 1 98  ? -15.809 0.628   1.096   1.00 75.43  ? 132 TYR A CG  1 
ATOM   654  C CD1 . TYR A 1 98  ? -15.914 1.989   1.354   1.00 73.09  ? 132 TYR A CD1 1 
ATOM   655  C CD2 . TYR A 1 98  ? -14.574 0.133   0.697   1.00 70.05  ? 132 TYR A CD2 1 
ATOM   656  C CE1 . TYR A 1 98  ? -14.823 2.827   1.226   1.00 70.20  ? 132 TYR A CE1 1 
ATOM   657  C CE2 . TYR A 1 98  ? -13.480 0.963   0.570   1.00 75.65  ? 132 TYR A CE2 1 
ATOM   658  C CZ  . TYR A 1 98  ? -13.607 2.309   0.837   1.00 73.33  ? 132 TYR A CZ  1 
ATOM   659  O OH  . TYR A 1 98  ? -12.510 3.136   0.711   1.00 76.19  ? 132 TYR A OH  1 
ATOM   660  N N   . VAL A 1 99  ? -16.236 -2.868  2.851   1.00 71.08  ? 133 VAL A N   1 
ATOM   661  C CA  . VAL A 1 99  ? -15.182 -3.820  3.166   1.00 60.12  ? 133 VAL A CA  1 
ATOM   662  C C   . VAL A 1 99  ? -14.674 -4.391  1.849   1.00 62.37  ? 133 VAL A C   1 
ATOM   663  O O   . VAL A 1 99  ? -15.446 -4.555  0.897   1.00 68.41  ? 133 VAL A O   1 
ATOM   664  C CB  . VAL A 1 99  ? -15.689 -4.931  4.112   1.00 62.06  ? 133 VAL A CB  1 
ATOM   665  C CG1 . VAL A 1 99  ? -16.696 -5.833  3.410   1.00 49.62  ? 133 VAL A CG1 1 
ATOM   666  C CG2 . VAL A 1 99  ? -14.533 -5.732  4.692   1.00 62.44  ? 133 VAL A CG2 1 
ATOM   667  N N   . GLY A 1 100 ? -13.376 -4.660  1.780   1.00 59.05  ? 134 GLY A N   1 
ATOM   668  C CA  . GLY A 1 100 ? -12.770 -5.123  0.545   1.00 60.94  ? 134 GLY A CA  1 
ATOM   669  C C   . GLY A 1 100 ? -11.774 -6.234  0.793   1.00 63.27  ? 134 GLY A C   1 
ATOM   670  O O   . GLY A 1 100 ? -11.183 -6.342  1.870   1.00 65.13  ? 134 GLY A O   1 
ATOM   671  N N   . ALA A 1 101 ? -11.589 -7.065  -0.233  1.00 60.17  ? 135 ALA A N   1 
ATOM   672  C CA  . ALA A 1 101 ? -10.630 -8.160  -0.182  1.00 61.07  ? 135 ALA A CA  1 
ATOM   673  C C   . ALA A 1 101 ? -10.074 -8.398  -1.579  1.00 72.19  ? 135 ALA A C   1 
ATOM   674  O O   . ALA A 1 101 ? -10.806 -8.309  -2.569  1.00 67.09  ? 135 ALA A O   1 
ATOM   675  C CB  . ALA A 1 101 ? -11.268 -9.440  0.365   1.00 53.24  ? 135 ALA A CB  1 
ATOM   676  N N   . GLY A 1 102 ? -8.782  -8.698  -1.651  1.00 65.93  ? 136 GLY A N   1 
ATOM   677  C CA  . GLY A 1 102 ? -8.132  -8.897  -2.931  1.00 66.73  ? 136 GLY A CA  1 
ATOM   678  C C   . GLY A 1 102 ? -6.637  -9.039  -2.750  1.00 63.20  ? 136 GLY A C   1 
ATOM   679  O O   . GLY A 1 102 ? -6.117  -9.023  -1.629  1.00 70.63  ? 136 GLY A O   1 
ATOM   680  N N   . ILE A 1 103 ? -5.943  -9.170  -3.887  1.00 60.75  ? 137 ILE A N   1 
ATOM   681  C CA  . ILE A 1 103 ? -4.513  -9.464  -3.884  1.00 74.58  ? 137 ILE A CA  1 
ATOM   682  C C   . ILE A 1 103 ? -3.718  -8.181  -4.062  1.00 71.33  ? 137 ILE A C   1 
ATOM   683  O O   . ILE A 1 103 ? -4.184  -7.202  -4.661  1.00 64.34  ? 137 ILE A O   1 
ATOM   684  C CB  . ILE A 1 103 ? -4.123  -10.489 -4.971  1.00 70.55  ? 137 ILE A CB  1 
ATOM   685  C CG1 . ILE A 1 103 ? -4.240  -9.860  -6.361  1.00 71.07  ? 137 ILE A CG1 1 
ATOM   686  C CG2 . ILE A 1 103 ? -4.978  -11.744 -4.851  1.00 71.69  ? 137 ILE A CG2 1 
ATOM   687  C CD1 . ILE A 1 103 ? -3.951  -10.815 -7.493  1.00 88.90  ? 137 ILE A CD1 1 
ATOM   688  N N   . ASN A 1 104 ? -2.493  -8.198  -3.541  1.00 65.52  ? 138 ASN A N   1 
ATOM   689  C CA  . ASN A 1 104 ? -1.529  -7.116  -3.672  1.00 51.87  ? 138 ASN A CA  1 
ATOM   690  C C   . ASN A 1 104 ? -0.344  -7.577  -4.508  1.00 58.86  ? 138 ASN A C   1 
ATOM   691  O O   . ASN A 1 104 ? 0.049   -8.745  -4.470  1.00 72.33  ? 138 ASN A O   1 
ATOM   692  C CB  . ASN A 1 104 ? -1.028  -6.645  -2.298  1.00 52.63  ? 138 ASN A CB  1 
ATOM   693  C CG  . ASN A 1 104 ? 0.220   -5.766  -2.388  1.00 58.33  ? 138 ASN A CG  1 
ATOM   694  O OD1 . ASN A 1 104 ? 1.344   -6.240  -2.219  1.00 53.22  ? 138 ASN A OD1 1 
ATOM   695  N ND2 . ASN A 1 104 ? 0.021   -4.478  -2.645  1.00 63.81  ? 138 ASN A ND2 1 
ATOM   696  N N   . TYR A 1 105 ? 0.218   -6.650  -5.272  1.00 56.60  ? 139 TYR A N   1 
ATOM   697  C CA  . TYR A 1 105 ? 1.509   -6.839  -5.916  1.00 59.95  ? 139 TYR A CA  1 
ATOM   698  C C   . TYR A 1 105 ? 2.424   -5.712  -5.463  1.00 64.58  ? 139 TYR A C   1 
ATOM   699  O O   . TYR A 1 105 ? 2.086   -4.534  -5.615  1.00 66.72  ? 139 TYR A O   1 
ATOM   700  C CB  . TYR A 1 105 ? 1.373   -6.867  -7.438  1.00 60.47  ? 139 TYR A CB  1 
ATOM   701  C CG  . TYR A 1 105 ? 2.693   -6.889  -8.172  1.00 67.89  ? 139 TYR A CG  1 
ATOM   702  C CD1 . TYR A 1 105 ? 3.594   -7.930  -7.997  1.00 66.36  ? 139 TYR A CD1 1 
ATOM   703  C CD2 . TYR A 1 105 ? 3.033   -5.870  -9.049  1.00 69.20  ? 139 TYR A CD2 1 
ATOM   704  C CE1 . TYR A 1 105 ? 4.798   -7.954  -8.673  1.00 62.29  ? 139 TYR A CE1 1 
ATOM   705  C CE2 . TYR A 1 105 ? 4.232   -5.887  -9.727  1.00 65.15  ? 139 TYR A CE2 1 
ATOM   706  C CZ  . TYR A 1 105 ? 5.110   -6.929  -9.536  1.00 54.59  ? 139 TYR A CZ  1 
ATOM   707  O OH  . TYR A 1 105 ? 6.305   -6.941  -10.213 1.00 78.70  ? 139 TYR A OH  1 
ATOM   708  N N   . THR A 1 106 ? 3.567   -6.070  -4.892  1.00 52.88  ? 140 THR A N   1 
ATOM   709  C CA  . THR A 1 106 ? 4.523   -5.101  -4.380  1.00 50.54  ? 140 THR A CA  1 
ATOM   710  C C   . THR A 1 106 ? 5.859   -5.300  -5.082  1.00 53.38  ? 140 THR A C   1 
ATOM   711  O O   . THR A 1 106 ? 6.371   -6.421  -5.141  1.00 56.80  ? 140 THR A O   1 
ATOM   712  C CB  . THR A 1 106 ? 4.674   -5.243  -2.863  1.00 56.01  ? 140 THR A CB  1 
ATOM   713  O OG1 . THR A 1 106 ? 3.393   -5.081  -2.238  1.00 48.01  ? 140 THR A OG1 1 
ATOM   714  C CG2 . THR A 1 106 ? 5.639   -4.202  -2.319  1.00 56.12  ? 140 THR A CG2 1 
ATOM   715  N N   . THR A 1 107 ? 6.411   -4.215  -5.622  1.00 56.35  ? 141 THR A N   1 
ATOM   716  C CA  . THR A 1 107 ? 7.690   -4.237  -6.318  1.00 53.80  ? 141 THR A CA  1 
ATOM   717  C C   . THR A 1 107 ? 8.654   -3.292  -5.618  1.00 68.64  ? 141 THR A C   1 
ATOM   718  O O   . THR A 1 107 ? 8.288   -2.164  -5.278  1.00 66.92  ? 141 THR A O   1 
ATOM   719  C CB  . THR A 1 107 ? 7.538   -3.814  -7.783  1.00 54.93  ? 141 THR A CB  1 
ATOM   720  O OG1 . THR A 1 107 ? 6.605   -4.680  -8.430  1.00 75.98  ? 141 THR A OG1 1 
ATOM   721  C CG2 . THR A 1 107 ? 8.870   -3.910  -8.518  1.00 44.24  ? 141 THR A CG2 1 
ATOM   722  N N   . PHE A 1 108 ? 9.884   -3.748  -5.409  1.00 56.85  ? 142 PHE A N   1 
ATOM   723  C CA  . PHE A 1 108 ? 10.907  -2.943  -4.762  1.00 51.41  ? 142 PHE A CA  1 
ATOM   724  C C   . PHE A 1 108 ? 11.961  -2.523  -5.780  1.00 53.46  ? 142 PHE A C   1 
ATOM   725  O O   . PHE A 1 108 ? 12.246  -3.246  -6.738  1.00 60.42  ? 142 PHE A O   1 
ATOM   726  C CB  . PHE A 1 108 ? 11.547  -3.709  -3.600  1.00 60.48  ? 142 PHE A CB  1 
ATOM   727  C CG  . PHE A 1 108 ? 10.559  -4.184  -2.572  1.00 50.53  ? 142 PHE A CG  1 
ATOM   728  C CD1 . PHE A 1 108 ? 9.817   -5.336  -2.779  1.00 51.16  ? 142 PHE A CD1 1 
ATOM   729  C CD2 . PHE A 1 108 ? 10.371  -3.477  -1.396  1.00 55.26  ? 142 PHE A CD2 1 
ATOM   730  C CE1 . PHE A 1 108 ? 8.905   -5.771  -1.838  1.00 54.06  ? 142 PHE A CE1 1 
ATOM   731  C CE2 . PHE A 1 108 ? 9.458   -3.906  -0.449  1.00 45.64  ? 142 PHE A CE2 1 
ATOM   732  C CZ  . PHE A 1 108 ? 8.726   -5.056  -0.670  1.00 47.94  ? 142 PHE A CZ  1 
ATOM   733  N N   . PHE A 1 109 ? 12.528  -1.339  -5.567  1.00 52.26  ? 143 PHE A N   1 
ATOM   734  C CA  . PHE A 1 109 ? 13.476  -0.758  -6.510  1.00 55.13  ? 143 PHE A CA  1 
ATOM   735  C C   . PHE A 1 109 ? 14.264  0.342   -5.816  1.00 61.05  ? 143 PHE A C   1 
ATOM   736  O O   . PHE A 1 109 ? 13.848  0.867   -4.781  1.00 65.35  ? 143 PHE A O   1 
ATOM   737  C CB  . PHE A 1 109 ? 12.765  -0.215  -7.754  1.00 64.93  ? 143 PHE A CB  1 
ATOM   738  C CG  . PHE A 1 109 ? 11.616  0.698   -7.442  1.00 59.99  ? 143 PHE A CG  1 
ATOM   739  C CD1 . PHE A 1 109 ? 10.335  0.189   -7.303  1.00 59.79  ? 143 PHE A CD1 1 
ATOM   740  C CD2 . PHE A 1 109 ? 11.811  2.060   -7.282  1.00 55.63  ? 143 PHE A CD2 1 
ATOM   741  C CE1 . PHE A 1 109 ? 9.271   1.016   -7.011  1.00 59.66  ? 143 PHE A CE1 1 
ATOM   742  C CE2 . PHE A 1 109 ? 10.747  2.895   -6.991  1.00 65.73  ? 143 PHE A CE2 1 
ATOM   743  C CZ  . PHE A 1 109 ? 9.476   2.370   -6.855  1.00 63.00  ? 143 PHE A CZ  1 
ATOM   744  N N   . ASN A 1 110 ? 15.399  0.694   -6.418  1.00 62.90  ? 144 ASN A N   1 
ATOM   745  C CA  . ASN A 1 110 ? 16.383  1.597   -5.816  1.00 70.32  ? 144 ASN A CA  1 
ATOM   746  C C   . ASN A 1 110 ? 16.675  1.218   -4.369  1.00 67.81  ? 144 ASN A C   1 
ATOM   747  O O   . ASN A 1 110 ? 16.655  2.052   -3.462  1.00 70.26  ? 144 ASN A O   1 
ATOM   748  C CB  . ASN A 1 110 ? 15.948  3.058   -5.916  1.00 76.01  ? 144 ASN A CB  1 
ATOM   749  C CG  . ASN A 1 110 ? 16.021  3.591   -7.330  1.00 94.04  ? 144 ASN A CG  1 
ATOM   750  O OD1 . ASN A 1 110 ? 15.001  3.896   -7.946  1.00 101.66 ? 144 ASN A OD1 1 
ATOM   751  N ND2 . ASN A 1 110 ? 17.238  3.706   -7.853  1.00 104.40 ? 144 ASN A ND2 1 
ATOM   752  N N   . GLU A 1 111 ? 16.941  -0.068  -4.153  1.00 61.44  ? 145 GLU A N   1 
ATOM   753  C CA  . GLU A 1 111 ? 17.512  -0.491  -2.884  1.00 59.31  ? 145 GLU A CA  1 
ATOM   754  C C   . GLU A 1 111 ? 18.958  -0.027  -2.828  1.00 69.14  ? 145 GLU A C   1 
ATOM   755  O O   . GLU A 1 111 ? 19.727  -0.264  -3.765  1.00 80.18  ? 145 GLU A O   1 
ATOM   756  C CB  . GLU A 1 111 ? 17.468  -2.008  -2.738  1.00 59.07  ? 145 GLU A CB  1 
ATOM   757  C CG  . GLU A 1 111 ? 16.108  -2.657  -2.715  1.00 60.16  ? 145 GLU A CG  1 
ATOM   758  C CD  . GLU A 1 111 ? 15.616  -2.984  -4.101  1.00 57.81  ? 145 GLU A CD  1 
ATOM   759  O OE1 . GLU A 1 111 ? 16.349  -2.708  -5.075  1.00 66.01  ? 145 GLU A OE1 1 
ATOM   760  O OE2 . GLU A 1 111 ? 14.534  -3.588  -4.213  1.00 54.05  ? 145 GLU A OE2 1 
ATOM   761  N N   . ASP A 1 112 ? 19.337  0.629   -1.735  1.00 62.96  ? 146 ASP A N   1 
ATOM   762  C CA  . ASP A 1 112 ? 20.710  1.094   -1.607  1.00 77.61  ? 146 ASP A CA  1 
ATOM   763  C C   . ASP A 1 112 ? 21.061  1.264   -0.137  1.00 82.74  ? 146 ASP A C   1 
ATOM   764  O O   . ASP A 1 112 ? 20.256  1.771   0.647   1.00 69.52  ? 146 ASP A O   1 
ATOM   765  C CB  . ASP A 1 112 ? 20.931  2.411   -2.363  1.00 87.57  ? 146 ASP A CB  1 
ATOM   766  C CG  . ASP A 1 112 ? 21.340  2.191   -3.812  1.00 104.62 ? 146 ASP A CG  1 
ATOM   767  O OD1 . ASP A 1 112 ? 22.171  1.294   -4.071  1.00 112.11 ? 146 ASP A OD1 1 
ATOM   768  O OD2 . ASP A 1 112 ? 20.820  2.907   -4.694  1.00 113.37 ? 146 ASP A OD2 1 
ATOM   769  N N   . PHE A 1 113 ? 22.266  0.822   0.218   1.00 87.85  ? 147 PHE A N   1 
ATOM   770  C CA  . PHE A 1 113 ? 22.821  1.049   1.540   1.00 75.90  ? 147 PHE A CA  1 
ATOM   771  C C   . PHE A 1 113 ? 23.395  2.461   1.622   1.00 82.58  ? 147 PHE A C   1 
ATOM   772  O O   . PHE A 1 113 ? 23.740  3.078   0.609   1.00 89.21  ? 147 PHE A O   1 
ATOM   773  C CB  . PHE A 1 113 ? 23.915  0.025   1.849   1.00 70.39  ? 147 PHE A CB  1 
ATOM   774  C CG  . PHE A 1 113 ? 23.394  -1.349  2.176   1.00 74.08  ? 147 PHE A CG  1 
ATOM   775  C CD1 . PHE A 1 113 ? 22.788  -1.608  3.395   1.00 79.34  ? 147 PHE A CD1 1 
ATOM   776  C CD2 . PHE A 1 113 ? 23.536  -2.389  1.271   1.00 79.33  ? 147 PHE A CD2 1 
ATOM   777  C CE1 . PHE A 1 113 ? 22.316  -2.877  3.695   1.00 73.33  ? 147 PHE A CE1 1 
ATOM   778  C CE2 . PHE A 1 113 ? 23.068  -3.657  1.567   1.00 69.61  ? 147 PHE A CE2 1 
ATOM   779  C CZ  . PHE A 1 113 ? 22.458  -3.901  2.780   1.00 58.99  ? 147 PHE A CZ  1 
ATOM   780  N N   . ASN A 1 114 ? 23.498  2.972   2.845   1.00 83.76  ? 148 ASN A N   1 
ATOM   781  C CA  . ASN A 1 114 ? 24.059  4.293   3.077   1.00 94.74  ? 148 ASN A CA  1 
ATOM   782  C C   . ASN A 1 114 ? 25.506  4.167   3.553   1.00 102.33 ? 148 ASN A C   1 
ATOM   783  O O   . ASN A 1 114 ? 26.064  3.072   3.646   1.00 97.45  ? 148 ASN A O   1 
ATOM   784  C CB  . ASN A 1 114 ? 23.200  5.082   4.072   1.00 90.82  ? 148 ASN A CB  1 
ATOM   785  C CG  . ASN A 1 114 ? 22.933  4.321   5.365   1.00 96.28  ? 148 ASN A CG  1 
ATOM   786  O OD1 . ASN A 1 114 ? 23.745  3.511   5.810   1.00 99.83  ? 148 ASN A OD1 1 
ATOM   787  N ND2 . ASN A 1 114 ? 21.783  4.582   5.972   1.00 94.31  ? 148 ASN A ND2 1 
ATOM   788  N N   . ASP A 1 115 ? 26.119  5.317   3.850   1.00 107.19 ? 149 ASP A N   1 
ATOM   789  C CA  . ASP A 1 115 ? 27.502  5.322   4.317   1.00 95.36  ? 149 ASP A CA  1 
ATOM   790  C C   . ASP A 1 115 ? 27.660  4.486   5.580   1.00 112.81 ? 149 ASP A C   1 
ATOM   791  O O   . ASP A 1 115 ? 28.669  3.792   5.752   1.00 117.26 ? 149 ASP A O   1 
ATOM   792  C CB  . ASP A 1 115 ? 27.966  6.756   4.567   1.00 108.53 ? 149 ASP A CB  1 
ATOM   793  C CG  . ASP A 1 115 ? 27.766  7.654   3.362   1.00 123.37 ? 149 ASP A CG  1 
ATOM   794  O OD1 . ASP A 1 115 ? 26.612  8.060   3.106   1.00 132.93 ? 149 ASP A OD1 1 
ATOM   795  O OD2 . ASP A 1 115 ? 28.763  7.960   2.675   1.00 114.66 ? 149 ASP A OD2 1 
ATOM   796  N N   . THR A 1 116 ? 26.668  4.536   6.472   1.00 105.77 ? 150 THR A N   1 
ATOM   797  C CA  . THR A 1 116 ? 26.734  3.755   7.701   1.00 108.18 ? 150 THR A CA  1 
ATOM   798  C C   . THR A 1 116 ? 26.766  2.260   7.407   1.00 106.77 ? 150 THR A C   1 
ATOM   799  O O   . THR A 1 116 ? 27.540  1.515   8.019   1.00 106.93 ? 150 THR A O   1 
ATOM   800  C CB  . THR A 1 116 ? 25.550  4.097   8.604   1.00 108.65 ? 150 THR A CB  1 
ATOM   801  O OG1 . THR A 1 116 ? 25.490  5.516   8.798   1.00 119.62 ? 150 THR A OG1 1 
ATOM   802  C CG2 . THR A 1 116 ? 25.684  3.404   9.956   1.00 89.38  ? 150 THR A CG2 1 
ATOM   803  N N   . GLY A 1 117 ? 25.939  1.804   6.464   1.00 111.39 ? 151 GLY A N   1 
ATOM   804  C CA  . GLY A 1 117 ? 25.870  0.386   6.165   1.00 98.08  ? 151 GLY A CA  1 
ATOM   805  C C   . GLY A 1 117 ? 26.954  -0.102  5.232   1.00 84.45  ? 151 GLY A C   1 
ATOM   806  O O   . GLY A 1 117 ? 27.349  -1.269  5.302   1.00 86.94  ? 151 GLY A O   1 
ATOM   807  N N   . LYS A 1 118 ? 27.448  0.769   4.348   1.00 93.02  ? 152 LYS A N   1 
ATOM   808  C CA  . LYS A 1 118 ? 28.496  0.362   3.419   1.00 98.26  ? 152 LYS A CA  1 
ATOM   809  C C   . LYS A 1 118 ? 29.839  0.189   4.110   1.00 114.41 ? 152 LYS A C   1 
ATOM   810  O O   . LYS A 1 118 ? 30.722  -0.478  3.560   1.00 114.27 ? 152 LYS A O   1 
ATOM   811  C CB  . LYS A 1 118 ? 28.616  1.369   2.276   1.00 97.45  ? 152 LYS A CB  1 
ATOM   812  C CG  . LYS A 1 118 ? 27.586  1.169   1.176   1.00 94.36  ? 152 LYS A CG  1 
ATOM   813  C CD  . LYS A 1 118 ? 27.641  2.281   0.144   1.00 87.88  ? 152 LYS A CD  1 
ATOM   814  C CE  . LYS A 1 118 ? 26.617  2.053   -0.952  1.00 89.76  ? 152 LYS A CE  1 
ATOM   815  N NZ  . LYS A 1 118 ? 26.621  3.157   -1.949  1.00 110.06 ? 152 LYS A NZ  1 
ATOM   816  N N   . ALA A 1 119 ? 30.017  0.773   5.295   1.00 111.48 ? 153 ALA A N   1 
ATOM   817  C CA  . ALA A 1 119 ? 31.201  0.502   6.096   1.00 103.58 ? 153 ALA A CA  1 
ATOM   818  C C   . ALA A 1 119 ? 31.060  -0.760  6.935   1.00 104.46 ? 153 ALA A C   1 
ATOM   819  O O   . ALA A 1 119 ? 32.026  -1.161  7.594   1.00 116.49 ? 153 ALA A O   1 
ATOM   820  C CB  . ALA A 1 119 ? 31.510  1.693   7.006   1.00 108.92 ? 153 ALA A CB  1 
ATOM   821  N N   . ALA A 1 120 ? 29.886  -1.392  6.924   1.00 81.35  ? 154 ALA A N   1 
ATOM   822  C CA  . ALA A 1 120 ? 29.621  -2.592  7.703   1.00 88.53  ? 154 ALA A CA  1 
ATOM   823  C C   . ALA A 1 120 ? 29.762  -3.865  6.877   1.00 94.98  ? 154 ALA A C   1 
ATOM   824  O O   . ALA A 1 120 ? 29.296  -4.928  7.302   1.00 90.22  ? 154 ALA A O   1 
ATOM   825  C CB  . ALA A 1 120 ? 28.227  -2.515  8.326   1.00 80.73  ? 154 ALA A CB  1 
ATOM   826  N N   . GLY A 1 121 ? 30.396  -3.780  5.709   1.00 88.95  ? 155 GLY A N   1 
ATOM   827  C CA  . GLY A 1 121 ? 30.524  -4.922  4.825   1.00 86.88  ? 155 GLY A CA  1 
ATOM   828  C C   . GLY A 1 121 ? 29.198  -5.328  4.217   1.00 92.37  ? 155 GLY A C   1 
ATOM   829  O O   . GLY A 1 121 ? 28.824  -6.505  4.253   1.00 91.20  ? 155 GLY A O   1 
ATOM   830  N N   . LEU A 1 122 ? 28.479  -4.360  3.649   1.00 91.70  ? 156 LEU A N   1 
ATOM   831  C CA  . LEU A 1 122 ? 27.131  -4.572  3.139   1.00 82.03  ? 156 LEU A CA  1 
ATOM   832  C C   . LEU A 1 122 ? 27.025  -3.993  1.735   1.00 83.17  ? 156 LEU A C   1 
ATOM   833  O O   . LEU A 1 122 ? 27.359  -2.823  1.518   1.00 79.87  ? 156 LEU A O   1 
ATOM   834  C CB  . LEU A 1 122 ? 26.098  -3.925  4.063   1.00 76.41  ? 156 LEU A CB  1 
ATOM   835  C CG  . LEU A 1 122 ? 25.837  -4.648  5.384   1.00 70.62  ? 156 LEU A CG  1 
ATOM   836  C CD1 . LEU A 1 122 ? 24.751  -3.938  6.175   1.00 64.86  ? 156 LEU A CD1 1 
ATOM   837  C CD2 . LEU A 1 122 ? 25.468  -6.105  5.142   1.00 72.83  ? 156 LEU A CD2 1 
ATOM   838  N N   . SER A 1 123 ? 26.554  -4.805  0.790   1.00 76.33  ? 157 SER A N   1 
ATOM   839  C CA  . SER A 1 123 ? 26.439  -4.374  -0.596  1.00 73.25  ? 157 SER A CA  1 
ATOM   840  C C   . SER A 1 123 ? 25.337  -5.169  -1.286  1.00 74.07  ? 157 SER A C   1 
ATOM   841  O O   . SER A 1 123 ? 24.845  -6.174  -0.765  1.00 64.83  ? 157 SER A O   1 
ATOM   842  C CB  . SER A 1 123 ? 27.766  -4.538  -1.349  1.00 66.44  ? 157 SER A CB  1 
ATOM   843  O OG  . SER A 1 123 ? 28.383  -5.773  -1.033  1.00 65.58  ? 157 SER A OG  1 
ATOM   844  N N   . ASP A 1 124 ? 24.959  -4.697  -2.479  1.00 69.45  ? 158 ASP A N   1 
ATOM   845  C CA  . ASP A 1 124 ? 23.992  -5.358  -3.352  1.00 68.33  ? 158 ASP A CA  1 
ATOM   846  C C   . ASP A 1 124 ? 22.710  -5.746  -2.626  1.00 65.40  ? 158 ASP A C   1 
ATOM   847  O O   . ASP A 1 124 ? 22.501  -6.922  -2.320  1.00 71.74  ? 158 ASP A O   1 
ATOM   848  C CB  . ASP A 1 124 ? 24.609  -6.605  -3.998  1.00 70.14  ? 158 ASP A CB  1 
ATOM   849  C CG  . ASP A 1 124 ? 25.419  -6.282  -5.244  1.00 98.29  ? 158 ASP A CG  1 
ATOM   850  O OD1 . ASP A 1 124 ? 25.260  -5.170  -5.793  1.00 108.11 ? 158 ASP A OD1 1 
ATOM   851  O OD2 . ASP A 1 124 ? 26.207  -7.146  -5.683  1.00 107.36 ? 158 ASP A OD2 1 
ATOM   852  N N   . LEU A 1 125 ? 21.844  -4.778  -2.357  1.00 61.76  ? 159 LEU A N   1 
ATOM   853  C CA  . LEU A 1 125 ? 20.556  -5.045  -1.735  1.00 65.37  ? 159 LEU A CA  1 
ATOM   854  C C   . LEU A 1 125 ? 19.472  -5.125  -2.803  1.00 62.14  ? 159 LEU A C   1 
ATOM   855  O O   . LEU A 1 125 ? 19.436  -4.307  -3.727  1.00 61.87  ? 159 LEU A O   1 
ATOM   856  C CB  . LEU A 1 125 ? 20.211  -3.961  -0.711  1.00 63.63  ? 159 LEU A CB  1 
ATOM   857  C CG  . LEU A 1 125 ? 18.880  -4.127  0.024   1.00 56.72  ? 159 LEU A CG  1 
ATOM   858  C CD1 . LEU A 1 125 ? 18.822  -5.465  0.741   1.00 54.34  ? 159 LEU A CD1 1 
ATOM   859  C CD2 . LEU A 1 125 ? 18.672  -2.988  1.002   1.00 61.22  ? 159 LEU A CD2 1 
ATOM   860  N N   . SER A 1 126 ? 18.590  -6.115  -2.674  1.00 52.59  ? 160 SER A N   1 
ATOM   861  C CA  . SER A 1 126 ? 17.511  -6.289  -3.645  1.00 50.14  ? 160 SER A CA  1 
ATOM   862  C C   . SER A 1 126 ? 16.409  -7.123  -3.008  1.00 56.30  ? 160 SER A C   1 
ATOM   863  O O   . SER A 1 126 ? 16.610  -8.311  -2.740  1.00 49.60  ? 160 SER A O   1 
ATOM   864  C CB  . SER A 1 126 ? 18.029  -6.950  -4.917  1.00 61.12  ? 160 SER A CB  1 
ATOM   865  O OG  . SER A 1 126 ? 18.448  -8.279  -4.665  1.00 63.28  ? 160 SER A OG  1 
ATOM   866  N N   . LEU A 1 127 ? 15.251  -6.505  -2.777  1.00 64.31  ? 161 LEU A N   1 
ATOM   867  C CA  . LEU A 1 127 ? 14.068  -7.217  -2.311  1.00 57.82  ? 161 LEU A CA  1 
ATOM   868  C C   . LEU A 1 127 ? 13.265  -7.697  -3.511  1.00 51.06  ? 161 LEU A C   1 
ATOM   869  O O   . LEU A 1 127 ? 13.032  -6.934  -4.454  1.00 70.70  ? 161 LEU A O   1 
ATOM   870  C CB  . LEU A 1 127 ? 13.199  -6.324  -1.425  1.00 57.70  ? 161 LEU A CB  1 
ATOM   871  C CG  . LEU A 1 127 ? 13.695  -6.010  -0.013  1.00 59.63  ? 161 LEU A CG  1 
ATOM   872  C CD1 . LEU A 1 127 ? 14.722  -4.885  -0.033  1.00 57.35  ? 161 LEU A CD1 1 
ATOM   873  C CD2 . LEU A 1 127 ? 12.522  -5.659  0.887   1.00 50.30  ? 161 LEU A CD2 1 
ATOM   874  N N   . LYS A 1 128 ? 12.848  -8.959  -3.482  1.00 51.60  ? 162 LYS A N   1 
ATOM   875  C CA  . LYS A 1 128 ? 12.121  -9.521  -4.610  1.00 63.27  ? 162 LYS A CA  1 
ATOM   876  C C   . LYS A 1 128 ? 10.647  -9.148  -4.539  1.00 65.59  ? 162 LYS A C   1 
ATOM   877  O O   . LYS A 1 128 ? 10.081  -8.963  -3.458  1.00 77.38  ? 162 LYS A O   1 
ATOM   878  C CB  . LYS A 1 128 ? 12.280  -11.045 -4.663  1.00 71.17  ? 162 LYS A CB  1 
ATOM   879  C CG  . LYS A 1 128 ? 13.575  -11.503 -5.341  1.00 89.81  ? 162 LYS A CG  1 
ATOM   880  C CD  . LYS A 1 128 ? 13.468  -12.905 -5.938  1.00 73.39  ? 162 LYS A CD  1 
ATOM   881  C CE  . LYS A 1 128 ? 13.663  -13.973 -4.868  1.00 104.17 ? 162 LYS A CE  1 
ATOM   882  N NZ  . LYS A 1 128 ? 13.825  -15.344 -5.435  1.00 93.39  ? 162 LYS A NZ  1 
ATOM   883  N N   . ASP A 1 129 ? 10.033  -9.021  -5.712  1.00 46.32  ? 163 ASP A N   1 
ATOM   884  C CA  . ASP A 1 129 ? 8.621   -8.676  -5.786  1.00 55.93  ? 163 ASP A CA  1 
ATOM   885  C C   . ASP A 1 129 ? 7.780   -9.655  -4.974  1.00 55.79  ? 163 ASP A C   1 
ATOM   886  O O   . ASP A 1 129 ? 8.138   -10.822 -4.796  1.00 52.71  ? 163 ASP A O   1 
ATOM   887  C CB  . ASP A 1 129 ? 8.166   -8.648  -7.245  1.00 52.83  ? 163 ASP A CB  1 
ATOM   888  C CG  . ASP A 1 129 ? 8.913   -7.611  -8.067  1.00 63.75  ? 163 ASP A CG  1 
ATOM   889  O OD1 . ASP A 1 129 ? 9.814   -6.939  -7.513  1.00 73.34  ? 163 ASP A OD1 1 
ATOM   890  O OD2 . ASP A 1 129 ? 8.616   -7.484  -9.271  1.00 59.24  ? 163 ASP A OD2 1 
ATOM   891  N N   . SER A 1 130 ? 6.654   -9.162  -4.464  1.00 63.50  ? 164 SER A N   1 
ATOM   892  C CA  . SER A 1 130 ? 5.808   -9.924  -3.558  1.00 65.98  ? 164 SER A CA  1 
ATOM   893  C C   . SER A 1 130 ? 4.348   -9.839  -3.972  1.00 69.98  ? 164 SER A C   1 
ATOM   894  O O   . SER A 1 130 ? 3.861   -8.776  -4.371  1.00 67.78  ? 164 SER A O   1 
ATOM   895  C CB  . SER A 1 130 ? 5.954   -9.430  -2.114  1.00 71.26  ? 164 SER A CB  1 
ATOM   896  O OG  . SER A 1 130 ? 5.093   -10.148 -1.246  1.00 78.81  ? 164 SER A OG  1 
ATOM   897  N N   . TRP A 1 131 ? 3.656   -10.968 -3.863  1.00 68.61  ? 165 TRP A N   1 
ATOM   898  C CA  . TRP A 1 131 ? 2.215   -11.043 -4.024  1.00 63.36  ? 165 TRP A CA  1 
ATOM   899  C C   . TRP A 1 131 ? 1.610   -11.528 -2.714  1.00 70.62  ? 165 TRP A C   1 
ATOM   900  O O   . TRP A 1 131 ? 2.216   -12.333 -2.000  1.00 74.49  ? 165 TRP A O   1 
ATOM   901  C CB  . TRP A 1 131 ? 1.824   -11.992 -5.163  1.00 55.43  ? 165 TRP A CB  1 
ATOM   902  C CG  . TRP A 1 131 ? 2.257   -11.541 -6.529  1.00 63.21  ? 165 TRP A CG  1 
ATOM   903  C CD1 . TRP A 1 131 ? 3.516   -11.616 -7.056  1.00 73.06  ? 165 TRP A CD1 1 
ATOM   904  C CD2 . TRP A 1 131 ? 1.431   -10.969 -7.551  1.00 75.85  ? 165 TRP A CD2 1 
ATOM   905  N NE1 . TRP A 1 131 ? 3.525   -11.119 -8.337  1.00 71.92  ? 165 TRP A NE1 1 
ATOM   906  C CE2 . TRP A 1 131 ? 2.256   -10.719 -8.666  1.00 75.16  ? 165 TRP A CE2 1 
ATOM   907  C CE3 . TRP A 1 131 ? 0.072   -10.641 -7.630  1.00 79.03  ? 165 TRP A CE3 1 
ATOM   908  C CZ2 . TRP A 1 131 ? 1.771   -10.150 -9.843  1.00 66.28  ? 165 TRP A CZ2 1 
ATOM   909  C CZ3 . TRP A 1 131 ? -0.408  -10.079 -8.801  1.00 67.98  ? 165 TRP A CZ3 1 
ATOM   910  C CH2 . TRP A 1 131 ? 0.439   -9.840  -9.890  1.00 73.72  ? 165 TRP A CH2 1 
ATOM   911  N N   . GLY A 1 132 ? 0.421   -11.033 -2.393  1.00 57.49  ? 166 GLY A N   1 
ATOM   912  C CA  . GLY A 1 132 ? -0.204  -11.437 -1.147  1.00 51.91  ? 166 GLY A CA  1 
ATOM   913  C C   . GLY A 1 132 ? -1.637  -10.962 -1.064  1.00 69.59  ? 166 GLY A C   1 
ATOM   914  O O   . GLY A 1 132 ? -2.139  -10.258 -1.945  1.00 74.99  ? 166 GLY A O   1 
ATOM   915  N N   . ALA A 1 133 ? -2.294  -11.367 0.018   1.00 75.95  ? 167 ALA A N   1 
ATOM   916  C CA  . ALA A 1 133 ? -3.669  -10.970 0.266   1.00 66.56  ? 167 ALA A CA  1 
ATOM   917  C C   . ALA A 1 133 ? -3.717  -9.572  0.874   1.00 76.80  ? 167 ALA A C   1 
ATOM   918  O O   . ALA A 1 133 ? -2.752  -9.092  1.475   1.00 72.39  ? 167 ALA A O   1 
ATOM   919  C CB  . ALA A 1 133 ? -4.361  -11.967 1.194   1.00 57.15  ? 167 ALA A CB  1 
ATOM   920  N N   . ALA A 1 134 ? -4.866  -8.920  0.714   1.00 69.36  ? 168 ALA A N   1 
ATOM   921  C CA  . ALA A 1 134 ? -5.067  -7.574  1.230   1.00 57.09  ? 168 ALA A CA  1 
ATOM   922  C C   . ALA A 1 134 ? -6.502  -7.426  1.706   1.00 55.74  ? 168 ALA A C   1 
ATOM   923  O O   . ALA A 1 134 ? -7.439  -7.819  1.003   1.00 60.12  ? 168 ALA A O   1 
ATOM   924  C CB  . ALA A 1 134 ? -4.747  -6.517  0.166   1.00 59.20  ? 168 ALA A CB  1 
ATOM   925  N N   . GLY A 1 135 ? -6.669  -6.869  2.904   1.00 55.52  ? 169 GLY A N   1 
ATOM   926  C CA  . GLY A 1 135 ? -7.984  -6.572  3.437   1.00 53.96  ? 169 GLY A CA  1 
ATOM   927  C C   . GLY A 1 135 ? -8.264  -5.083  3.448   1.00 66.34  ? 169 GLY A C   1 
ATOM   928  O O   . GLY A 1 135 ? -7.333  -4.278  3.340   1.00 66.21  ? 169 GLY A O   1 
ATOM   929  N N   . GLN A 1 136 ? -9.530  -4.693  3.601   1.00 74.17  ? 170 GLN A N   1 
ATOM   930  C CA  . GLN A 1 136 ? -9.904  -3.300  3.395   1.00 64.92  ? 170 GLN A CA  1 
ATOM   931  C C   . GLN A 1 136 ? -11.103 -2.949  4.265   1.00 56.28  ? 170 GLN A C   1 
ATOM   932  O O   . GLN A 1 136 ? -12.073 -3.709  4.318   1.00 54.30  ? 170 GLN A O   1 
ATOM   933  C CB  . GLN A 1 136 ? -10.238 -3.054  1.921   1.00 63.55  ? 170 GLN A CB  1 
ATOM   934  C CG  . GLN A 1 136 ? -10.428 -1.613  1.530   1.00 70.11  ? 170 GLN A CG  1 
ATOM   935  C CD  . GLN A 1 136 ? -10.710 -1.464  0.049   1.00 71.04  ? 170 GLN A CD  1 
ATOM   936  O OE1 . GLN A 1 136 ? -10.884 -2.455  -0.664  1.00 56.77  ? 170 GLN A OE1 1 
ATOM   937  N NE2 . GLN A 1 136 ? -10.714 -0.226  -0.431  1.00 77.33  ? 170 GLN A NE2 1 
ATOM   938  N N   . VAL A 1 137 ? -11.027 -1.803  4.939   1.00 58.56  ? 171 VAL A N   1 
ATOM   939  C CA  . VAL A 1 137 ? -12.157 -1.209  5.651   1.00 69.34  ? 171 VAL A CA  1 
ATOM   940  C C   . VAL A 1 137 ? -12.186 0.274   5.309   1.00 71.31  ? 171 VAL A C   1 
ATOM   941  O O   . VAL A 1 137 ? -11.215 0.991   5.575   1.00 70.80  ? 171 VAL A O   1 
ATOM   942  C CB  . VAL A 1 137 ? -12.072 -1.404  7.176   1.00 53.64  ? 171 VAL A CB  1 
ATOM   943  C CG1 . VAL A 1 137 ? -13.136 -0.578  7.868   1.00 54.89  ? 171 VAL A CG1 1 
ATOM   944  C CG2 . VAL A 1 137 ? -12.260 -2.868  7.529   1.00 71.77  ? 171 VAL A CG2 1 
ATOM   945  N N   . GLY A 1 138 ? -13.294 0.737   4.723   1.00 67.34  ? 172 GLY A N   1 
ATOM   946  C CA  . GLY A 1 138 ? -13.385 2.107   4.271   1.00 74.17  ? 172 GLY A CA  1 
ATOM   947  C C   . GLY A 1 138 ? -14.763 2.692   4.500   1.00 81.63  ? 172 GLY A C   1 
ATOM   948  O O   . GLY A 1 138 ? -15.707 1.994   4.880   1.00 84.08  ? 172 GLY A O   1 
ATOM   949  N N   . LEU A 1 139 ? -14.864 3.996   4.245   1.00 86.31  ? 173 LEU A N   1 
ATOM   950  C CA  . LEU A 1 139 ? -16.096 4.742   4.466   1.00 72.53  ? 173 LEU A CA  1 
ATOM   951  C C   . LEU A 1 139 ? -16.175 5.894   3.477   1.00 70.14  ? 173 LEU A C   1 
ATOM   952  O O   . LEU A 1 139 ? -15.252 6.710   3.398   1.00 69.14  ? 173 LEU A O   1 
ATOM   953  C CB  . LEU A 1 139 ? -16.165 5.274   5.901   1.00 63.58  ? 173 LEU A CB  1 
ATOM   954  C CG  . LEU A 1 139 ? -17.337 6.197   6.234   1.00 73.02  ? 173 LEU A CG  1 
ATOM   955  C CD1 . LEU A 1 139 ? -18.648 5.432   6.179   1.00 84.90  ? 173 LEU A CD1 1 
ATOM   956  C CD2 . LEU A 1 139 ? -17.132 6.828   7.604   1.00 63.72  ? 173 LEU A CD2 1 
ATOM   957  N N   . ASP A 1 140 ? -17.275 5.951   2.731   1.00 77.46  ? 174 ASP A N   1 
ATOM   958  C CA  . ASP A 1 140 ? -17.553 7.023   1.783   1.00 77.30  ? 174 ASP A CA  1 
ATOM   959  C C   . ASP A 1 140 ? -18.652 7.916   2.343   1.00 79.44  ? 174 ASP A C   1 
ATOM   960  O O   . ASP A 1 140 ? -19.790 7.467   2.505   1.00 89.48  ? 174 ASP A O   1 
ATOM   961  C CB  . ASP A 1 140 ? -17.995 6.463   0.431   1.00 77.01  ? 174 ASP A CB  1 
ATOM   962  C CG  . ASP A 1 140 ? -16.837 6.165   -0.493  1.00 79.06  ? 174 ASP A CG  1 
ATOM   963  O OD1 . ASP A 1 140 ? -15.692 6.554   -0.173  1.00 74.02  ? 174 ASP A OD1 1 
ATOM   964  O OD2 . ASP A 1 140 ? -17.080 5.548   -1.554  1.00 78.23  ? 174 ASP A OD2 1 
ATOM   965  N N   . TYR A 1 141 ? -18.322 9.172   2.631   1.00 86.76  ? 175 TYR A N   1 
ATOM   966  C CA  . TYR A 1 141 ? -19.350 10.190  2.820   1.00 86.51  ? 175 TYR A CA  1 
ATOM   967  C C   . TYR A 1 141 ? -19.560 10.870  1.474   1.00 80.12  ? 175 TYR A C   1 
ATOM   968  O O   . TYR A 1 141 ? -18.676 11.579  0.984   1.00 74.90  ? 175 TYR A O   1 
ATOM   969  C CB  . TYR A 1 141 ? -18.981 11.216  3.890   1.00 89.57  ? 175 TYR A CB  1 
ATOM   970  C CG  . TYR A 1 141 ? -20.091 12.236  4.104   1.00 101.07 ? 175 TYR A CG  1 
ATOM   971  C CD1 . TYR A 1 141 ? -21.398 11.955  3.713   1.00 110.81 ? 175 TYR A CD1 1 
ATOM   972  C CD2 . TYR A 1 141 ? -19.835 13.484  4.662   1.00 99.98  ? 175 TYR A CD2 1 
ATOM   973  C CE1 . TYR A 1 141 ? -22.416 12.869  3.881   1.00 112.86 ? 175 TYR A CE1 1 
ATOM   974  C CE2 . TYR A 1 141 ? -20.860 14.413  4.837   1.00 100.09 ? 175 TYR A CE2 1 
ATOM   975  C CZ  . TYR A 1 141 ? -22.149 14.094  4.442   1.00 114.52 ? 175 TYR A CZ  1 
ATOM   976  O OH  . TYR A 1 141 ? -23.182 14.992  4.600   1.00 101.07 ? 175 TYR A OH  1 
ATOM   977  N N   . LEU A 1 142 ? -20.731 10.661  0.885   1.00 86.74  ? 176 LEU A N   1 
ATOM   978  C CA  . LEU A 1 142 ? -21.070 11.245  -0.403  1.00 91.76  ? 176 LEU A CA  1 
ATOM   979  C C   . LEU A 1 142 ? -21.644 12.640  -0.175  1.00 101.02 ? 176 LEU A C   1 
ATOM   980  O O   . LEU A 1 142 ? -22.699 12.789  0.454   1.00 99.81  ? 176 LEU A O   1 
ATOM   981  C CB  . LEU A 1 142 ? -22.060 10.352  -1.147  1.00 79.35  ? 176 LEU A CB  1 
ATOM   982  C CG  . LEU A 1 142 ? -21.662 8.873   -1.164  1.00 82.58  ? 176 LEU A CG  1 
ATOM   983  C CD1 . LEU A 1 142 ? -22.634 8.058   -2.003  1.00 72.18  ? 176 LEU A CD1 1 
ATOM   984  C CD2 . LEU A 1 142 ? -20.229 8.689   -1.652  1.00 83.75  ? 176 LEU A CD2 1 
ATOM   985  N N   . ILE A 1 143 ? -20.940 13.658  -0.672  1.00 92.62  ? 177 ILE A N   1 
ATOM   986  C CA  . ILE A 1 143 ? -21.367 15.038  -0.469  1.00 84.60  ? 177 ILE A CA  1 
ATOM   987  C C   . ILE A 1 143 ? -22.514 15.388  -1.406  1.00 90.21  ? 177 ILE A C   1 
ATOM   988  O O   . ILE A 1 143 ? -23.526 15.962  -0.988  1.00 93.43  ? 177 ILE A O   1 
ATOM   989  C CB  . ILE A 1 143 ? -20.175 15.996  -0.653  1.00 86.97  ? 177 ILE A CB  1 
ATOM   990  C CG1 . ILE A 1 143 ? -19.068 15.671  0.353   1.00 86.28  ? 177 ILE A CG1 1 
ATOM   991  C CG2 . ILE A 1 143 ? -20.623 17.441  -0.507  1.00 81.77  ? 177 ILE A CG2 1 
ATOM   992  C CD1 . ILE A 1 143 ? -19.371 16.124  1.763   1.00 82.99  ? 177 ILE A CD1 1 
ATOM   993  N N   . ASN A 1 144 ? -22.377 15.048  -2.685  1.00 82.14  ? 178 ASN A N   1 
ATOM   994  C CA  . ASN A 1 144 ? -23.439 15.293  -3.650  1.00 77.35  ? 178 ASN A CA  1 
ATOM   995  C C   . ASN A 1 144 ? -23.448 14.208  -4.719  1.00 75.73  ? 178 ASN A C   1 
ATOM   996  O O   . ASN A 1 144 ? -23.165 13.041  -4.426  1.00 89.29  ? 178 ASN A O   1 
ATOM   997  C CB  . ASN A 1 144 ? -23.286 16.694  -4.254  1.00 89.67  ? 178 ASN A CB  1 
ATOM   998  C CG  . ASN A 1 144 ? -21.989 16.873  -5.027  1.00 90.21  ? 178 ASN A CG  1 
ATOM   999  O OD1 . ASN A 1 144 ? -21.541 15.982  -5.744  1.00 95.89  ? 178 ASN A OD1 1 
ATOM   1000 N ND2 . ASN A 1 144 ? -21.369 18.038  -4.865  1.00 89.69  ? 178 ASN A ND2 1 
ATOM   1001 N N   . ARG A 1 145 ? -23.777 14.575  -5.956  1.00 74.27  ? 179 ARG A N   1 
ATOM   1002 C CA  . ARG A 1 145 ? -23.773 13.610  -7.045  1.00 89.77  ? 179 ARG A CA  1 
ATOM   1003 C C   . ARG A 1 145 ? -22.389 13.389  -7.639  1.00 92.66  ? 179 ARG A C   1 
ATOM   1004 O O   . ARG A 1 145 ? -22.216 12.457  -8.428  1.00 96.55  ? 179 ARG A O   1 
ATOM   1005 C CB  . ARG A 1 145 ? -24.738 14.052  -8.149  1.00 102.62 ? 179 ARG A CB  1 
ATOM   1006 C CG  . ARG A 1 145 ? -24.409 15.395  -8.782  1.00 107.25 ? 179 ARG A CG  1 
ATOM   1007 C CD  . ARG A 1 145 ? -25.438 15.739  -9.841  1.00 113.64 ? 179 ARG A CD  1 
ATOM   1008 N NE  . ARG A 1 145 ? -26.792 15.711  -9.295  1.00 120.61 ? 179 ARG A NE  1 
ATOM   1009 C CZ  . ARG A 1 145 ? -27.896 15.858  -10.019 1.00 125.24 ? 179 ARG A CZ  1 
ATOM   1010 N NH1 . ARG A 1 145 ? -27.814 16.043  -11.330 1.00 117.18 ? 179 ARG A NH1 1 
ATOM   1011 N NH2 . ARG A 1 145 ? -29.084 15.814  -9.432  1.00 135.04 ? 179 ARG A NH2 1 
ATOM   1012 N N   . ASP A 1 146 ? -21.414 14.201  -7.280  1.00 89.12  ? 180 ASP A N   1 
ATOM   1013 C CA  . ASP A 1 146 ? -20.080 14.096  -7.863  1.00 97.39  ? 180 ASP A CA  1 
ATOM   1014 C C   . ASP A 1 146 ? -18.976 13.995  -6.821  1.00 83.08  ? 180 ASP A C   1 
ATOM   1015 O O   . ASP A 1 146 ? -17.997 13.280  -7.045  1.00 78.40  ? 180 ASP A O   1 
ATOM   1016 C CB  . ASP A 1 146 ? -19.813 15.296  -8.781  1.00 102.01 ? 180 ASP A CB  1 
ATOM   1017 C CG  . ASP A 1 146 ? -20.498 15.168  -10.129 1.00 94.27  ? 180 ASP A CG  1 
ATOM   1018 O OD1 . ASP A 1 146 ? -20.946 14.055  -10.471 1.00 98.62  ? 180 ASP A OD1 1 
ATOM   1019 O OD2 . ASP A 1 146 ? -20.590 16.189  -10.844 1.00 85.20  ? 180 ASP A OD2 1 
ATOM   1020 N N   . TRP A 1 147 ? -19.108 14.682  -5.692  1.00 71.46  ? 181 TRP A N   1 
ATOM   1021 C CA  . TRP A 1 147 ? -18.043 14.785  -4.705  1.00 77.41  ? 181 TRP A CA  1 
ATOM   1022 C C   . TRP A 1 147 ? -18.298 13.867  -3.517  1.00 87.33  ? 181 TRP A C   1 
ATOM   1023 O O   . TRP A 1 147 ? -19.444 13.618  -3.130  1.00 83.20  ? 181 TRP A O   1 
ATOM   1024 C CB  . TRP A 1 147 ? -17.905 16.229  -4.222  1.00 69.97  ? 181 TRP A CB  1 
ATOM   1025 C CG  . TRP A 1 147 ? -17.284 17.121  -5.237  1.00 86.85  ? 181 TRP A CG  1 
ATOM   1026 C CD1 . TRP A 1 147 ? -17.928 17.836  -6.204  1.00 78.86  ? 181 TRP A CD1 1 
ATOM   1027 C CD2 . TRP A 1 147 ? -15.887 17.389  -5.400  1.00 86.17  ? 181 TRP A CD2 1 
ATOM   1028 N NE1 . TRP A 1 147 ? -17.017 18.535  -6.957  1.00 79.17  ? 181 TRP A NE1 1 
ATOM   1029 C CE2 . TRP A 1 147 ? -15.757 18.277  -6.484  1.00 77.70  ? 181 TRP A CE2 1 
ATOM   1030 C CE3 . TRP A 1 147 ? -14.735 16.962  -4.733  1.00 76.87  ? 181 TRP A CE3 1 
ATOM   1031 C CZ2 . TRP A 1 147 ? -14.522 18.749  -6.915  1.00 75.83  ? 181 TRP A CZ2 1 
ATOM   1032 C CZ3 . TRP A 1 147 ? -13.509 17.432  -5.164  1.00 84.86  ? 181 TRP A CZ3 1 
ATOM   1033 C CH2 . TRP A 1 147 ? -13.411 18.317  -6.245  1.00 79.67  ? 181 TRP A CH2 1 
ATOM   1034 N N   . LEU A 1 148 ? -17.205 13.372  -2.934  1.00 82.54  ? 182 LEU A N   1 
ATOM   1035 C CA  . LEU A 1 148 ? -17.274 12.537  -1.744  1.00 75.80  ? 182 LEU A CA  1 
ATOM   1036 C C   . LEU A 1 148 ? -15.999 12.710  -0.928  1.00 79.19  ? 182 LEU A C   1 
ATOM   1037 O O   . LEU A 1 148 ? -14.959 13.135  -1.440  1.00 73.19  ? 182 LEU A O   1 
ATOM   1038 C CB  . LEU A 1 148 ? -17.502 11.057  -2.100  1.00 79.39  ? 182 LEU A CB  1 
ATOM   1039 C CG  . LEU A 1 148 ? -16.485 10.276  -2.948  1.00 79.24  ? 182 LEU A CG  1 
ATOM   1040 C CD1 . LEU A 1 148 ? -15.340 9.715   -2.111  1.00 69.53  ? 182 LEU A CD1 1 
ATOM   1041 C CD2 . LEU A 1 148 ? -17.173 9.156   -3.718  1.00 78.03  ? 182 LEU A CD2 1 
ATOM   1042 N N   . LEU A 1 149 ? -16.097 12.382  0.359   1.00 79.76  ? 183 LEU A N   1 
ATOM   1043 C CA  . LEU A 1 149 ? -14.953 12.320  1.261   1.00 80.97  ? 183 LEU A CA  1 
ATOM   1044 C C   . LEU A 1 149 ? -14.797 10.886  1.743   1.00 83.84  ? 183 LEU A C   1 
ATOM   1045 O O   . LEU A 1 149 ? -15.793 10.190  1.967   1.00 92.43  ? 183 LEU A O   1 
ATOM   1046 C CB  . LEU A 1 149 ? -15.124 13.268  2.451   1.00 80.15  ? 183 LEU A CB  1 
ATOM   1047 C CG  . LEU A 1 149 ? -15.039 14.760  2.118   1.00 79.35  ? 183 LEU A CG  1 
ATOM   1048 C CD1 . LEU A 1 149 ? -14.933 15.591  3.390   1.00 64.63  ? 183 LEU A CD1 1 
ATOM   1049 C CD2 . LEU A 1 149 ? -13.877 15.046  1.176   1.00 76.48  ? 183 LEU A CD2 1 
ATOM   1050 N N   . ASN A 1 150 ? -13.552 10.440  1.906   1.00 92.32  ? 184 ASN A N   1 
ATOM   1051 C CA  . ASN A 1 150 ? -13.287 9.018   2.077   1.00 76.06  ? 184 ASN A CA  1 
ATOM   1052 C C   . ASN A 1 150 ? -12.172 8.775   3.083   1.00 65.22  ? 184 ASN A C   1 
ATOM   1053 O O   . ASN A 1 150 ? -11.228 9.561   3.199   1.00 69.54  ? 184 ASN A O   1 
ATOM   1054 C CB  . ASN A 1 150 ? -12.925 8.373   0.733   1.00 74.03  ? 184 ASN A CB  1 
ATOM   1055 C CG  . ASN A 1 150 ? -12.564 6.915   0.866   1.00 65.87  ? 184 ASN A CG  1 
ATOM   1056 O OD1 . ASN A 1 150 ? -11.426 6.573   1.185   1.00 77.29  ? 184 ASN A OD1 1 
ATOM   1057 N ND2 . ASN A 1 150 ? -13.535 6.043   0.629   1.00 65.74  ? 184 ASN A ND2 1 
ATOM   1058 N N   . MET A 1 151 ? -12.302 7.664   3.810   1.00 79.45  ? 185 MET A N   1 
ATOM   1059 C CA  . MET A 1 151 ? -11.246 7.098   4.639   1.00 72.72  ? 185 MET A CA  1 
ATOM   1060 C C   . MET A 1 151 ? -11.212 5.596   4.407   1.00 67.76  ? 185 MET A C   1 
ATOM   1061 O O   . MET A 1 151 ? -12.263 4.955   4.365   1.00 71.38  ? 185 MET A O   1 
ATOM   1062 C CB  . MET A 1 151 ? -11.474 7.363   6.130   1.00 59.84  ? 185 MET A CB  1 
ATOM   1063 C CG  . MET A 1 151 ? -11.405 8.815   6.544   1.00 73.32  ? 185 MET A CG  1 
ATOM   1064 S SD  . MET A 1 151 ? -11.574 8.961   8.333   1.00 92.34  ? 185 MET A SD  1 
ATOM   1065 C CE  . MET A 1 151 ? -13.316 8.600   8.549   1.00 74.19  ? 185 MET A CE  1 
ATOM   1066 N N   . SER A 1 152 ? -10.013 5.033   4.264   1.00 69.59  ? 186 SER A N   1 
ATOM   1067 C CA  . SER A 1 152 ? -9.869  3.590   4.114   1.00 68.61  ? 186 SER A CA  1 
ATOM   1068 C C   . SER A 1 152 ? -8.637  3.108   4.865   1.00 64.90  ? 186 SER A C   1 
ATOM   1069 O O   . SER A 1 152 ? -7.615  3.797   4.930   1.00 58.18  ? 186 SER A O   1 
ATOM   1070 C CB  . SER A 1 152 ? -9.768  3.168   2.643   1.00 61.79  ? 186 SER A CB  1 
ATOM   1071 O OG  . SER A 1 152 ? -8.608  3.716   2.041   1.00 74.04  ? 186 SER A OG  1 
ATOM   1072 N N   . VAL A 1 153 ? -8.745  1.909   5.433   1.00 62.43  ? 187 VAL A N   1 
ATOM   1073 C CA  . VAL A 1 153 ? -7.636  1.251   6.110   1.00 66.81  ? 187 VAL A CA  1 
ATOM   1074 C C   . VAL A 1 153 ? -7.376  -0.069  5.404   1.00 57.09  ? 187 VAL A C   1 
ATOM   1075 O O   . VAL A 1 153 ? -8.300  -0.869  5.209   1.00 47.05  ? 187 VAL A O   1 
ATOM   1076 C CB  . VAL A 1 153 ? -7.925  1.030   7.606   1.00 67.05  ? 187 VAL A CB  1 
ATOM   1077 C CG1 . VAL A 1 153 ? -6.709  0.432   8.296   1.00 57.89  ? 187 VAL A CG1 1 
ATOM   1078 C CG2 . VAL A 1 153 ? -8.327  2.339   8.265   1.00 72.41  ? 187 VAL A CG2 1 
ATOM   1079 N N   . TRP A 1 154 ? -6.127  -0.292  5.012   1.00 64.12  ? 188 TRP A N   1 
ATOM   1080 C CA  . TRP A 1 154 ? -5.729  -1.489  4.289   1.00 66.03  ? 188 TRP A CA  1 
ATOM   1081 C C   . TRP A 1 154 ? -4.810  -2.339  5.152   1.00 66.22  ? 188 TRP A C   1 
ATOM   1082 O O   . TRP A 1 154 ? -3.962  -1.815  5.883   1.00 57.15  ? 188 TRP A O   1 
ATOM   1083 C CB  . TRP A 1 154 ? -5.018  -1.138  2.977   1.00 64.99  ? 188 TRP A CB  1 
ATOM   1084 C CG  . TRP A 1 154 ? -5.807  -0.248  2.061   1.00 70.21  ? 188 TRP A CG  1 
ATOM   1085 C CD1 . TRP A 1 154 ? -6.165  1.051   2.280   1.00 66.55  ? 188 TRP A CD1 1 
ATOM   1086 C CD2 . TRP A 1 154 ? -6.325  -0.594  0.772   1.00 63.91  ? 188 TRP A CD2 1 
ATOM   1087 N NE1 . TRP A 1 154 ? -6.880  1.532   1.210   1.00 65.88  ? 188 TRP A NE1 1 
ATOM   1088 C CE2 . TRP A 1 154 ? -6.991  0.542   0.270   1.00 65.62  ? 188 TRP A CE2 1 
ATOM   1089 C CE3 . TRP A 1 154 ? -6.291  -1.753  -0.007  1.00 60.55  ? 188 TRP A CE3 1 
ATOM   1090 C CZ2 . TRP A 1 154 ? -7.617  0.552   -0.974  1.00 70.55  ? 188 TRP A CZ2 1 
ATOM   1091 C CZ3 . TRP A 1 154 ? -6.910  -1.742  -1.238  1.00 67.03  ? 188 TRP A CZ3 1 
ATOM   1092 C CH2 . TRP A 1 154 ? -7.568  -0.599  -1.710  1.00 77.64  ? 188 TRP A CH2 1 
ATOM   1093 N N   . TYR A 1 155 ? -4.982  -3.655  5.063   1.00 66.37  ? 189 TYR A N   1 
ATOM   1094 C CA  . TYR A 1 155 ? -4.059  -4.605  5.672   1.00 67.60  ? 189 TYR A CA  1 
ATOM   1095 C C   . TYR A 1 155 ? -3.610  -5.583  4.597   1.00 62.48  ? 189 TYR A C   1 
ATOM   1096 O O   . TYR A 1 155 ? -4.406  -6.400  4.123   1.00 59.53  ? 189 TYR A O   1 
ATOM   1097 C CB  . TYR A 1 155 ? -4.702  -5.338  6.847   1.00 74.08  ? 189 TYR A CB  1 
ATOM   1098 C CG  . TYR A 1 155 ? -3.691  -6.084  7.683   1.00 80.71  ? 189 TYR A CG  1 
ATOM   1099 C CD1 . TYR A 1 155 ? -2.838  -5.402  8.539   1.00 73.29  ? 189 TYR A CD1 1 
ATOM   1100 C CD2 . TYR A 1 155 ? -3.580  -7.466  7.613   1.00 83.35  ? 189 TYR A CD2 1 
ATOM   1101 C CE1 . TYR A 1 155 ? -1.907  -6.070  9.308   1.00 87.12  ? 189 TYR A CE1 1 
ATOM   1102 C CE2 . TYR A 1 155 ? -2.647  -8.147  8.380   1.00 102.11 ? 189 TYR A CE2 1 
ATOM   1103 C CZ  . TYR A 1 155 ? -1.813  -7.443  9.227   1.00 107.07 ? 189 TYR A CZ  1 
ATOM   1104 O OH  . TYR A 1 155 ? -0.883  -8.110  9.993   1.00 111.15 ? 189 TYR A OH  1 
ATOM   1105 N N   . MET A 1 156 ? -2.343  -5.497  4.207   1.00 64.09  ? 190 MET A N   1 
ATOM   1106 C CA  . MET A 1 156 ? -1.785  -6.329  3.152   1.00 72.95  ? 190 MET A CA  1 
ATOM   1107 C C   . MET A 1 156 ? -0.811  -7.345  3.733   1.00 75.89  ? 190 MET A C   1 
ATOM   1108 O O   . MET A 1 156 ? -0.093  -7.063  4.696   1.00 71.38  ? 190 MET A O   1 
ATOM   1109 C CB  . MET A 1 156 ? -1.086  -5.469  2.097   1.00 64.36  ? 190 MET A CB  1 
ATOM   1110 C CG  . MET A 1 156 ? -1.981  -4.395  1.521   1.00 59.66  ? 190 MET A CG  1 
ATOM   1111 S SD  . MET A 1 156 ? -1.074  -3.154  0.599   1.00 75.87  ? 190 MET A SD  1 
ATOM   1112 C CE  . MET A 1 156 ? -2.408  -2.090  0.051   1.00 71.46  ? 190 MET A CE  1 
ATOM   1113 N N   . ASP A 1 157 ? -0.794  -8.532  3.140   1.00 73.66  ? 191 ASP A N   1 
ATOM   1114 C CA  . ASP A 1 157 ? 0.048   -9.634  3.597   1.00 84.24  ? 191 ASP A CA  1 
ATOM   1115 C C   . ASP A 1 157 ? 1.224   -9.738  2.630   1.00 78.79  ? 191 ASP A C   1 
ATOM   1116 O O   . ASP A 1 157 ? 1.121   -10.368 1.574   1.00 78.25  ? 191 ASP A O   1 
ATOM   1117 C CB  . ASP A 1 157 ? -0.761  -10.926 3.676   1.00 86.84  ? 191 ASP A CB  1 
ATOM   1118 C CG  . ASP A 1 157 ? -0.037  -12.026 4.423   1.00 98.53  ? 191 ASP A CG  1 
ATOM   1119 O OD1 . ASP A 1 157 ? 1.123   -11.813 4.837   1.00 102.11 ? 191 ASP A OD1 1 
ATOM   1120 O OD2 . ASP A 1 157 ? -0.644  -13.100 4.619   1.00 97.83  ? 191 ASP A OD2 1 
ATOM   1121 N N   . ILE A 1 158 ? 2.342   -9.117  2.995   1.00 75.94  ? 192 ILE A N   1 
ATOM   1122 C CA  . ILE A 1 158 ? 3.486   -8.952  2.107   1.00 74.44  ? 192 ILE A CA  1 
ATOM   1123 C C   . ILE A 1 158 ? 4.573   -9.939  2.506   1.00 85.35  ? 192 ILE A C   1 
ATOM   1124 O O   . ILE A 1 158 ? 4.925   -10.043 3.689   1.00 85.57  ? 192 ILE A O   1 
ATOM   1125 C CB  . ILE A 1 158 ? 4.008   -7.505  2.148   1.00 83.23  ? 192 ILE A CB  1 
ATOM   1126 C CG1 . ILE A 1 158 ? 3.072   -6.587  1.357   1.00 73.45  ? 192 ILE A CG1 1 
ATOM   1127 C CG2 . ILE A 1 158 ? 5.439   -7.424  1.631   1.00 73.50  ? 192 ILE A CG2 1 
ATOM   1128 C CD1 . ILE A 1 158 ? 3.578   -5.176  1.216   1.00 70.89  ? 192 ILE A CD1 1 
ATOM   1129 N N   . ASP A 1 159 ? 5.105   -10.665 1.518   1.00 81.71  ? 193 ASP A N   1 
ATOM   1130 C CA  . ASP A 1 159 ? 6.146   -11.673 1.740   1.00 82.49  ? 193 ASP A CA  1 
ATOM   1131 C C   . ASP A 1 159 ? 7.184   -11.531 0.630   1.00 83.60  ? 193 ASP A C   1 
ATOM   1132 O O   . ASP A 1 159 ? 7.008   -12.076 -0.464  1.00 80.37  ? 193 ASP A O   1 
ATOM   1133 C CB  . ASP A 1 159 ? 5.557   -13.079 1.766   1.00 84.03  ? 193 ASP A CB  1 
ATOM   1134 C CG  . ASP A 1 159 ? 6.610   -14.157 2.001   1.00 98.96  ? 193 ASP A CG  1 
ATOM   1135 O OD1 . ASP A 1 159 ? 7.763   -13.821 2.355   1.00 76.27  ? 193 ASP A OD1 1 
ATOM   1136 O OD2 . ASP A 1 159 ? 6.282   -15.348 1.816   1.00 107.68 ? 193 ASP A OD2 1 
ATOM   1137 N N   . THR A 1 160 ? 8.266   -10.811 0.921   1.00 65.81  ? 194 THR A N   1 
ATOM   1138 C CA  . THR A 1 160 ? 9.389   -10.630 0.012   1.00 70.12  ? 194 THR A CA  1 
ATOM   1139 C C   . THR A 1 160 ? 10.590  -11.442 0.501   1.00 86.01  ? 194 THR A C   1 
ATOM   1140 O O   . THR A 1 160 ? 10.523  -12.162 1.502   1.00 85.75  ? 194 THR A O   1 
ATOM   1141 C CB  . THR A 1 160 ? 9.751   -9.147  -0.114  1.00 62.35  ? 194 THR A CB  1 
ATOM   1142 O OG1 . THR A 1 160 ? 10.837  -8.995  -1.036  1.00 72.40  ? 194 THR A OG1 1 
ATOM   1143 C CG2 . THR A 1 160 ? 10.178  -8.582  1.232   1.00 62.09  ? 194 THR A CG2 1 
ATOM   1144 N N   . ASP A 1 161 ? 11.698  -11.323 -0.228  1.00 76.07  ? 195 ASP A N   1 
ATOM   1145 C CA  . ASP A 1 161 ? 12.976  -11.909 0.154   1.00 70.56  ? 195 ASP A CA  1 
ATOM   1146 C C   . ASP A 1 161 ? 14.037  -10.820 0.178   1.00 69.62  ? 195 ASP A C   1 
ATOM   1147 O O   . ASP A 1 161 ? 14.121  -10.004 -0.744  1.00 73.29  ? 195 ASP A O   1 
ATOM   1148 C CB  . ASP A 1 161 ? 13.410  -13.020 -0.814  1.00 79.45  ? 195 ASP A CB  1 
ATOM   1149 C CG  . ASP A 1 161 ? 12.477  -14.213 -0.804  1.00 88.14  ? 195 ASP A CG  1 
ATOM   1150 O OD1 . ASP A 1 161 ? 11.610  -14.299 0.091   1.00 84.11  ? 195 ASP A OD1 1 
ATOM   1151 O OD2 . ASP A 1 161 ? 12.620  -15.077 -1.695  1.00 89.32  ? 195 ASP A OD2 1 
ATOM   1152 N N   . VAL A 1 162 ? 14.850  -10.810 1.227   1.00 70.62  ? 196 VAL A N   1 
ATOM   1153 C CA  . VAL A 1 162 ? 15.906  -9.818  1.387   1.00 61.15  ? 196 VAL A CA  1 
ATOM   1154 C C   . VAL A 1 162 ? 17.215  -10.468 0.958   1.00 65.73  ? 196 VAL A C   1 
ATOM   1155 O O   . VAL A 1 162 ? 17.688  -11.415 1.597   1.00 68.52  ? 196 VAL A O   1 
ATOM   1156 C CB  . VAL A 1 162 ? 15.983  -9.303  2.829   1.00 53.96  ? 196 VAL A CB  1 
ATOM   1157 C CG1 . VAL A 1 162 ? 17.107  -8.292  2.965   1.00 54.71  ? 196 VAL A CG1 1 
ATOM   1158 C CG2 . VAL A 1 162 ? 14.650  -8.706  3.257   1.00 59.34  ? 196 VAL A CG2 1 
ATOM   1159 N N   . LYS A 1 163 ? 17.803  -9.970  -0.127  1.00 59.04  ? 197 LYS A N   1 
ATOM   1160 C CA  . LYS A 1 163 ? 19.082  -10.456 -0.626  1.00 49.60  ? 197 LYS A CA  1 
ATOM   1161 C C   . LYS A 1 163 ? 20.123  -9.356  -0.503  1.00 58.80  ? 197 LYS A C   1 
ATOM   1162 O O   . LYS A 1 163 ? 19.893  -8.228  -0.952  1.00 62.60  ? 197 LYS A O   1 
ATOM   1163 C CB  . LYS A 1 163 ? 18.978  -10.908 -2.084  1.00 47.60  ? 197 LYS A CB  1 
ATOM   1164 C CG  . LYS A 1 163 ? 18.149  -12.158 -2.305  1.00 61.34  ? 197 LYS A CG  1 
ATOM   1165 C CD  . LYS A 1 163 ? 18.387  -12.728 -3.694  1.00 59.58  ? 197 LYS A CD  1 
ATOM   1166 C CE  . LYS A 1 163 ? 17.731  -14.089 -3.843  1.00 83.85  ? 197 LYS A CE  1 
ATOM   1167 N NZ  . LYS A 1 163 ? 18.085  -14.763 -5.123  1.00 101.70 ? 197 LYS A NZ  1 
ATOM   1168 N N   . PHE A 1 164 ? 21.263  -9.685  0.097   1.00 67.01  ? 198 PHE A N   1 
ATOM   1169 C CA  . PHE A 1 164 ? 22.361  -8.737  0.224   1.00 67.85  ? 198 PHE A CA  1 
ATOM   1170 C C   . PHE A 1 164 ? 23.656  -9.526  0.366   1.00 59.39  ? 198 PHE A C   1 
ATOM   1171 O O   . PHE A 1 164 ? 23.646  -10.750 0.501   1.00 55.09  ? 198 PHE A O   1 
ATOM   1172 C CB  . PHE A 1 164 ? 22.150  -7.766  1.399   1.00 58.95  ? 198 PHE A CB  1 
ATOM   1173 C CG  . PHE A 1 164 ? 21.842  -8.438  2.715   1.00 54.05  ? 198 PHE A CG  1 
ATOM   1174 C CD1 . PHE A 1 164 ? 20.592  -8.987  2.960   1.00 50.48  ? 198 PHE A CD1 1 
ATOM   1175 C CD2 . PHE A 1 164 ? 22.802  -8.508  3.711   1.00 57.06  ? 198 PHE A CD2 1 
ATOM   1176 C CE1 . PHE A 1 164 ? 20.311  -9.603  4.167   1.00 55.71  ? 198 PHE A CE1 1 
ATOM   1177 C CE2 . PHE A 1 164 ? 22.524  -9.120  4.924   1.00 55.60  ? 198 PHE A CE2 1 
ATOM   1178 C CZ  . PHE A 1 164 ? 21.276  -9.668  5.150   1.00 46.82  ? 198 PHE A CZ  1 
ATOM   1179 N N   . LYS A 1 165 ? 24.775  -8.807  0.320   1.00 58.13  ? 199 LYS A N   1 
ATOM   1180 C CA  . LYS A 1 165 ? 26.105  -9.405  0.387   1.00 72.99  ? 199 LYS A CA  1 
ATOM   1181 C C   . LYS A 1 165 ? 26.781  -8.946  1.675   1.00 75.54  ? 199 LYS A C   1 
ATOM   1182 O O   . LYS A 1 165 ? 27.103  -7.763  1.827   1.00 76.73  ? 199 LYS A O   1 
ATOM   1183 C CB  . LYS A 1 165 ? 26.937  -9.027  -0.837  1.00 74.87  ? 199 LYS A CB  1 
ATOM   1184 C CG  . LYS A 1 165 ? 26.821  -10.001 -2.009  1.00 76.17  ? 199 LYS A CG  1 
ATOM   1185 C CD  . LYS A 1 165 ? 27.664  -9.546  -3.196  1.00 77.31  ? 199 LYS A CD  1 
ATOM   1186 C CE  . LYS A 1 165 ? 27.718  -10.601 -4.295  1.00 74.44  ? 199 LYS A CE  1 
ATOM   1187 N NZ  . LYS A 1 165 ? 28.595  -10.193 -5.431  1.00 62.93  ? 199 LYS A NZ  1 
ATOM   1188 N N   . ALA A 1 166 ? 26.994  -9.882  2.599   1.00 76.52  ? 200 ALA A N   1 
ATOM   1189 C CA  . ALA A 1 166 ? 27.677  -9.601  3.860   1.00 73.10  ? 200 ALA A CA  1 
ATOM   1190 C C   . ALA A 1 166 ? 29.160  -9.878  3.658   1.00 78.36  ? 200 ALA A C   1 
ATOM   1191 O O   . ALA A 1 166 ? 29.583  -11.035 3.601   1.00 75.93  ? 200 ALA A O   1 
ATOM   1192 C CB  . ALA A 1 166 ? 27.102  -10.445 4.990   1.00 64.81  ? 200 ALA A CB  1 
ATOM   1193 N N   . GLY A 1 167 ? 29.953  -8.817  3.548   1.00 79.84  ? 201 GLY A N   1 
ATOM   1194 C CA  . GLY A 1 167 ? 31.377  -8.978  3.277   1.00 77.93  ? 201 GLY A CA  1 
ATOM   1195 C C   . GLY A 1 167 ? 31.675  -9.805  2.045   1.00 75.19  ? 201 GLY A C   1 
ATOM   1196 O O   . GLY A 1 167 ? 32.553  -10.674 2.081   1.00 81.21  ? 201 GLY A O   1 
ATOM   1197 N N   . GLY A 1 168 ? 30.954  -9.561  0.951   1.00 87.06  ? 202 GLY A N   1 
ATOM   1198 C CA  . GLY A 1 168 ? 31.117  -10.336 -0.257  1.00 80.79  ? 202 GLY A CA  1 
ATOM   1199 C C   . GLY A 1 168 ? 30.363  -11.647 -0.293  1.00 85.38  ? 202 GLY A C   1 
ATOM   1200 O O   . GLY A 1 168 ? 30.338  -12.296 -1.346  1.00 92.02  ? 202 GLY A O   1 
ATOM   1201 N N   . VAL A 1 169 ? 29.739  -12.058 0.809   1.00 77.18  ? 203 VAL A N   1 
ATOM   1202 C CA  . VAL A 1 169 ? 29.051  -13.342 0.902   1.00 76.80  ? 203 VAL A CA  1 
ATOM   1203 C C   . VAL A 1 169 ? 27.555  -13.119 0.737   1.00 74.68  ? 203 VAL A C   1 
ATOM   1204 O O   . VAL A 1 169 ? 26.963  -12.283 1.429   1.00 80.22  ? 203 VAL A O   1 
ATOM   1205 C CB  . VAL A 1 169 ? 29.360  -14.037 2.238   1.00 66.45  ? 203 VAL A CB  1 
ATOM   1206 C CG1 . VAL A 1 169 ? 28.920  -15.493 2.204   1.00 56.65  ? 203 VAL A CG1 1 
ATOM   1207 C CG2 . VAL A 1 169 ? 30.839  -13.926 2.539   1.00 69.75  ? 203 VAL A CG2 1 
ATOM   1208 N N   . ASP A 1 170 ? 26.943  -13.880 -0.167  1.00 71.00  ? 204 ASP A N   1 
ATOM   1209 C CA  . ASP A 1 170 ? 25.517  -13.746 -0.431  1.00 67.86  ? 204 ASP A CA  1 
ATOM   1210 C C   . ASP A 1 170 ? 24.690  -14.063 0.808   1.00 65.68  ? 204 ASP A C   1 
ATOM   1211 O O   . ASP A 1 170 ? 24.861  -15.112 1.437   1.00 64.35  ? 204 ASP A O   1 
ATOM   1212 C CB  . ASP A 1 170 ? 25.108  -14.667 -1.583  1.00 76.27  ? 204 ASP A CB  1 
ATOM   1213 C CG  . ASP A 1 170 ? 25.627  -14.195 -2.926  1.00 75.26  ? 204 ASP A CG  1 
ATOM   1214 O OD1 . ASP A 1 170 ? 26.244  -13.111 -2.986  1.00 74.11  ? 204 ASP A OD1 1 
ATOM   1215 O OD2 . ASP A 1 170 ? 25.421  -14.914 -3.924  1.00 85.30  ? 204 ASP A OD2 1 
ATOM   1216 N N   . GLN A 1 171 ? 23.786  -13.149 1.152   1.00 70.35  ? 205 GLN A N   1 
ATOM   1217 C CA  . GLN A 1 171 ? 22.803  -13.360 2.201   1.00 65.04  ? 205 GLN A CA  1 
ATOM   1218 C C   . GLN A 1 171 ? 21.420  -13.439 1.571   1.00 62.23  ? 205 GLN A C   1 
ATOM   1219 O O   . GLN A 1 171 ? 21.159  -12.817 0.537   1.00 64.10  ? 205 GLN A O   1 
ATOM   1220 C CB  . GLN A 1 171 ? 22.828  -12.227 3.227   1.00 68.59  ? 205 GLN A CB  1 
ATOM   1221 C CG  . GLN A 1 171 ? 24.174  -11.989 3.890   1.00 75.57  ? 205 GLN A CG  1 
ATOM   1222 C CD  . GLN A 1 171 ? 24.747  -13.220 4.558   1.00 76.68  ? 205 GLN A CD  1 
ATOM   1223 O OE1 . GLN A 1 171 ? 25.787  -13.732 4.146   1.00 88.45  ? 205 GLN A OE1 1 
ATOM   1224 N NE2 . GLN A 1 171 ? 24.069  -13.708 5.587   1.00 62.69  ? 205 GLN A NE2 1 
ATOM   1225 N N   . LYS A 1 172 ? 20.526  -14.198 2.203   1.00 59.01  ? 206 LYS A N   1 
ATOM   1226 C CA  . LYS A 1 172 ? 19.194  -14.406 1.640   1.00 56.56  ? 206 LYS A CA  1 
ATOM   1227 C C   . LYS A 1 172 ? 18.238  -14.753 2.774   1.00 62.89  ? 206 LYS A C   1 
ATOM   1228 O O   . LYS A 1 172 ? 18.288  -15.869 3.301   1.00 67.55  ? 206 LYS A O   1 
ATOM   1229 C CB  . LYS A 1 172 ? 19.225  -15.503 0.584   1.00 72.17  ? 206 LYS A CB  1 
ATOM   1230 C CG  . LYS A 1 172 ? 17.886  -15.809 -0.076  1.00 74.48  ? 206 LYS A CG  1 
ATOM   1231 C CD  . LYS A 1 172 ? 18.079  -16.784 -1.232  1.00 95.35  ? 206 LYS A CD  1 
ATOM   1232 C CE  . LYS A 1 172 ? 16.812  -16.999 -2.046  1.00 81.51  ? 206 LYS A CE  1 
ATOM   1233 N NZ  . LYS A 1 172 ? 17.135  -17.486 -3.426  1.00 74.90  ? 206 LYS A NZ  1 
ATOM   1234 N N   . VAL A 1 173 ? 17.370  -13.809 3.135   1.00 76.54  ? 207 VAL A N   1 
ATOM   1235 C CA  . VAL A 1 173 ? 16.437  -13.965 4.246   1.00 73.15  ? 207 VAL A CA  1 
ATOM   1236 C C   . VAL A 1 173 ? 15.042  -13.571 3.779   1.00 70.23  ? 207 VAL A C   1 
ATOM   1237 O O   . VAL A 1 173 ? 14.867  -12.511 3.168   1.00 84.26  ? 207 VAL A O   1 
ATOM   1238 C CB  . VAL A 1 173 ? 16.852  -13.109 5.459   1.00 69.40  ? 207 VAL A CB  1 
ATOM   1239 C CG1 . VAL A 1 173 ? 15.856  -13.277 6.594   1.00 80.09  ? 207 VAL A CG1 1 
ATOM   1240 C CG2 . VAL A 1 173 ? 18.259  -13.451 5.906   1.00 68.74  ? 207 VAL A CG2 1 
ATOM   1241 N N   . SER A 1 174 ? 14.053  -14.413 4.077   1.00 72.38  ? 208 SER A N   1 
ATOM   1242 C CA  . SER A 1 174 ? 12.653  -14.107 3.800   1.00 71.75  ? 208 SER A CA  1 
ATOM   1243 C C   . SER A 1 174 ? 12.020  -13.441 5.016   1.00 83.28  ? 208 SER A C   1 
ATOM   1244 O O   . SER A 1 174 ? 12.181  -13.916 6.145   1.00 95.08  ? 208 SER A O   1 
ATOM   1245 C CB  . SER A 1 174 ? 11.870  -15.371 3.439   1.00 64.09  ? 208 SER A CB  1 
ATOM   1246 O OG  . SER A 1 174 ? 12.329  -15.942 2.228   1.00 87.18  ? 208 SER A OG  1 
ATOM   1247 N N   . THR A 1 175 ? 11.296  -12.349 4.783   1.00 92.04  ? 209 THR A N   1 
ATOM   1248 C CA  . THR A 1 175 ? 10.575  -11.652 5.838   1.00 80.00  ? 209 THR A CA  1 
ATOM   1249 C C   . THR A 1 175 ? 9.083   -11.661 5.543   1.00 86.33  ? 209 THR A C   1 
ATOM   1250 O O   . THR A 1 175 ? 8.649   -11.888 4.411   1.00 92.29  ? 209 THR A O   1 
ATOM   1251 C CB  . THR A 1 175 ? 11.024  -10.194 5.980   1.00 79.45  ? 209 THR A CB  1 
ATOM   1252 O OG1 . THR A 1 175 ? 11.034  -9.575  4.689   1.00 78.00  ? 209 THR A OG1 1 
ATOM   1253 C CG2 . THR A 1 175 ? 12.419  -10.109 6.592   1.00 100.03 ? 209 THR A CG2 1 
ATOM   1254 N N   . ARG A 1 176 ? 8.306   -11.395 6.584   1.00 85.03  ? 210 ARG A N   1 
ATOM   1255 C CA  . ARG A 1 176 ? 6.899   -11.053 6.463   1.00 84.01  ? 210 ARG A CA  1 
ATOM   1256 C C   . ARG A 1 176 ? 6.739   -9.614  6.937   1.00 95.67  ? 210 ARG A C   1 
ATOM   1257 O O   . ARG A 1 176 ? 7.345   -9.215  7.935   1.00 93.22  ? 210 ARG A O   1 
ATOM   1258 C CB  . ARG A 1 176 ? 6.025   -11.997 7.291   1.00 85.20  ? 210 ARG A CB  1 
ATOM   1259 C CG  . ARG A 1 176 ? 4.541   -11.918 6.984   1.00 100.19 ? 210 ARG A CG  1 
ATOM   1260 C CD  . ARG A 1 176 ? 4.170   -12.804 5.802   1.00 98.55  ? 210 ARG A CD  1 
ATOM   1261 N NE  . ARG A 1 176 ? 4.411   -14.215 6.090   1.00 108.92 ? 210 ARG A NE  1 
ATOM   1262 C CZ  . ARG A 1 176 ? 3.451   -15.108 6.317   1.00 114.80 ? 210 ARG A CZ  1 
ATOM   1263 N NH1 . ARG A 1 176 ? 2.177   -14.739 6.287   1.00 107.65 ? 210 ARG A NH1 1 
ATOM   1264 N NH2 . ARG A 1 176 ? 3.764   -16.371 6.572   1.00 127.55 ? 210 ARG A NH2 1 
ATOM   1265 N N   . LEU A 1 177 ? 5.945   -8.827  6.217   1.00 100.26 ? 211 LEU A N   1 
ATOM   1266 C CA  . LEU A 1 177 ? 5.935   -7.392  6.484   1.00 90.27  ? 211 LEU A CA  1 
ATOM   1267 C C   . LEU A 1 177 ? 4.595   -6.857  6.968   1.00 89.10  ? 211 LEU A C   1 
ATOM   1268 O O   . LEU A 1 177 ? 4.576   -5.978  7.833   1.00 92.24  ? 211 LEU A O   1 
ATOM   1269 C CB  . LEU A 1 177 ? 6.392   -6.626  5.234   1.00 84.22  ? 211 LEU A CB  1 
ATOM   1270 C CG  . LEU A 1 177 ? 7.908   -6.727  5.010   1.00 68.87  ? 211 LEU A CG  1 
ATOM   1271 C CD1 . LEU A 1 177 ? 8.403   -5.762  3.934   1.00 50.95  ? 211 LEU A CD1 1 
ATOM   1272 C CD2 . LEU A 1 177 ? 8.651   -6.492  6.321   1.00 70.66  ? 211 LEU A CD2 1 
ATOM   1273 N N   . ASP A 1 178 ? 3.477   -7.358  6.439   1.00 76.59  ? 212 ASP A N   1 
ATOM   1274 C CA  . ASP A 1 178 ? 2.119   -7.063  6.899   1.00 89.93  ? 212 ASP A CA  1 
ATOM   1275 C C   . ASP A 1 178 ? 1.897   -5.582  7.245   1.00 87.63  ? 212 ASP A C   1 
ATOM   1276 O O   . ASP A 1 178 ? 1.573   -5.259  8.392   1.00 82.04  ? 212 ASP A O   1 
ATOM   1277 C CB  . ASP A 1 178 ? 1.748   -7.952  8.082   1.00 86.53  ? 212 ASP A CB  1 
ATOM   1278 C CG  . ASP A 1 178 ? 1.564   -9.405  7.687   1.00 102.85 ? 212 ASP A CG  1 
ATOM   1279 O OD1 . ASP A 1 178 ? 1.175   -9.652  6.542   1.00 109.13 ? 212 ASP A OD1 1 
ATOM   1280 O OD2 . ASP A 1 178 ? 1.803   -10.295 8.523   1.00 115.89 ? 212 ASP A OD2 1 
ATOM   1281 N N   . PRO A 1 179 ? 2.034   -4.673  6.280   1.00 78.21  ? 213 PRO A N   1 
ATOM   1282 C CA  . PRO A 1 179 ? 1.896   -3.248  6.585   1.00 64.74  ? 213 PRO A CA  1 
ATOM   1283 C C   . PRO A 1 179 ? 0.444   -2.788  6.600   1.00 64.45  ? 213 PRO A C   1 
ATOM   1284 O O   . PRO A 1 179 ? -0.447  -3.400  6.005   1.00 66.62  ? 213 PRO A O   1 
ATOM   1285 C CB  . PRO A 1 179 ? 2.664   -2.585  5.437   1.00 72.67  ? 213 PRO A CB  1 
ATOM   1286 C CG  . PRO A 1 179 ? 2.375   -3.474  4.281   1.00 72.23  ? 213 PRO A CG  1 
ATOM   1287 C CD  . PRO A 1 179 ? 2.267   -4.890  4.838   1.00 80.34  ? 213 PRO A CD  1 
ATOM   1288 N N   . TRP A 1 180 ? 0.225   -1.684  7.308   1.00 69.16  ? 214 TRP A N   1 
ATOM   1289 C CA  . TRP A 1 180 ? -1.053  -0.990  7.316   1.00 67.08  ? 214 TRP A CA  1 
ATOM   1290 C C   . TRP A 1 180 ? -0.985  0.204   6.374   1.00 68.97  ? 214 TRP A C   1 
ATOM   1291 O O   . TRP A 1 180 ? 0.025   0.914   6.325   1.00 65.14  ? 214 TRP A O   1 
ATOM   1292 C CB  . TRP A 1 180 ? -1.424  -0.513  8.724   1.00 64.02  ? 214 TRP A CB  1 
ATOM   1293 C CG  . TRP A 1 180 ? -1.803  -1.605  9.689   1.00 65.80  ? 214 TRP A CG  1 
ATOM   1294 C CD1 . TRP A 1 180 ? -0.988  -2.211  10.602  1.00 71.97  ? 214 TRP A CD1 1 
ATOM   1295 C CD2 . TRP A 1 180 ? -3.098  -2.202  9.851   1.00 78.77  ? 214 TRP A CD2 1 
ATOM   1296 N NE1 . TRP A 1 180 ? -1.693  -3.152  11.315  1.00 73.34  ? 214 TRP A NE1 1 
ATOM   1297 C CE2 . TRP A 1 180 ? -2.989  -3.165  10.875  1.00 77.50  ? 214 TRP A CE2 1 
ATOM   1298 C CE3 . TRP A 1 180 ? -4.337  -2.018  9.227   1.00 84.80  ? 214 TRP A CE3 1 
ATOM   1299 C CZ2 . TRP A 1 180 ? -4.073  -3.942  11.288  1.00 77.64  ? 214 TRP A CZ2 1 
ATOM   1300 C CZ3 . TRP A 1 180 ? -5.412  -2.794  9.637   1.00 76.36  ? 214 TRP A CZ3 1 
ATOM   1301 C CH2 . TRP A 1 180 ? -5.271  -3.744  10.657  1.00 73.05  ? 214 TRP A CH2 1 
ATOM   1302 N N   . VAL A 1 181 ? -2.060  0.417   5.623   1.00 68.75  ? 215 VAL A N   1 
ATOM   1303 C CA  . VAL A 1 181 ? -2.181  1.561   4.728   1.00 65.86  ? 215 VAL A CA  1 
ATOM   1304 C C   . VAL A 1 181 ? -3.398  2.365   5.157   1.00 66.89  ? 215 VAL A C   1 
ATOM   1305 O O   . VAL A 1 181 ? -4.512  1.829   5.222   1.00 57.31  ? 215 VAL A O   1 
ATOM   1306 C CB  . VAL A 1 181 ? -2.296  1.136   3.256   1.00 60.26  ? 215 VAL A CB  1 
ATOM   1307 C CG1 . VAL A 1 181 ? -2.168  2.346   2.361   1.00 66.32  ? 215 VAL A CG1 1 
ATOM   1308 C CG2 . VAL A 1 181 ? -1.229  0.110   2.911   1.00 54.37  ? 215 VAL A CG2 1 
ATOM   1309 N N   . PHE A 1 182 ? -3.184  3.648   5.451   1.00 69.88  ? 216 PHE A N   1 
ATOM   1310 C CA  . PHE A 1 182 ? -4.248  4.570   5.834   1.00 69.33  ? 216 PHE A CA  1 
ATOM   1311 C C   . PHE A 1 182 ? -4.391  5.637   4.757   1.00 61.47  ? 216 PHE A C   1 
ATOM   1312 O O   . PHE A 1 182 ? -3.460  6.416   4.522   1.00 64.48  ? 216 PHE A O   1 
ATOM   1313 C CB  . PHE A 1 182 ? -3.952  5.219   7.189   1.00 68.94  ? 216 PHE A CB  1 
ATOM   1314 C CG  . PHE A 1 182 ? -3.547  4.244   8.261   1.00 69.78  ? 216 PHE A CG  1 
ATOM   1315 C CD1 . PHE A 1 182 ? -4.497  3.469   8.910   1.00 68.93  ? 216 PHE A CD1 1 
ATOM   1316 C CD2 . PHE A 1 182 ? -2.217  4.101   8.622   1.00 76.34  ? 216 PHE A CD2 1 
ATOM   1317 C CE1 . PHE A 1 182 ? -4.129  2.577   9.901   1.00 61.10  ? 216 PHE A CE1 1 
ATOM   1318 C CE2 . PHE A 1 182 ? -1.842  3.205   9.610   1.00 68.18  ? 216 PHE A CE2 1 
ATOM   1319 C CZ  . PHE A 1 182 ? -2.799  2.445   10.249  1.00 70.55  ? 216 PHE A CZ  1 
ATOM   1320 N N   . MET A 1 183 ? -5.553  5.684   4.111   1.00 49.29  ? 217 MET A N   1 
ATOM   1321 C CA  . MET A 1 183 ? -5.818  6.651   3.053   1.00 58.78  ? 217 MET A CA  1 
ATOM   1322 C C   . MET A 1 183 ? -6.895  7.631   3.510   1.00 72.02  ? 217 MET A C   1 
ATOM   1323 O O   . MET A 1 183 ? -7.992  7.217   3.903   1.00 76.21  ? 217 MET A O   1 
ATOM   1324 C CB  . MET A 1 183 ? -6.242  5.953   1.758   1.00 59.77  ? 217 MET A CB  1 
ATOM   1325 C CG  . MET A 1 183 ? -6.089  6.830   0.518   1.00 63.00  ? 217 MET A CG  1 
ATOM   1326 S SD  . MET A 1 183 ? -6.737  6.120   -1.009  1.00 64.93  ? 217 MET A SD  1 
ATOM   1327 C CE  . MET A 1 183 ? -8.367  5.602   -0.477  1.00 64.14  ? 217 MET A CE  1 
ATOM   1328 N N   . PHE A 1 184 ? -6.576  8.927   3.460   1.00 74.42  ? 218 PHE A N   1 
ATOM   1329 C CA  . PHE A 1 184 ? -7.545  10.008  3.637   1.00 72.10  ? 218 PHE A CA  1 
ATOM   1330 C C   . PHE A 1 184 ? -7.660  10.720  2.294   1.00 61.53  ? 218 PHE A C   1 
ATOM   1331 O O   . PHE A 1 184 ? -6.725  11.408  1.871   1.00 66.63  ? 218 PHE A O   1 
ATOM   1332 C CB  . PHE A 1 184 ? -7.119  10.974  4.741   1.00 61.67  ? 218 PHE A CB  1 
ATOM   1333 C CG  . PHE A 1 184 ? -6.630  10.295  5.989   1.00 70.52  ? 218 PHE A CG  1 
ATOM   1334 C CD1 . PHE A 1 184 ? -7.520  9.671   6.850   1.00 78.84  ? 218 PHE A CD1 1 
ATOM   1335 C CD2 . PHE A 1 184 ? -5.280  10.277  6.300   1.00 86.67  ? 218 PHE A CD2 1 
ATOM   1336 C CE1 . PHE A 1 184 ? -7.070  9.040   7.997   1.00 85.08  ? 218 PHE A CE1 1 
ATOM   1337 C CE2 . PHE A 1 184 ? -4.822  9.647   7.445   1.00 85.54  ? 218 PHE A CE2 1 
ATOM   1338 C CZ  . PHE A 1 184 ? -5.717  9.029   8.295   1.00 83.36  ? 218 PHE A CZ  1 
ATOM   1339 N N   . SER A 1 185 ? -8.794  10.547  1.617   1.00 55.23  ? 219 SER A N   1 
ATOM   1340 C CA  . SER A 1 185 ? -8.895  10.998  0.235   1.00 64.61  ? 219 SER A CA  1 
ATOM   1341 C C   . SER A 1 185 ? -10.141 11.837  -0.023  1.00 74.71  ? 219 SER A C   1 
ATOM   1342 O O   . SER A 1 185 ? -10.846 12.232  0.912   1.00 67.26  ? 219 SER A O   1 
ATOM   1343 C CB  . SER A 1 185 ? -8.885  9.795   -0.712  1.00 70.39  ? 219 SER A CB  1 
ATOM   1344 O OG  . SER A 1 185 ? -10.141 9.131   -0.709  1.00 72.44  ? 219 SER A OG  1 
ATOM   1345 N N   . ALA A 1 186 ? -10.406 12.110  -1.300  1.00 72.66  ? 220 ALA A N   1 
ATOM   1346 C CA  . ALA A 1 186 ? -11.584 12.854  -1.732  1.00 69.38  ? 220 ALA A CA  1 
ATOM   1347 C C   . ALA A 1 186 ? -11.880 12.439  -3.163  1.00 66.40  ? 220 ALA A C   1 
ATOM   1348 O O   . ALA A 1 186 ? -11.061 12.674  -4.055  1.00 71.21  ? 220 ALA A O   1 
ATOM   1349 C CB  . ALA A 1 186 ? -11.360 14.363  -1.643  1.00 68.66  ? 220 ALA A CB  1 
ATOM   1350 N N   . GLY A 1 187 ? -13.028 11.817  -3.380  1.00 64.93  ? 221 GLY A N   1 
ATOM   1351 C CA  . GLY A 1 187 ? -13.321 11.253  -4.677  1.00 66.41  ? 221 GLY A CA  1 
ATOM   1352 C C   . GLY A 1 187 ? -14.184 12.146  -5.539  1.00 77.52  ? 221 GLY A C   1 
ATOM   1353 O O   . GLY A 1 187 ? -14.759 13.125  -5.067  1.00 79.89  ? 221 GLY A O   1 
ATOM   1354 N N   . TYR A 1 188 ? -14.259 11.788  -6.821  1.00 73.46  ? 222 TYR A N   1 
ATOM   1355 C CA  . TYR A 1 188 ? -15.070 12.510  -7.789  1.00 75.85  ? 222 TYR A CA  1 
ATOM   1356 C C   . TYR A 1 188 ? -15.704 11.528  -8.761  1.00 80.71  ? 222 TYR A C   1 
ATOM   1357 O O   . TYR A 1 188 ? -15.068 10.554  -9.170  1.00 70.23  ? 222 TYR A O   1 
ATOM   1358 C CB  . TYR A 1 188 ? -14.250 13.545  -8.571  1.00 84.28  ? 222 TYR A CB  1 
ATOM   1359 C CG  . TYR A 1 188 ? -15.115 14.466  -9.401  1.00 94.59  ? 222 TYR A CG  1 
ATOM   1360 C CD1 . TYR A 1 188 ? -15.756 15.557  -8.826  1.00 85.48  ? 222 TYR A CD1 1 
ATOM   1361 C CD2 . TYR A 1 188 ? -15.315 14.228  -10.757 1.00 91.38  ? 222 TYR A CD2 1 
ATOM   1362 C CE1 . TYR A 1 188 ? -16.559 16.392  -9.579  1.00 70.63  ? 222 TYR A CE1 1 
ATOM   1363 C CE2 . TYR A 1 188 ? -16.118 15.060  -11.518 1.00 79.03  ? 222 TYR A CE2 1 
ATOM   1364 C CZ  . TYR A 1 188 ? -16.735 16.138  -10.923 1.00 82.14  ? 222 TYR A CZ  1 
ATOM   1365 O OH  . TYR A 1 188 ? -17.530 16.966  -11.681 1.00 106.98 ? 222 TYR A OH  1 
ATOM   1366 N N   . ARG A 1 189 ? -16.950 11.808  -9.148  1.00 92.37  ? 223 ARG A N   1 
ATOM   1367 C CA  . ARG A 1 189 ? -17.681 10.938  -10.065 1.00 93.39  ? 223 ARG A CA  1 
ATOM   1368 C C   . ARG A 1 189 ? -17.224 11.168  -11.498 1.00 94.20  ? 223 ARG A C   1 
ATOM   1369 O O   . ARG A 1 189 ? -17.376 12.269  -12.036 1.00 104.42 ? 223 ARG A O   1 
ATOM   1370 C CB  . ARG A 1 189 ? -19.184 11.168  -9.961  1.00 93.58  ? 223 ARG A CB  1 
ATOM   1371 C CG  . ARG A 1 189 ? -19.988 10.202  -10.815 1.00 111.55 ? 223 ARG A CG  1 
ATOM   1372 C CD  . ARG A 1 189 ? -21.483 10.446  -10.698 1.00 106.73 ? 223 ARG A CD  1 
ATOM   1373 N NE  . ARG A 1 189 ? -22.243 9.576   -11.584 1.00 112.88 ? 223 ARG A NE  1 
ATOM   1374 C CZ  . ARG A 1 189 ? -23.561 9.632   -11.757 1.00 132.79 ? 223 ARG A CZ  1 
ATOM   1375 N NH1 . ARG A 1 189 ? -24.153 8.787   -12.593 1.00 134.56 ? 223 ARG A NH1 1 
ATOM   1376 N NH2 . ARG A 1 189 ? -24.291 10.528  -11.109 1.00 134.07 ? 223 ARG A NH2 1 
ATOM   1377 N N   . PHE A 1 190 ? -16.709 10.118  -12.128 1.00 94.17  ? 224 PHE A N   1 
ATOM   1378 C CA  . PHE A 1 190 ? -16.305 10.174  -13.527 1.00 93.58  ? 224 PHE A CA  1 
ATOM   1379 C C   . PHE A 1 190 ? -17.279 9.371   -14.376 1.00 96.56  ? 224 PHE A C   1 
ATOM   1380 O O   . PHE A 1 190 ? -16.903 8.765   -15.377 1.00 95.68  ? 224 PHE A O   1 
ATOM   1381 C CB  . PHE A 1 190 ? -14.878 9.647   -13.703 1.00 93.47  ? 224 PHE A CB  1 
ATOM   1382 C CG  . PHE A 1 190 ? -13.815 10.691  -13.494 1.00 98.64  ? 224 PHE A CG  1 
ATOM   1383 C CD1 . PHE A 1 190 ? -13.021 11.115  -14.550 1.00 95.08  ? 224 PHE A CD1 1 
ATOM   1384 C CD2 . PHE A 1 190 ? -13.618 11.257  -12.246 1.00 97.40  ? 224 PHE A CD2 1 
ATOM   1385 C CE1 . PHE A 1 190 ? -12.046 12.078  -14.358 1.00 87.48  ? 224 PHE A CE1 1 
ATOM   1386 C CE2 . PHE A 1 190 ? -12.646 12.219  -12.049 1.00 101.23 ? 224 PHE A CE2 1 
ATOM   1387 C CZ  . PHE A 1 190 ? -11.861 12.631  -13.105 1.00 86.02  ? 224 PHE A CZ  1 
ATOM   1388 O OXT . PHE A 1 190 ? -18.467 9.307   -14.062 1.00 90.16  ? 224 PHE A OXT 1 
HETATM 1389 S S   . SO4 B 2 .   ? 24.246  -1.168  -2.710  1.00 93.52  ? 301 SO4 A S   1 
HETATM 1390 O O1  . SO4 B 2 .   ? 25.234  -2.243  -2.784  1.00 78.89  ? 301 SO4 A O1  1 
HETATM 1391 O O2  . SO4 B 2 .   ? 24.593  -0.116  -3.660  1.00 90.86  ? 301 SO4 A O2  1 
HETATM 1392 O O3  . SO4 B 2 .   ? 24.223  -0.605  -1.364  1.00 89.74  ? 301 SO4 A O3  1 
HETATM 1393 O O4  . SO4 B 2 .   ? 22.922  -1.694  -3.032  1.00 89.34  ? 301 SO4 A O4  1 
HETATM 1394 S S   . SO4 C 2 .   ? 7.320   10.368  5.716   1.00 128.15 ? 302 SO4 A S   1 
HETATM 1395 O O1  . SO4 C 2 .   ? 8.418   9.407   5.737   1.00 101.23 ? 302 SO4 A O1  1 
HETATM 1396 O O2  . SO4 C 2 .   ? 6.973   10.689  4.333   1.00 96.46  ? 302 SO4 A O2  1 
HETATM 1397 O O3  . SO4 C 2 .   ? 6.161   9.793   6.394   1.00 102.15 ? 302 SO4 A O3  1 
HETATM 1398 O O4  . SO4 C 2 .   ? 7.731   11.585  6.410   1.00 147.85 ? 302 SO4 A O4  1 
# 
